data_1NSI
#
_entry.id   1NSI
#
_cell.length_a   187.350
_cell.length_b   187.350
_cell.length_c   227.490
_cell.angle_alpha   90.00
_cell.angle_beta   90.00
_cell.angle_gamma   90.00
#
_symmetry.space_group_name_H-M   'P 43 21 2'
#
loop_
_entity.id
_entity.type
_entity.pdbx_description
1 polymer 'PROTEIN (NITRIC OXIDE SYNTHASE)'
2 non-polymer 'SULFATE ION'
3 non-polymer 'ZINC ION'
4 non-polymer 'PROTOPORPHYRIN IX CONTAINING FE'
5 non-polymer 5,6,7,8-TETRAHYDROBIOPTERIN
6 non-polymer ARGININE
7 non-polymer GLYCEROL
8 water water
#
_entity_poly.entity_id   1
_entity_poly.type   'polypeptide(L)'
_entity_poly.pdbx_seq_one_letter_code
;LDATPLSSPRHVRIKNWGSGMTFQDTLHHKAKGILTCRSKSCLGSIMTPKSLTRGPRDKPTPPDELLPQAIEFVNQYYGS
FKEAKIEEHLARVEAVTKEIETTGTYQLTGDELIFATKQAWRNAPRCIGRIQWSNLQVFDARSCSTAREMFEHICRHVRY
STNNGNIRSAITVFPQRSDGKHDFRVWNAQLIRYAGYQMPDGSIRGDPANVEFTQLCIDLGWKPKYGRFDVVPLVLQANG
RDPELFEIPPDLVLEVAMEHPKYEWFRELELKWYALPAVANMLLEVGGLEFPGCPFNGWYMGTEIGVRDFCDVQRYNILE
EVGRRMGLETHKLASLWKDQAVVEINIAVLHSFQKQNVTIMDHHSAAESFMKYMQNEYRSRGGCPADWIWLVPPMSGSIT
PVFHQEMLNYVLSPFYYYQVEAWKTHVWQDE
;
_entity_poly.pdbx_strand_id   A,B,C,D
#
loop_
_chem_comp.id
_chem_comp.type
_chem_comp.name
_chem_comp.formula
GOL non-polymer GLYCEROL 'C3 H8 O3'
H4B non-polymer 5,6,7,8-TETRAHYDROBIOPTERIN 'C9 H15 N5 O3'
HEM non-polymer 'PROTOPORPHYRIN IX CONTAINING FE' 'C34 H32 Fe N4 O4'
SO4 non-polymer 'SULFATE ION' 'O4 S -2'
ZN non-polymer 'ZINC ION' 'Zn 2'
#
# COMPACT_ATOMS: atom_id res chain seq x y z
N ARG A 10 18.46 -20.60 -17.10
CA ARG A 10 18.86 -19.36 -16.38
C ARG A 10 20.36 -19.26 -16.39
N HIS A 11 20.87 -18.15 -16.91
CA HIS A 11 22.30 -17.96 -17.01
C HIS A 11 22.80 -16.89 -16.05
N VAL A 12 23.27 -17.32 -14.90
CA VAL A 12 23.81 -16.38 -13.92
C VAL A 12 25.26 -16.13 -14.38
N ARG A 13 25.52 -14.90 -14.78
CA ARG A 13 26.83 -14.49 -15.27
C ARG A 13 27.84 -14.28 -14.15
N ILE A 14 28.96 -14.99 -14.28
CA ILE A 14 30.08 -14.97 -13.35
C ILE A 14 31.25 -14.27 -14.07
N LYS A 15 31.97 -13.38 -13.39
CA LYS A 15 33.08 -12.70 -14.05
C LYS A 15 34.37 -12.63 -13.21
N ASN A 16 35.51 -12.71 -13.88
CA ASN A 16 36.82 -12.62 -13.25
C ASN A 16 37.39 -11.23 -13.58
N TRP A 17 37.32 -10.32 -12.61
CA TRP A 17 37.78 -8.94 -12.78
C TRP A 17 39.26 -8.75 -13.03
N GLY A 18 40.04 -9.82 -12.88
CA GLY A 18 41.46 -9.73 -13.11
C GLY A 18 41.84 -10.01 -14.56
N SER A 19 41.18 -11.01 -15.15
CA SER A 19 41.46 -11.39 -16.53
C SER A 19 40.35 -11.09 -17.52
N GLY A 20 39.20 -10.66 -17.02
CA GLY A 20 38.05 -10.37 -17.87
C GLY A 20 37.29 -11.60 -18.31
N MET A 21 37.73 -12.77 -17.85
CA MET A 21 37.10 -14.04 -18.17
C MET A 21 35.66 -14.08 -17.65
N THR A 22 34.73 -14.47 -18.51
CA THR A 22 33.32 -14.53 -18.12
C THR A 22 32.73 -15.95 -18.26
N PHE A 23 31.94 -16.36 -17.28
CA PHE A 23 31.29 -17.68 -17.25
C PHE A 23 29.76 -17.58 -17.10
N GLN A 24 29.05 -18.61 -17.55
CA GLN A 24 27.58 -18.65 -17.46
C GLN A 24 27.22 -19.92 -16.67
N ASP A 25 26.86 -19.74 -15.40
CA ASP A 25 26.51 -20.87 -14.56
C ASP A 25 25.07 -21.30 -14.71
N THR A 26 24.88 -22.58 -15.02
CA THR A 26 23.56 -23.15 -15.21
C THR A 26 23.37 -24.32 -14.26
N LEU A 27 24.48 -24.92 -13.84
CA LEU A 27 24.48 -26.07 -12.96
C LEU A 27 23.79 -25.86 -11.60
N HIS A 28 23.67 -24.60 -11.16
CA HIS A 28 23.05 -24.29 -9.87
C HIS A 28 21.56 -24.62 -9.74
N HIS A 29 20.96 -25.12 -10.83
CA HIS A 29 19.55 -25.50 -10.80
C HIS A 29 19.41 -26.91 -10.25
N LYS A 30 20.42 -27.74 -10.52
CA LYS A 30 20.45 -29.11 -10.05
C LYS A 30 20.85 -29.19 -8.57
N ALA A 31 21.04 -28.01 -7.96
CA ALA A 31 21.41 -27.91 -6.57
C ALA A 31 20.29 -28.22 -5.59
N LYS A 32 20.68 -28.64 -4.39
CA LYS A 32 19.75 -28.94 -3.33
C LYS A 32 19.57 -27.63 -2.56
N GLY A 33 18.33 -27.14 -2.53
CA GLY A 33 18.02 -25.89 -1.84
C GLY A 33 18.01 -26.01 -0.32
N ILE A 34 19.21 -26.15 0.25
CA ILE A 34 19.37 -26.31 1.70
C ILE A 34 20.14 -25.18 2.38
N LEU A 35 20.64 -24.24 1.58
CA LEU A 35 21.41 -23.12 2.13
C LEU A 35 20.54 -22.19 2.97
N THR A 36 21.15 -21.56 3.97
CA THR A 36 20.45 -20.65 4.86
C THR A 36 20.34 -19.21 4.35
N CYS A 37 21.06 -18.89 3.28
CA CYS A 37 21.02 -17.54 2.70
C CYS A 37 19.65 -17.19 2.15
N ARG A 38 19.08 -16.09 2.66
CA ARG A 38 17.77 -15.59 2.23
C ARG A 38 17.92 -14.20 1.59
N SER A 39 16.82 -13.65 1.08
CA SER A 39 16.84 -12.34 0.43
C SER A 39 17.12 -11.22 1.42
N LYS A 40 16.84 -11.45 2.71
CA LYS A 40 17.08 -10.44 3.72
C LYS A 40 18.48 -10.49 4.32
N SER A 41 19.15 -11.63 4.23
CA SER A 41 20.50 -11.75 4.77
C SER A 41 21.34 -12.90 4.19
N CYS A 42 22.62 -12.61 3.94
CA CYS A 42 23.56 -13.60 3.41
C CYS A 42 24.49 -14.07 4.54
N LEU A 43 24.50 -15.37 4.78
CA LEU A 43 25.33 -15.97 5.84
C LEU A 43 26.39 -16.91 5.24
N GLY A 44 27.06 -16.46 4.19
CA GLY A 44 28.07 -17.27 3.55
C GLY A 44 29.34 -17.46 4.37
N SER A 45 29.52 -16.60 5.38
CA SER A 45 30.68 -16.63 6.26
C SER A 45 30.58 -17.53 7.50
N ILE A 46 29.48 -18.28 7.60
CA ILE A 46 29.32 -19.19 8.74
C ILE A 46 30.21 -20.38 8.40
N MET A 47 31.16 -20.66 9.28
CA MET A 47 32.11 -21.74 9.06
C MET A 47 31.53 -23.13 8.91
N THR A 48 30.82 -23.60 9.94
CA THR A 48 30.22 -24.93 9.90
C THR A 48 28.70 -24.84 10.09
N PRO A 49 27.96 -24.44 9.03
CA PRO A 49 26.51 -24.31 9.08
C PRO A 49 25.78 -25.64 9.13
N LYS A 50 24.56 -25.63 9.68
CA LYS A 50 23.77 -26.86 9.79
C LYS A 50 23.44 -27.35 8.37
N SER A 51 23.42 -26.42 7.41
CA SER A 51 23.11 -26.75 6.02
C SER A 51 24.11 -27.73 5.37
N LEU A 52 25.38 -27.61 5.73
CA LEU A 52 26.40 -28.49 5.18
C LEU A 52 26.71 -29.66 6.10
N THR A 53 25.85 -29.87 7.09
CA THR A 53 26.02 -30.95 8.06
C THR A 53 24.96 -32.04 7.83
N ARG A 54 25.37 -33.30 8.02
CA ARG A 54 24.45 -34.43 7.88
C ARG A 54 24.36 -35.10 9.24
N GLY A 55 23.31 -34.78 9.99
CA GLY A 55 23.13 -35.36 11.31
C GLY A 55 22.94 -36.86 11.34
N PRO A 56 23.10 -37.49 12.52
CA PRO A 56 22.94 -38.94 12.66
C PRO A 56 21.46 -39.28 12.70
N ARG A 57 21.12 -40.53 12.42
CA ARG A 57 19.73 -40.92 12.46
C ARG A 57 19.54 -42.15 13.35
N ASP A 58 18.27 -42.46 13.64
CA ASP A 58 17.92 -43.60 14.49
C ASP A 58 17.13 -44.67 13.74
N LYS A 59 16.93 -44.46 12.44
CA LYS A 59 16.21 -45.40 11.59
C LYS A 59 16.57 -45.11 10.13
N PRO A 60 16.60 -46.16 9.28
CA PRO A 60 16.95 -46.01 7.86
C PRO A 60 16.08 -45.01 7.10
N THR A 61 16.65 -44.45 6.06
CA THR A 61 15.94 -43.49 5.21
C THR A 61 14.72 -44.19 4.61
N PRO A 62 13.52 -43.61 4.78
CA PRO A 62 12.26 -44.18 4.24
C PRO A 62 12.39 -44.38 2.73
N PRO A 63 12.20 -45.63 2.25
CA PRO A 63 12.28 -45.98 0.82
C PRO A 63 11.61 -45.03 -0.15
N ASP A 64 10.67 -44.21 0.35
CA ASP A 64 9.95 -43.25 -0.47
C ASP A 64 10.80 -42.08 -0.93
N GLU A 65 11.66 -41.57 -0.03
CA GLU A 65 12.54 -40.46 -0.36
C GLU A 65 13.89 -40.96 -0.89
N LEU A 66 14.20 -42.23 -0.66
CA LEU A 66 15.45 -42.84 -1.11
C LEU A 66 15.44 -43.20 -2.59
N LEU A 67 14.34 -43.81 -3.04
CA LEU A 67 14.18 -44.25 -4.44
C LEU A 67 14.48 -43.20 -5.51
N PRO A 68 13.81 -42.03 -5.46
CA PRO A 68 14.07 -41.01 -6.49
C PRO A 68 15.53 -40.55 -6.52
N GLN A 69 16.16 -40.51 -5.34
CA GLN A 69 17.56 -40.10 -5.22
C GLN A 69 18.47 -41.17 -5.80
N ALA A 70 18.15 -42.42 -5.54
CA ALA A 70 18.93 -43.55 -6.03
C ALA A 70 18.98 -43.57 -7.55
N ILE A 71 17.82 -43.36 -8.16
CA ILE A 71 17.70 -43.33 -9.61
C ILE A 71 18.49 -42.16 -10.16
N GLU A 72 18.28 -41.00 -9.54
CA GLU A 72 18.95 -39.77 -9.93
C GLU A 72 20.46 -39.96 -10.01
N PHE A 73 21.00 -40.74 -9.09
CA PHE A 73 22.42 -41.05 -9.07
C PHE A 73 22.79 -41.96 -10.22
N VAL A 74 22.00 -43.02 -10.40
CA VAL A 74 22.24 -44.00 -11.46
C VAL A 74 22.26 -43.33 -12.84
N ASN A 75 21.38 -42.35 -13.02
CA ASN A 75 21.28 -41.62 -14.28
C ASN A 75 22.57 -40.84 -14.51
N GLN A 76 23.05 -40.20 -13.45
CA GLN A 76 24.26 -39.40 -13.48
C GLN A 76 25.48 -40.28 -13.78
N TYR A 77 25.52 -41.46 -13.16
CA TYR A 77 26.63 -42.38 -13.37
C TYR A 77 26.71 -42.82 -14.82
N TYR A 78 25.63 -43.43 -15.31
CA TYR A 78 25.57 -43.89 -16.70
C TYR A 78 25.65 -42.75 -17.69
N GLY A 79 25.18 -41.59 -17.26
CA GLY A 79 25.23 -40.41 -18.10
C GLY A 79 26.65 -39.88 -18.24
N SER A 80 27.51 -40.24 -17.28
CA SER A 80 28.91 -39.79 -17.29
C SER A 80 29.70 -40.42 -18.42
N PHE A 81 29.21 -41.55 -18.92
CA PHE A 81 29.90 -42.23 -20.00
C PHE A 81 29.75 -41.50 -21.32
N LYS A 82 30.88 -41.35 -22.00
CA LYS A 82 30.96 -40.70 -23.31
C LYS A 82 30.13 -41.55 -24.29
N GLU A 83 30.00 -42.83 -23.97
CA GLU A 83 29.23 -43.80 -24.75
C GLU A 83 27.73 -43.68 -24.45
N ALA A 84 27.04 -44.79 -24.66
CA ALA A 84 25.62 -44.92 -24.40
C ALA A 84 25.49 -46.40 -24.10
N LYS A 85 25.09 -46.71 -22.87
CA LYS A 85 24.95 -48.10 -22.48
C LYS A 85 23.50 -48.50 -22.23
N ILE A 86 22.59 -47.75 -22.86
CA ILE A 86 21.14 -47.91 -22.79
C ILE A 86 20.58 -49.15 -22.06
N GLU A 87 21.10 -50.32 -22.41
CA GLU A 87 20.67 -51.57 -21.78
C GLU A 87 21.08 -51.66 -20.32
N GLU A 88 22.40 -51.69 -20.07
CA GLU A 88 22.95 -51.75 -18.72
C GLU A 88 22.27 -50.72 -17.81
N HIS A 89 22.09 -49.51 -18.35
CA HIS A 89 21.45 -48.43 -17.62
C HIS A 89 20.08 -48.86 -17.12
N LEU A 90 19.21 -49.28 -18.04
CA LEU A 90 17.88 -49.73 -17.68
C LEU A 90 17.91 -50.92 -16.70
N ALA A 91 18.76 -51.90 -16.99
CA ALA A 91 18.89 -53.10 -16.16
C ALA A 91 19.20 -52.73 -14.71
N ARG A 92 20.10 -51.76 -14.56
CA ARG A 92 20.54 -51.28 -13.25
C ARG A 92 19.45 -50.50 -12.55
N VAL A 93 18.89 -49.48 -13.21
CA VAL A 93 17.83 -48.67 -12.62
C VAL A 93 16.69 -49.57 -12.16
N GLU A 94 16.49 -50.65 -12.90
CA GLU A 94 15.44 -51.62 -12.58
C GLU A 94 15.90 -52.44 -11.36
N ALA A 95 17.13 -52.94 -11.42
CA ALA A 95 17.72 -53.74 -10.35
C ALA A 95 17.73 -53.00 -9.01
N VAL A 96 18.07 -51.72 -9.05
CA VAL A 96 18.13 -50.90 -7.85
C VAL A 96 16.75 -50.66 -7.25
N THR A 97 15.78 -50.33 -8.12
CA THR A 97 14.40 -50.07 -7.68
C THR A 97 13.88 -51.27 -6.89
N LYS A 98 14.18 -52.47 -7.41
CA LYS A 98 13.79 -53.72 -6.78
C LYS A 98 14.41 -53.83 -5.40
N GLU A 99 15.72 -53.68 -5.34
CA GLU A 99 16.49 -53.76 -4.10
C GLU A 99 15.96 -52.81 -3.02
N ILE A 100 15.58 -51.61 -3.40
CA ILE A 100 15.06 -50.62 -2.46
C ILE A 100 13.66 -51.02 -1.95
N GLU A 101 12.85 -51.58 -2.84
CA GLU A 101 11.50 -52.00 -2.49
C GLU A 101 11.46 -53.34 -1.73
N THR A 102 12.56 -54.10 -1.79
CA THR A 102 12.64 -55.39 -1.10
C THR A 102 13.56 -55.43 0.11
N THR A 103 14.49 -54.48 0.21
CA THR A 103 15.44 -54.42 1.34
C THR A 103 15.46 -53.04 2.04
N GLY A 104 14.81 -52.05 1.42
CA GLY A 104 14.75 -50.71 1.99
C GLY A 104 15.99 -49.86 1.77
N THR A 105 16.91 -50.39 0.96
CA THR A 105 18.17 -49.73 0.62
C THR A 105 18.79 -50.44 -0.59
N TYR A 106 20.01 -50.05 -0.96
CA TYR A 106 20.69 -50.67 -2.09
C TYR A 106 22.21 -50.51 -1.99
N GLN A 107 22.93 -51.33 -2.75
CA GLN A 107 24.40 -51.28 -2.75
C GLN A 107 24.91 -50.69 -4.05
N LEU A 108 26.00 -49.95 -3.96
CA LEU A 108 26.62 -49.36 -5.14
C LEU A 108 27.57 -50.39 -5.70
N THR A 109 27.77 -50.39 -7.00
CA THR A 109 28.70 -51.33 -7.61
C THR A 109 30.08 -50.77 -7.33
N GLY A 110 31.11 -51.57 -7.58
CA GLY A 110 32.47 -51.10 -7.33
C GLY A 110 32.82 -49.85 -8.12
N ASP A 111 32.44 -49.84 -9.39
CA ASP A 111 32.72 -48.70 -10.26
C ASP A 111 31.90 -47.47 -9.89
N GLU A 112 30.68 -47.68 -9.42
CA GLU A 112 29.82 -46.57 -9.03
C GLU A 112 30.40 -45.87 -7.82
N LEU A 113 31.01 -46.64 -6.92
CA LEU A 113 31.64 -46.09 -5.74
C LEU A 113 32.81 -45.18 -6.12
N ILE A 114 33.63 -45.64 -7.06
CA ILE A 114 34.78 -44.87 -7.52
C ILE A 114 34.32 -43.57 -8.18
N PHE A 115 33.26 -43.65 -8.98
CA PHE A 115 32.74 -42.47 -9.64
C PHE A 115 32.15 -41.52 -8.59
N ALA A 116 31.52 -42.10 -7.57
CA ALA A 116 30.87 -41.34 -6.51
C ALA A 116 31.84 -40.49 -5.72
N THR A 117 32.91 -41.12 -5.24
CA THR A 117 33.93 -40.43 -4.46
C THR A 117 34.58 -39.30 -5.23
N LYS A 118 34.95 -39.58 -6.47
CA LYS A 118 35.59 -38.58 -7.32
C LYS A 118 34.66 -37.44 -7.65
N GLN A 119 33.39 -37.74 -7.93
CA GLN A 119 32.42 -36.72 -8.27
C GLN A 119 32.13 -35.82 -7.06
N ALA A 120 32.14 -36.42 -5.86
CA ALA A 120 31.88 -35.68 -4.63
C ALA A 120 33.01 -34.68 -4.37
N TRP A 121 34.23 -35.09 -4.70
CA TRP A 121 35.40 -34.23 -4.53
C TRP A 121 35.20 -33.06 -5.48
N ARG A 122 34.89 -33.38 -6.73
CA ARG A 122 34.66 -32.41 -7.77
C ARG A 122 33.55 -31.43 -7.33
N ASN A 123 32.66 -31.89 -6.46
CA ASN A 123 31.55 -31.08 -5.96
C ASN A 123 31.85 -30.39 -4.63
N ALA A 124 33.06 -30.53 -4.10
CA ALA A 124 33.43 -29.90 -2.85
C ALA A 124 33.75 -28.44 -3.17
N PRO A 125 32.80 -27.54 -2.90
CA PRO A 125 33.02 -26.11 -3.18
C PRO A 125 34.16 -25.44 -2.43
N ARG A 126 34.63 -26.08 -1.36
CA ARG A 126 35.71 -25.53 -0.52
C ARG A 126 37.11 -26.07 -0.84
N CYS A 127 37.19 -27.00 -1.78
CA CYS A 127 38.46 -27.59 -2.13
C CYS A 127 39.10 -26.84 -3.28
N ILE A 128 40.36 -26.47 -3.11
CA ILE A 128 41.10 -25.74 -4.13
C ILE A 128 41.98 -26.65 -4.97
N GLY A 129 42.10 -27.91 -4.56
CA GLY A 129 42.94 -28.83 -5.32
C GLY A 129 42.13 -29.72 -6.23
N ARG A 130 40.92 -29.28 -6.57
CA ARG A 130 40.00 -30.04 -7.40
C ARG A 130 40.44 -30.36 -8.84
N ILE A 131 41.56 -29.78 -9.29
CA ILE A 131 42.06 -30.06 -10.63
C ILE A 131 42.42 -31.56 -10.75
N GLN A 132 42.61 -32.19 -9.59
CA GLN A 132 42.98 -33.60 -9.48
C GLN A 132 41.80 -34.52 -9.19
N TRP A 133 40.58 -33.98 -9.15
CA TRP A 133 39.39 -34.77 -8.83
C TRP A 133 39.30 -36.15 -9.47
N SER A 134 39.84 -36.30 -10.68
CA SER A 134 39.82 -37.56 -11.42
C SER A 134 40.93 -38.53 -11.07
N ASN A 135 41.90 -38.03 -10.32
CA ASN A 135 43.07 -38.81 -9.91
C ASN A 135 43.00 -39.17 -8.40
N LEU A 136 42.21 -40.21 -8.09
CA LEU A 136 42.04 -40.62 -6.70
C LEU A 136 42.02 -42.14 -6.54
N GLN A 137 42.74 -42.64 -5.55
CA GLN A 137 42.79 -44.06 -5.28
C GLN A 137 41.72 -44.45 -4.27
N VAL A 138 40.72 -45.20 -4.71
CA VAL A 138 39.63 -45.62 -3.84
C VAL A 138 39.84 -47.03 -3.25
N PHE A 139 39.81 -47.11 -1.92
CA PHE A 139 39.98 -48.37 -1.20
C PHE A 139 38.61 -48.83 -0.70
N ASP A 140 38.14 -49.98 -1.16
CA ASP A 140 36.84 -50.48 -0.72
C ASP A 140 36.93 -51.27 0.57
N ALA A 141 36.36 -50.70 1.64
CA ALA A 141 36.35 -51.33 2.95
C ALA A 141 34.93 -51.45 3.49
N ARG A 142 33.95 -51.56 2.58
CA ARG A 142 32.55 -51.70 2.96
C ARG A 142 32.26 -53.08 3.54
N SER A 143 33.19 -54.00 3.35
CA SER A 143 33.12 -55.37 3.84
C SER A 143 33.61 -55.43 5.29
N CYS A 144 34.16 -54.31 5.75
CA CYS A 144 34.68 -54.20 7.11
C CYS A 144 33.58 -54.56 8.09
N SER A 145 33.97 -55.02 9.28
CA SER A 145 33.02 -55.41 10.31
C SER A 145 33.47 -55.18 11.77
N THR A 146 34.78 -54.97 11.99
CA THR A 146 35.30 -54.73 13.34
C THR A 146 36.29 -53.58 13.38
N ALA A 147 36.38 -52.91 14.54
CA ALA A 147 37.29 -51.79 14.72
C ALA A 147 38.72 -52.20 14.36
N ARG A 148 39.10 -53.40 14.76
CA ARG A 148 40.44 -53.92 14.46
C ARG A 148 40.70 -53.90 12.96
N GLU A 149 39.69 -54.28 12.18
CA GLU A 149 39.81 -54.32 10.71
C GLU A 149 39.92 -52.90 10.16
N MET A 150 39.18 -51.96 10.77
CA MET A 150 39.21 -50.57 10.36
C MET A 150 40.62 -50.01 10.47
N PHE A 151 41.30 -50.36 11.56
CA PHE A 151 42.67 -49.91 11.81
C PHE A 151 43.57 -50.39 10.70
N GLU A 152 43.44 -51.66 10.33
CA GLU A 152 44.25 -52.25 9.27
C GLU A 152 43.99 -51.55 7.93
N HIS A 153 42.72 -51.28 7.63
CA HIS A 153 42.35 -50.61 6.38
C HIS A 153 42.95 -49.22 6.29
N ILE A 154 43.00 -48.55 7.44
CA ILE A 154 43.54 -47.21 7.58
C ILE A 154 45.05 -47.19 7.42
N CYS A 155 45.73 -48.17 8.01
CA CYS A 155 47.18 -48.26 7.89
C CYS A 155 47.57 -48.48 6.43
N ARG A 156 46.72 -49.21 5.71
CA ARG A 156 46.92 -49.50 4.29
C ARG A 156 46.91 -48.15 3.56
N HIS A 157 45.88 -47.36 3.84
CA HIS A 157 45.68 -46.04 3.25
C HIS A 157 46.87 -45.13 3.53
N VAL A 158 47.26 -45.05 4.80
CA VAL A 158 48.38 -44.23 5.21
C VAL A 158 49.68 -44.64 4.52
N ARG A 159 49.96 -45.94 4.51
CA ARG A 159 51.19 -46.44 3.88
C ARG A 159 51.20 -46.09 2.40
N TYR A 160 50.02 -46.15 1.78
CA TYR A 160 49.87 -45.85 0.37
C TYR A 160 50.08 -44.38 0.06
N SER A 161 49.15 -43.55 0.56
CA SER A 161 49.17 -42.09 0.36
C SER A 161 50.47 -41.39 0.71
N THR A 162 51.14 -41.85 1.77
CA THR A 162 52.42 -41.27 2.20
C THR A 162 53.43 -41.51 1.09
N ASN A 163 53.53 -42.75 0.66
CA ASN A 163 54.39 -43.14 -0.46
C ASN A 163 55.80 -42.56 -0.40
N ASN A 164 56.47 -42.71 0.73
CA ASN A 164 57.84 -42.22 0.89
C ASN A 164 58.00 -40.73 0.57
N GLY A 165 56.98 -39.94 0.89
CA GLY A 165 57.08 -38.51 0.66
C GLY A 165 56.41 -37.99 -0.57
N ASN A 166 56.17 -38.86 -1.55
CA ASN A 166 55.51 -38.46 -2.78
C ASN A 166 54.02 -38.69 -2.62
N ILE A 167 53.45 -37.93 -1.69
CA ILE A 167 52.03 -37.99 -1.35
C ILE A 167 51.12 -38.13 -2.55
N ARG A 168 50.14 -39.01 -2.41
CA ARG A 168 49.15 -39.23 -3.46
C ARG A 168 47.81 -39.39 -2.80
N SER A 169 46.80 -38.83 -3.44
CA SER A 169 45.44 -38.86 -2.93
C SER A 169 44.83 -40.25 -2.91
N ALA A 170 43.99 -40.46 -1.90
CA ALA A 170 43.29 -41.73 -1.71
C ALA A 170 42.10 -41.53 -0.79
N ILE A 171 41.26 -42.54 -0.69
CA ILE A 171 40.08 -42.48 0.16
C ILE A 171 39.71 -43.90 0.51
N THR A 172 39.21 -44.09 1.74
CA THR A 172 38.79 -45.41 2.18
C THR A 172 37.34 -45.35 2.59
N VAL A 173 36.50 -46.08 1.86
CA VAL A 173 35.07 -46.10 2.15
C VAL A 173 34.60 -47.30 2.97
N PHE A 174 34.12 -47.01 4.18
CA PHE A 174 33.64 -48.02 5.09
C PHE A 174 32.15 -48.25 4.83
N PRO A 175 31.60 -49.38 5.33
CA PRO A 175 30.18 -49.70 5.13
C PRO A 175 29.23 -48.54 5.43
N GLN A 176 28.29 -48.32 4.51
CA GLN A 176 27.31 -47.26 4.62
C GLN A 176 26.41 -47.36 5.83
N ARG A 177 25.69 -46.27 6.06
CA ARG A 177 24.77 -46.17 7.18
C ARG A 177 23.48 -46.91 6.86
N SER A 178 23.14 -47.83 7.78
CA SER A 178 21.93 -48.62 7.69
C SER A 178 20.90 -48.02 8.66
N ASP A 179 20.99 -48.41 9.93
CA ASP A 179 20.08 -47.94 10.97
C ASP A 179 20.37 -46.53 11.40
N GLY A 180 21.65 -46.25 11.62
CA GLY A 180 22.08 -44.96 12.12
C GLY A 180 22.56 -45.24 13.53
N LYS A 181 22.31 -46.48 13.96
CA LYS A 181 22.70 -46.98 15.27
C LYS A 181 23.86 -47.97 15.07
N HIS A 182 24.16 -48.27 13.81
CA HIS A 182 25.25 -49.18 13.45
C HIS A 182 26.27 -48.47 12.55
N ASP A 183 26.66 -47.27 12.95
CA ASP A 183 27.60 -46.45 12.18
C ASP A 183 29.05 -46.87 12.25
N PHE A 184 29.73 -46.80 11.11
CA PHE A 184 31.14 -47.13 10.99
C PHE A 184 31.82 -45.80 10.69
N ARG A 185 32.51 -45.22 11.68
CA ARG A 185 33.17 -43.95 11.46
C ARG A 185 34.40 -43.72 12.31
N VAL A 186 35.29 -42.85 11.81
CA VAL A 186 36.50 -42.49 12.53
C VAL A 186 36.18 -41.20 13.25
N TRP A 187 36.40 -41.20 14.55
CA TRP A 187 36.09 -40.04 15.37
C TRP A 187 37.05 -38.87 15.16
N ASN A 188 38.31 -39.20 14.87
CA ASN A 188 39.35 -38.20 14.66
C ASN A 188 39.05 -37.29 13.49
N ALA A 189 39.30 -36.00 13.65
CA ALA A 189 39.08 -35.03 12.58
C ALA A 189 39.97 -35.35 11.39
N GLN A 190 41.17 -35.86 11.68
CA GLN A 190 42.14 -36.24 10.67
C GLN A 190 42.80 -37.54 11.13
N LEU A 191 43.30 -38.32 10.19
CA LEU A 191 43.97 -39.56 10.55
C LEU A 191 45.15 -39.24 11.43
N ILE A 192 45.91 -38.23 11.05
CA ILE A 192 47.07 -37.80 11.82
C ILE A 192 46.85 -36.40 12.35
N ARG A 193 46.98 -36.25 13.65
CA ARG A 193 46.83 -34.95 14.28
C ARG A 193 47.49 -34.96 15.65
N TYR A 194 47.98 -33.78 16.06
CA TYR A 194 48.67 -33.62 17.33
C TYR A 194 47.76 -33.34 18.52
N ALA A 195 48.18 -33.77 19.69
CA ALA A 195 47.41 -33.60 20.90
C ALA A 195 47.42 -32.17 21.44
N GLY A 196 46.36 -31.81 22.16
CA GLY A 196 46.26 -30.51 22.76
C GLY A 196 46.00 -30.72 24.24
N TYR A 197 46.80 -30.08 25.08
CA TYR A 197 46.65 -30.23 26.53
C TYR A 197 46.45 -28.92 27.26
N GLN A 198 45.48 -28.90 28.16
CA GLN A 198 45.20 -27.71 28.95
C GLN A 198 46.06 -27.83 30.20
N MET A 199 47.11 -27.04 30.23
CA MET A 199 48.06 -27.03 31.34
C MET A 199 47.57 -26.32 32.60
N PRO A 200 48.20 -26.63 33.75
CA PRO A 200 47.86 -26.05 35.06
C PRO A 200 47.85 -24.52 35.13
N ASP A 201 48.74 -23.88 34.38
CA ASP A 201 48.80 -22.42 34.37
C ASP A 201 47.74 -21.83 33.45
N GLY A 202 46.87 -22.68 32.92
CA GLY A 202 45.82 -22.22 32.04
C GLY A 202 46.17 -22.26 30.57
N SER A 203 47.46 -22.18 30.24
CA SER A 203 47.91 -22.21 28.85
C SER A 203 47.68 -23.58 28.22
N ILE A 204 47.78 -23.64 26.89
CA ILE A 204 47.59 -24.90 26.18
C ILE A 204 48.86 -25.36 25.50
N ARG A 205 49.32 -26.55 25.86
CA ARG A 205 50.51 -27.12 25.27
C ARG A 205 50.07 -28.05 24.16
N GLY A 206 50.58 -27.81 22.96
CA GLY A 206 50.20 -28.64 21.84
C GLY A 206 49.23 -27.88 20.96
N ASP A 207 48.41 -28.63 20.23
CA ASP A 207 47.42 -28.06 19.32
C ASP A 207 46.11 -27.77 20.05
N PRO A 208 45.74 -26.48 20.17
CA PRO A 208 44.49 -26.10 20.85
C PRO A 208 43.25 -26.70 20.21
N ALA A 209 43.31 -26.85 18.88
CA ALA A 209 42.20 -27.40 18.13
C ALA A 209 41.78 -28.81 18.55
N ASN A 210 42.69 -29.54 19.20
CA ASN A 210 42.39 -30.91 19.63
C ASN A 210 42.37 -31.13 21.13
N VAL A 211 42.19 -30.05 21.89
CA VAL A 211 42.17 -30.16 23.34
C VAL A 211 41.03 -31.06 23.81
N GLU A 212 39.84 -30.84 23.27
CA GLU A 212 38.65 -31.61 23.61
C GLU A 212 38.78 -33.09 23.24
N PHE A 213 39.22 -33.35 22.01
CA PHE A 213 39.38 -34.72 21.54
C PHE A 213 40.49 -35.42 22.31
N THR A 214 41.47 -34.67 22.76
CA THR A 214 42.56 -35.27 23.52
C THR A 214 42.00 -35.77 24.84
N GLN A 215 41.11 -35.00 25.46
CA GLN A 215 40.48 -35.38 26.72
C GLN A 215 39.75 -36.70 26.56
N LEU A 216 39.01 -36.81 25.47
CA LEU A 216 38.25 -38.02 25.15
C LEU A 216 39.23 -39.19 25.11
N CYS A 217 40.39 -38.98 24.49
CA CYS A 217 41.40 -40.03 24.38
C CYS A 217 41.93 -40.44 25.75
N ILE A 218 42.09 -39.45 26.63
CA ILE A 218 42.59 -39.71 27.98
C ILE A 218 41.57 -40.49 28.81
N ASP A 219 40.29 -40.13 28.63
CA ASP A 219 39.19 -40.78 29.33
C ASP A 219 39.08 -42.24 28.89
N LEU A 220 39.44 -42.49 27.62
CA LEU A 220 39.39 -43.84 27.06
C LEU A 220 40.62 -44.69 27.39
N GLY A 221 41.57 -44.11 28.12
CA GLY A 221 42.74 -44.87 28.48
C GLY A 221 44.08 -44.38 27.97
N TRP A 222 44.08 -43.60 26.89
CA TRP A 222 45.33 -43.10 26.35
C TRP A 222 46.12 -42.33 27.41
N LYS A 223 47.43 -42.58 27.47
CA LYS A 223 48.29 -41.90 28.42
C LYS A 223 48.88 -40.65 27.78
N PRO A 224 48.60 -39.47 28.34
CA PRO A 224 49.11 -38.20 27.82
C PRO A 224 50.61 -38.07 28.01
N LYS A 225 51.29 -37.45 27.05
CA LYS A 225 52.72 -37.29 27.10
C LYS A 225 53.13 -35.84 27.25
N TYR A 226 52.14 -34.96 27.29
CA TYR A 226 52.35 -33.53 27.47
C TYR A 226 53.47 -32.94 26.61
N GLY A 227 53.46 -33.28 25.33
CA GLY A 227 54.43 -32.76 24.39
C GLY A 227 53.69 -31.84 23.42
N ARG A 228 54.42 -31.07 22.63
CA ARG A 228 53.80 -30.15 21.67
C ARG A 228 53.29 -30.82 20.41
N PHE A 229 53.93 -31.92 20.01
CA PHE A 229 53.53 -32.63 18.79
C PHE A 229 53.32 -34.12 19.00
N ASP A 230 52.40 -34.48 19.90
CA ASP A 230 52.11 -35.87 20.17
C ASP A 230 50.99 -36.35 19.26
N VAL A 231 51.25 -37.43 18.52
CA VAL A 231 50.23 -37.95 17.63
C VAL A 231 49.16 -38.66 18.46
N VAL A 232 47.95 -38.17 18.31
CA VAL A 232 46.78 -38.69 18.99
C VAL A 232 46.45 -40.08 18.44
N PRO A 233 45.94 -40.99 19.29
CA PRO A 233 45.61 -42.32 18.80
C PRO A 233 44.35 -42.30 17.96
N LEU A 234 44.22 -43.32 17.14
CA LEU A 234 43.07 -43.47 16.27
C LEU A 234 41.90 -44.01 17.10
N VAL A 235 40.82 -43.24 17.18
CA VAL A 235 39.62 -43.62 17.92
C VAL A 235 38.58 -44.15 16.92
N LEU A 236 38.57 -45.47 16.73
CA LEU A 236 37.69 -46.16 15.77
C LEU A 236 36.37 -46.76 16.26
N GLN A 237 35.32 -46.59 15.47
CA GLN A 237 34.00 -47.11 15.79
C GLN A 237 33.46 -48.09 14.74
N ALA A 238 33.14 -49.31 15.17
CA ALA A 238 32.58 -50.33 14.29
C ALA A 238 31.09 -50.48 14.64
N ASN A 239 30.23 -50.32 13.63
CA ASN A 239 28.77 -50.39 13.76
C ASN A 239 28.12 -50.06 15.11
N GLY A 240 28.11 -48.77 15.44
CA GLY A 240 27.50 -48.31 16.67
C GLY A 240 28.21 -48.62 17.98
N ARG A 241 29.03 -49.66 18.00
CA ARG A 241 29.76 -50.06 19.21
C ARG A 241 30.61 -48.90 19.72
N ASP A 242 30.95 -48.93 21.00
CA ASP A 242 31.78 -47.88 21.56
C ASP A 242 33.11 -47.94 20.81
N PRO A 243 33.74 -46.78 20.61
CA PRO A 243 35.03 -46.72 19.90
C PRO A 243 36.19 -47.35 20.69
N GLU A 244 37.20 -47.81 19.97
CA GLU A 244 38.39 -48.42 20.55
C GLU A 244 39.61 -47.69 20.02
N LEU A 245 40.61 -47.51 20.87
CA LEU A 245 41.82 -46.83 20.47
C LEU A 245 42.82 -47.74 19.78
N PHE A 246 43.55 -47.16 18.83
CA PHE A 246 44.58 -47.85 18.09
C PHE A 246 45.66 -46.83 17.85
N GLU A 247 46.91 -47.24 17.98
CA GLU A 247 48.00 -46.32 17.78
C GLU A 247 48.64 -46.53 16.42
N ILE A 248 48.59 -45.51 15.58
CA ILE A 248 49.20 -45.59 14.27
C ILE A 248 50.69 -45.82 14.49
N PRO A 249 51.24 -46.92 13.94
CA PRO A 249 52.68 -47.19 14.12
C PRO A 249 53.45 -45.96 13.66
N PRO A 250 54.29 -45.40 14.54
CA PRO A 250 55.11 -44.22 14.25
C PRO A 250 55.92 -44.27 12.94
N ASP A 251 56.16 -45.47 12.45
CA ASP A 251 56.89 -45.67 11.19
C ASP A 251 56.07 -45.14 10.03
N LEU A 252 54.75 -45.18 10.18
CA LEU A 252 53.83 -44.72 9.15
C LEU A 252 53.54 -43.23 9.19
N VAL A 253 53.94 -42.59 10.28
CA VAL A 253 53.71 -41.16 10.42
C VAL A 253 54.92 -40.37 9.99
N LEU A 254 54.85 -39.84 8.77
CA LEU A 254 55.93 -39.06 8.20
C LEU A 254 55.78 -37.60 8.61
N GLU A 255 56.86 -37.04 9.15
CA GLU A 255 56.88 -35.67 9.59
C GLU A 255 58.05 -34.92 8.97
N VAL A 256 57.94 -33.59 8.98
CA VAL A 256 58.95 -32.70 8.41
C VAL A 256 59.35 -31.66 9.45
N ALA A 257 60.64 -31.66 9.80
CA ALA A 257 61.16 -30.71 10.77
C ALA A 257 61.35 -29.36 10.08
N MET A 258 60.77 -28.31 10.66
CA MET A 258 60.86 -26.97 10.09
C MET A 258 62.22 -26.26 10.22
N GLU A 259 62.63 -25.62 9.15
CA GLU A 259 63.87 -24.86 9.13
C GLU A 259 63.86 -23.83 8.00
N HIS A 260 64.53 -22.71 8.22
CA HIS A 260 64.59 -21.63 7.25
C HIS A 260 65.85 -21.64 6.40
N PRO A 261 65.73 -21.26 5.11
CA PRO A 261 66.90 -21.24 4.23
C PRO A 261 67.89 -20.14 4.57
N LYS A 262 67.53 -19.25 5.50
CA LYS A 262 68.40 -18.14 5.90
C LYS A 262 68.55 -18.01 7.40
N TYR A 263 67.43 -18.04 8.11
CA TYR A 263 67.45 -17.91 9.56
C TYR A 263 67.75 -19.23 10.23
N GLU A 264 69.01 -19.44 10.59
CA GLU A 264 69.43 -20.68 11.25
C GLU A 264 68.80 -20.81 12.64
N TRP A 265 68.36 -19.70 13.19
CA TRP A 265 67.73 -19.72 14.50
C TRP A 265 66.34 -20.36 14.44
N PHE A 266 65.82 -20.55 13.23
CA PHE A 266 64.50 -21.15 13.05
C PHE A 266 64.44 -22.57 13.63
N ARG A 267 65.52 -23.31 13.47
CA ARG A 267 65.62 -24.67 13.99
C ARG A 267 65.44 -24.67 15.50
N GLU A 268 65.85 -23.57 16.15
CA GLU A 268 65.73 -23.43 17.60
C GLU A 268 64.29 -23.50 18.07
N LEU A 269 63.38 -23.10 17.21
CA LEU A 269 61.96 -23.14 17.53
C LEU A 269 61.50 -24.59 17.67
N GLU A 270 62.30 -25.52 17.14
CA GLU A 270 62.01 -26.95 17.20
C GLU A 270 60.59 -27.28 16.76
N LEU A 271 60.25 -26.82 15.56
CA LEU A 271 58.93 -27.05 14.99
C LEU A 271 58.95 -28.20 13.99
N LYS A 272 57.77 -28.71 13.70
CA LYS A 272 57.60 -29.79 12.73
C LYS A 272 56.12 -29.96 12.46
N TRP A 273 55.81 -30.73 11.42
CA TRP A 273 54.42 -31.03 11.05
C TRP A 273 54.39 -32.32 10.25
N TYR A 274 53.23 -32.97 10.21
CA TYR A 274 53.09 -34.22 9.47
C TYR A 274 52.88 -33.93 8.00
N ALA A 275 53.18 -34.89 7.15
CA ALA A 275 53.05 -34.70 5.70
C ALA A 275 51.68 -34.97 5.11
N LEU A 276 50.92 -35.86 5.76
CA LEU A 276 49.62 -36.28 5.27
C LEU A 276 48.38 -35.62 5.84
N PRO A 277 47.65 -34.83 5.02
CA PRO A 277 46.43 -34.14 5.43
C PRO A 277 45.24 -35.05 5.10
N ALA A 278 44.85 -35.88 6.05
CA ALA A 278 43.74 -36.80 5.81
C ALA A 278 42.50 -36.55 6.65
N VAL A 279 41.55 -35.79 6.12
CA VAL A 279 40.28 -35.51 6.82
C VAL A 279 39.55 -36.84 6.99
N ALA A 280 39.18 -37.17 8.24
CA ALA A 280 38.52 -38.45 8.53
C ALA A 280 37.10 -38.44 9.12
N ASN A 281 36.58 -37.29 9.48
CA ASN A 281 35.25 -37.26 10.09
C ASN A 281 34.07 -36.80 9.24
N MET A 282 34.29 -36.66 7.93
CA MET A 282 33.22 -36.23 7.04
C MET A 282 32.33 -37.40 6.58
N LEU A 283 31.18 -37.06 5.98
CA LEU A 283 30.22 -38.05 5.50
C LEU A 283 29.99 -37.93 3.99
N LEU A 284 30.07 -39.06 3.30
CA LEU A 284 29.85 -39.10 1.86
C LEU A 284 28.40 -39.44 1.55
N GLU A 285 27.73 -38.55 0.81
CA GLU A 285 26.34 -38.76 0.42
C GLU A 285 26.28 -39.12 -1.05
N VAL A 286 25.78 -40.31 -1.35
CA VAL A 286 25.68 -40.80 -2.72
C VAL A 286 24.28 -41.35 -2.97
N GLY A 287 23.53 -40.68 -3.84
CA GLY A 287 22.18 -41.11 -4.17
C GLY A 287 21.32 -41.52 -2.98
N GLY A 288 21.34 -40.71 -1.93
CA GLY A 288 20.56 -41.02 -0.75
C GLY A 288 21.30 -41.81 0.31
N LEU A 289 22.33 -42.55 -0.10
CA LEU A 289 23.13 -43.34 0.85
C LEU A 289 24.08 -42.45 1.63
N GLU A 290 24.45 -42.87 2.84
CA GLU A 290 25.34 -42.08 3.66
C GLU A 290 26.50 -42.94 4.17
N PHE A 291 27.73 -42.47 3.95
CA PHE A 291 28.91 -43.19 4.41
C PHE A 291 29.56 -42.29 5.43
N PRO A 292 29.22 -42.47 6.71
CA PRO A 292 29.74 -41.69 7.84
C PRO A 292 31.23 -41.97 8.11
N GLY A 293 31.74 -43.01 7.47
CA GLY A 293 33.14 -43.38 7.63
C GLY A 293 33.78 -43.43 6.26
N CYS A 294 34.48 -42.35 5.89
CA CYS A 294 35.14 -42.27 4.59
C CYS A 294 36.35 -41.32 4.57
N PRO A 295 37.43 -41.67 5.31
CA PRO A 295 38.63 -40.82 5.33
C PRO A 295 39.35 -40.67 3.99
N PHE A 296 39.68 -39.44 3.64
CA PHE A 296 40.37 -39.13 2.40
C PHE A 296 41.55 -38.20 2.65
N ASN A 297 42.45 -38.12 1.68
CA ASN A 297 43.61 -37.26 1.82
C ASN A 297 44.06 -36.73 0.47
N GLY A 298 44.93 -35.74 0.53
CA GLY A 298 45.52 -35.16 -0.65
C GLY A 298 46.92 -34.83 -0.16
N TRP A 299 47.50 -33.76 -0.69
CA TRP A 299 48.79 -33.32 -0.22
C TRP A 299 48.55 -31.90 0.26
N TYR A 300 49.45 -31.39 1.09
CA TYR A 300 49.29 -30.05 1.64
C TYR A 300 49.54 -28.87 0.72
N MET A 301 48.95 -27.73 1.13
CA MET A 301 49.15 -26.45 0.47
C MET A 301 49.87 -25.70 1.58
N GLY A 302 51.06 -25.18 1.27
CA GLY A 302 51.85 -24.47 2.25
C GLY A 302 51.14 -23.64 3.30
N THR A 303 50.26 -22.75 2.87
CA THR A 303 49.55 -21.87 3.81
C THR A 303 48.73 -22.59 4.88
N GLU A 304 48.26 -23.80 4.58
CA GLU A 304 47.49 -24.54 5.56
C GLU A 304 48.26 -24.70 6.86
N ILE A 305 49.54 -25.04 6.74
CA ILE A 305 50.41 -25.24 7.91
C ILE A 305 51.02 -23.93 8.39
N GLY A 306 51.63 -23.22 7.45
CA GLY A 306 52.31 -21.98 7.75
C GLY A 306 51.47 -20.85 8.28
N VAL A 307 50.37 -20.56 7.60
CA VAL A 307 49.52 -19.48 8.02
C VAL A 307 48.54 -19.94 9.08
N ARG A 308 47.75 -20.96 8.79
CA ARG A 308 46.75 -21.43 9.73
C ARG A 308 47.28 -22.18 10.95
N ASP A 309 47.73 -23.41 10.74
CA ASP A 309 48.22 -24.25 11.82
C ASP A 309 49.29 -23.60 12.71
N PHE A 310 50.15 -22.78 12.14
CA PHE A 310 51.21 -22.12 12.87
C PHE A 310 50.94 -20.72 13.42
N CYS A 311 50.22 -19.90 12.66
CA CYS A 311 49.96 -18.52 13.10
C CYS A 311 48.56 -18.16 13.59
N ASP A 312 47.66 -19.12 13.67
CA ASP A 312 46.32 -18.82 14.17
C ASP A 312 46.48 -18.61 15.68
N VAL A 313 45.71 -17.69 16.24
CA VAL A 313 45.79 -17.45 17.68
C VAL A 313 45.25 -18.68 18.41
N GLN A 314 44.28 -19.34 17.78
CA GLN A 314 43.64 -20.52 18.34
C GLN A 314 44.38 -21.81 17.96
N ARG A 315 45.60 -21.68 17.44
CA ARG A 315 46.42 -22.83 17.08
C ARG A 315 47.78 -22.67 17.74
N TYR A 316 48.86 -23.01 17.06
CA TYR A 316 50.18 -22.89 17.67
C TYR A 316 50.63 -21.47 17.97
N ASN A 317 50.04 -20.50 17.29
CA ASN A 317 50.35 -19.10 17.53
C ASN A 317 51.83 -18.80 17.79
N ILE A 318 52.67 -19.02 16.79
CA ILE A 318 54.10 -18.78 16.94
C ILE A 318 54.52 -17.46 16.31
N LEU A 319 53.55 -16.66 15.91
CA LEU A 319 53.86 -15.42 15.23
C LEU A 319 54.72 -14.41 15.99
N GLU A 320 54.38 -14.11 17.25
CA GLU A 320 55.17 -13.13 17.97
C GLU A 320 56.60 -13.57 18.20
N GLU A 321 56.78 -14.85 18.54
CA GLU A 321 58.11 -15.39 18.78
C GLU A 321 59.03 -15.20 17.56
N VAL A 322 58.47 -15.39 16.37
CA VAL A 322 59.24 -15.24 15.14
C VAL A 322 59.59 -13.78 14.86
N GLY A 323 58.63 -12.89 15.07
CA GLY A 323 58.86 -11.47 14.84
C GLY A 323 59.97 -10.96 15.73
N ARG A 324 60.03 -11.49 16.96
CA ARG A 324 61.06 -11.07 17.90
C ARG A 324 62.41 -11.62 17.46
N ARG A 325 62.45 -12.90 17.10
CA ARG A 325 63.69 -13.52 16.66
C ARG A 325 64.23 -12.84 15.42
N MET A 326 63.33 -12.28 14.61
CA MET A 326 63.71 -11.59 13.38
C MET A 326 64.15 -10.16 13.68
N GLY A 327 63.95 -9.77 14.94
CA GLY A 327 64.30 -8.43 15.37
C GLY A 327 63.44 -7.36 14.76
N LEU A 328 62.17 -7.68 14.53
CA LEU A 328 61.23 -6.71 13.95
C LEU A 328 60.61 -5.87 15.07
N GLU A 329 59.88 -4.83 14.69
CA GLU A 329 59.21 -3.96 15.67
C GLU A 329 57.87 -4.60 16.00
N THR A 330 57.89 -5.56 16.92
CA THR A 330 56.68 -6.29 17.32
C THR A 330 55.64 -5.46 18.08
N HIS A 331 55.94 -4.17 18.27
CA HIS A 331 55.03 -3.28 18.99
C HIS A 331 54.34 -2.29 18.06
N LYS A 332 55.06 -1.83 17.03
CA LYS A 332 54.49 -0.90 16.06
C LYS A 332 53.81 -1.72 14.96
N LEU A 333 52.50 -1.93 15.11
CA LEU A 333 51.72 -2.71 14.17
C LEU A 333 51.94 -2.28 12.72
N ALA A 334 52.00 -0.97 12.53
CA ALA A 334 52.21 -0.38 11.20
C ALA A 334 53.55 -0.71 10.55
N SER A 335 54.42 -1.40 11.29
CA SER A 335 55.72 -1.79 10.75
C SER A 335 55.51 -2.91 9.75
N LEU A 336 54.34 -3.55 9.86
CA LEU A 336 53.94 -4.68 9.02
C LEU A 336 54.81 -5.87 9.38
N TRP A 337 55.22 -5.90 10.63
CA TRP A 337 56.06 -6.97 11.13
C TRP A 337 55.34 -8.30 11.02
N LYS A 338 54.04 -8.28 11.27
CA LYS A 338 53.22 -9.49 11.21
C LYS A 338 53.24 -10.12 9.83
N ASP A 339 53.29 -9.29 8.79
CA ASP A 339 53.28 -9.78 7.43
C ASP A 339 54.61 -10.36 7.00
N GLN A 340 55.71 -9.82 7.53
CA GLN A 340 57.01 -10.35 7.16
C GLN A 340 57.19 -11.70 7.82
N ALA A 341 56.86 -11.77 9.10
CA ALA A 341 56.98 -12.99 9.84
C ALA A 341 56.21 -14.10 9.17
N VAL A 342 54.93 -13.87 8.90
CA VAL A 342 54.12 -14.89 8.26
C VAL A 342 54.70 -15.37 6.94
N VAL A 343 55.33 -14.47 6.19
CA VAL A 343 55.92 -14.86 4.92
C VAL A 343 57.12 -15.77 5.17
N GLU A 344 58.02 -15.36 6.05
CA GLU A 344 59.22 -16.15 6.34
C GLU A 344 58.87 -17.50 6.91
N ILE A 345 57.75 -17.58 7.62
CA ILE A 345 57.31 -18.84 8.19
C ILE A 345 56.88 -19.75 7.05
N ASN A 346 56.09 -19.21 6.13
CA ASN A 346 55.63 -19.99 5.01
C ASN A 346 56.75 -20.41 4.07
N ILE A 347 57.84 -19.65 4.09
CA ILE A 347 59.01 -19.99 3.29
C ILE A 347 59.69 -21.17 3.99
N ALA A 348 59.78 -21.09 5.31
CA ALA A 348 60.39 -22.17 6.09
C ALA A 348 59.64 -23.46 5.78
N VAL A 349 58.31 -23.39 5.71
CA VAL A 349 57.51 -24.58 5.43
C VAL A 349 57.81 -25.18 4.07
N LEU A 350 57.65 -24.38 3.02
CA LEU A 350 57.90 -24.86 1.68
C LEU A 350 59.31 -25.39 1.56
N HIS A 351 60.27 -24.62 2.06
CA HIS A 351 61.66 -24.99 2.02
C HIS A 351 61.88 -26.35 2.65
N SER A 352 61.43 -26.49 3.88
CA SER A 352 61.60 -27.72 4.63
C SER A 352 61.04 -28.94 3.95
N PHE A 353 59.83 -28.81 3.39
CA PHE A 353 59.23 -29.92 2.69
C PHE A 353 60.04 -30.29 1.46
N GLN A 354 60.56 -29.27 0.78
CA GLN A 354 61.35 -29.50 -0.42
C GLN A 354 62.71 -30.11 -0.11
N LYS A 355 63.38 -29.60 0.91
CA LYS A 355 64.71 -30.10 1.29
C LYS A 355 64.62 -31.57 1.75
N GLN A 356 63.44 -32.00 2.17
CA GLN A 356 63.24 -33.36 2.64
C GLN A 356 62.50 -34.26 1.67
N ASN A 357 62.32 -33.77 0.45
CA ASN A 357 61.68 -34.52 -0.62
C ASN A 357 60.28 -35.01 -0.32
N VAL A 358 59.45 -34.09 0.18
CA VAL A 358 58.06 -34.38 0.51
C VAL A 358 57.21 -33.42 -0.30
N THR A 359 56.08 -33.92 -0.79
CA THR A 359 55.20 -33.11 -1.60
C THR A 359 54.46 -32.04 -0.80
N ILE A 360 54.54 -30.82 -1.31
CA ILE A 360 53.88 -29.65 -0.73
C ILE A 360 53.55 -28.81 -1.96
N MET A 361 52.58 -27.93 -1.84
CA MET A 361 52.20 -27.11 -2.97
C MET A 361 51.96 -25.70 -2.47
N ASP A 362 52.65 -24.72 -3.06
CA ASP A 362 52.47 -23.33 -2.65
C ASP A 362 51.11 -22.85 -3.11
N HIS A 363 50.55 -21.88 -2.40
CA HIS A 363 49.24 -21.35 -2.68
C HIS A 363 49.09 -20.59 -3.99
N HIS A 364 50.20 -20.28 -4.65
CA HIS A 364 50.12 -19.57 -5.91
C HIS A 364 49.85 -20.58 -7.02
N SER A 365 50.62 -21.66 -6.99
CA SER A 365 50.50 -22.75 -7.96
C SER A 365 49.13 -23.38 -7.82
N ALA A 366 48.68 -23.55 -6.58
CA ALA A 366 47.38 -24.13 -6.32
C ALA A 366 46.27 -23.28 -6.93
N ALA A 367 46.35 -21.98 -6.73
CA ALA A 367 45.34 -21.07 -7.25
C ALA A 367 45.27 -21.08 -8.77
N GLU A 368 46.42 -21.03 -9.41
CA GLU A 368 46.47 -21.03 -10.86
C GLU A 368 45.95 -22.33 -11.45
N SER A 369 46.11 -23.42 -10.70
CA SER A 369 45.63 -24.71 -11.18
C SER A 369 44.11 -24.76 -11.05
N PHE A 370 43.59 -24.11 -10.02
CA PHE A 370 42.15 -24.09 -9.79
C PHE A 370 41.41 -23.26 -10.84
N MET A 371 42.09 -22.26 -11.41
CA MET A 371 41.48 -21.43 -12.44
C MET A 371 41.30 -22.29 -13.66
N LYS A 372 42.32 -23.09 -13.94
CA LYS A 372 42.33 -24.00 -15.07
C LYS A 372 41.17 -24.99 -14.87
N TYR A 373 41.04 -25.51 -13.65
CA TYR A 373 39.97 -26.44 -13.30
C TYR A 373 38.59 -25.82 -13.48
N MET A 374 38.39 -24.63 -12.91
CA MET A 374 37.12 -23.93 -12.97
C MET A 374 36.67 -23.74 -14.40
N GLN A 375 37.62 -23.41 -15.26
CA GLN A 375 37.34 -23.20 -16.68
C GLN A 375 36.82 -24.50 -17.31
N ASN A 376 37.47 -25.62 -17.01
CA ASN A 376 37.09 -26.95 -17.52
C ASN A 376 35.68 -27.32 -17.11
N GLU A 377 35.33 -26.99 -15.88
CA GLU A 377 34.01 -27.27 -15.33
C GLU A 377 32.90 -26.59 -16.09
N TYR A 378 33.09 -25.32 -16.39
CA TYR A 378 32.10 -24.57 -17.14
C TYR A 378 32.04 -25.01 -18.60
N ARG A 379 33.18 -25.42 -19.15
CA ARG A 379 33.19 -25.88 -20.55
C ARG A 379 32.59 -27.28 -20.69
N SER A 380 32.68 -28.08 -19.64
CA SER A 380 32.14 -29.44 -19.69
C SER A 380 30.71 -29.52 -19.18
N ARG A 381 30.52 -29.32 -17.88
CA ARG A 381 29.19 -29.38 -17.29
C ARG A 381 28.51 -28.03 -17.01
N GLY A 382 29.12 -26.95 -17.48
CA GLY A 382 28.55 -25.61 -17.30
C GLY A 382 28.20 -25.19 -15.89
N GLY A 383 29.16 -25.32 -14.98
CA GLY A 383 28.93 -24.95 -13.60
C GLY A 383 30.06 -25.41 -12.69
N CYS A 384 30.24 -24.70 -11.58
CA CYS A 384 31.29 -25.05 -10.63
C CYS A 384 31.02 -24.47 -9.26
N PRO A 385 30.57 -25.32 -8.31
CA PRO A 385 30.30 -24.87 -6.95
C PRO A 385 31.59 -24.36 -6.33
N ALA A 386 31.60 -23.11 -5.91
CA ALA A 386 32.81 -22.52 -5.35
C ALA A 386 32.54 -21.56 -4.17
N ASP A 387 33.18 -21.86 -3.04
CA ASP A 387 33.05 -21.03 -1.84
C ASP A 387 34.29 -20.12 -1.82
N TRP A 388 34.09 -18.87 -2.23
CA TRP A 388 35.16 -17.87 -2.30
C TRP A 388 35.92 -17.73 -0.98
N ILE A 389 35.16 -17.61 0.10
CA ILE A 389 35.70 -17.46 1.45
C ILE A 389 36.69 -18.56 1.85
N TRP A 390 36.50 -19.76 1.30
CA TRP A 390 37.39 -20.87 1.61
C TRP A 390 38.51 -21.07 0.58
N LEU A 391 38.24 -20.72 -0.68
CA LEU A 391 39.21 -20.88 -1.75
C LEU A 391 40.35 -19.86 -1.77
N VAL A 392 40.06 -18.64 -1.35
CA VAL A 392 41.09 -17.60 -1.31
C VAL A 392 42.04 -17.88 -0.15
N PRO A 393 43.34 -18.03 -0.45
CA PRO A 393 44.39 -18.31 0.53
C PRO A 393 44.43 -17.28 1.66
N PRO A 394 44.76 -17.75 2.86
CA PRO A 394 44.86 -16.94 4.08
C PRO A 394 45.94 -15.88 4.09
N MET A 395 46.76 -15.83 3.03
CA MET A 395 47.80 -14.82 2.93
C MET A 395 47.92 -14.40 1.49
N SER A 396 48.15 -13.11 1.27
CA SER A 396 48.30 -12.56 -0.08
C SER A 396 47.10 -12.91 -0.95
N GLY A 397 45.91 -12.67 -0.42
CA GLY A 397 44.68 -12.97 -1.13
C GLY A 397 44.56 -12.49 -2.56
N SER A 398 44.53 -11.17 -2.77
CA SER A 398 44.38 -10.61 -4.11
C SER A 398 45.53 -10.85 -5.07
N ILE A 399 46.62 -11.42 -4.57
CA ILE A 399 47.77 -11.72 -5.41
C ILE A 399 47.50 -12.99 -6.21
N THR A 400 46.42 -13.67 -5.83
CA THR A 400 46.00 -14.89 -6.50
C THR A 400 44.76 -14.56 -7.34
N PRO A 401 44.60 -15.25 -8.49
CA PRO A 401 43.46 -15.04 -9.39
C PRO A 401 42.09 -15.46 -8.86
N VAL A 402 42.06 -16.36 -7.88
CA VAL A 402 40.79 -16.81 -7.30
C VAL A 402 40.11 -15.69 -6.54
N PHE A 403 40.91 -14.76 -6.03
CA PHE A 403 40.37 -13.61 -5.30
C PHE A 403 39.51 -12.78 -6.24
N HIS A 404 39.97 -12.64 -7.48
CA HIS A 404 39.26 -11.85 -8.48
C HIS A 404 38.17 -12.57 -9.23
N GLN A 405 37.91 -13.83 -8.85
CA GLN A 405 36.89 -14.64 -9.49
C GLN A 405 35.53 -14.63 -8.77
N GLU A 406 34.48 -14.20 -9.45
CA GLU A 406 33.13 -14.21 -8.86
C GLU A 406 32.68 -15.66 -8.95
N MET A 407 31.98 -16.14 -7.93
CA MET A 407 31.56 -17.53 -7.94
C MET A 407 30.26 -17.81 -7.22
N LEU A 408 29.63 -18.91 -7.63
CA LEU A 408 28.38 -19.34 -7.02
C LEU A 408 28.66 -20.56 -6.16
N ASN A 409 28.10 -20.56 -4.97
CA ASN A 409 28.29 -21.69 -4.07
C ASN A 409 26.95 -22.43 -3.92
N TYR A 410 27.00 -23.75 -4.09
CA TYR A 410 25.81 -24.55 -3.96
C TYR A 410 26.14 -25.99 -3.70
N VAL A 411 25.20 -26.69 -3.09
CA VAL A 411 25.37 -28.09 -2.75
C VAL A 411 24.77 -29.01 -3.82
N LEU A 412 25.54 -30.00 -4.27
CA LEU A 412 25.08 -30.96 -5.28
C LEU A 412 25.18 -32.36 -4.68
N SER A 413 25.13 -33.38 -5.54
CA SER A 413 25.23 -34.77 -5.11
C SER A 413 25.90 -35.59 -6.20
N PRO A 414 26.88 -36.45 -5.83
CA PRO A 414 27.40 -36.75 -4.48
C PRO A 414 28.02 -35.53 -3.78
N PHE A 415 28.28 -35.65 -2.48
CA PHE A 415 28.80 -34.52 -1.74
C PHE A 415 29.39 -34.94 -0.39
N TYR A 416 30.37 -34.19 0.09
CA TYR A 416 31.00 -34.46 1.38
C TYR A 416 30.46 -33.47 2.43
N TYR A 417 29.59 -33.98 3.29
CA TYR A 417 29.01 -33.16 4.35
C TYR A 417 29.79 -33.34 5.63
N TYR A 418 29.64 -32.38 6.54
CA TYR A 418 30.29 -32.46 7.84
C TYR A 418 29.42 -33.38 8.67
N GLN A 419 29.76 -33.49 9.95
CA GLN A 419 29.00 -34.31 10.88
C GLN A 419 29.19 -33.73 12.27
N VAL A 420 28.27 -34.07 13.17
CA VAL A 420 28.39 -33.62 14.55
C VAL A 420 29.37 -34.64 15.14
N GLU A 421 30.52 -34.16 15.60
CA GLU A 421 31.54 -35.02 16.17
C GLU A 421 30.94 -36.11 17.05
N ALA A 422 31.08 -37.34 16.58
CA ALA A 422 30.57 -38.52 17.23
C ALA A 422 30.35 -38.51 18.74
N TRP A 423 31.42 -38.29 19.50
CA TRP A 423 31.32 -38.29 20.95
C TRP A 423 30.22 -37.41 21.52
N LYS A 424 29.97 -36.28 20.89
CA LYS A 424 28.94 -35.38 21.38
C LYS A 424 27.52 -35.96 21.31
N THR A 425 27.30 -36.94 20.44
CA THR A 425 25.98 -37.55 20.29
C THR A 425 25.95 -39.04 20.57
N HIS A 426 27.09 -39.61 20.95
CA HIS A 426 27.16 -41.04 21.21
C HIS A 426 26.34 -41.52 22.40
N VAL A 427 25.87 -42.76 22.28
CA VAL A 427 25.09 -43.47 23.28
C VAL A 427 25.99 -44.56 23.85
N TRP A 428 26.80 -44.18 24.83
CA TRP A 428 27.75 -45.08 25.47
C TRP A 428 27.14 -46.29 26.17
N GLN A 429 27.84 -47.41 26.13
CA GLN A 429 27.40 -48.64 26.78
C GLN A 429 28.20 -48.90 28.06
N ARG B 10 13.67 -13.82 17.54
CA ARG B 10 14.54 -14.59 16.61
C ARG B 10 15.98 -14.09 16.68
N HIS B 11 16.90 -15.02 16.93
CA HIS B 11 18.31 -14.70 17.06
C HIS B 11 19.15 -15.62 16.18
N VAL B 12 20.11 -15.04 15.44
CA VAL B 12 21.01 -15.83 14.61
C VAL B 12 22.37 -15.67 15.27
N ARG B 13 22.98 -16.78 15.65
CA ARG B 13 24.28 -16.77 16.33
C ARG B 13 25.51 -16.81 15.44
N ILE B 14 26.43 -15.87 15.70
CA ILE B 14 27.70 -15.78 14.96
C ILE B 14 28.84 -15.78 15.96
N LYS B 15 29.90 -16.52 15.65
CA LYS B 15 31.03 -16.63 16.54
C LYS B 15 32.33 -16.19 15.86
N ASN B 16 33.32 -15.81 16.67
CA ASN B 16 34.64 -15.44 16.18
C ASN B 16 35.52 -16.57 16.68
N TRP B 17 35.97 -17.41 15.76
CA TRP B 17 36.79 -18.57 16.11
C TRP B 17 38.17 -18.27 16.65
N GLY B 18 38.59 -17.01 16.56
CA GLY B 18 39.89 -16.62 17.07
C GLY B 18 39.84 -16.30 18.55
N SER B 19 38.79 -15.59 18.97
CA SER B 19 38.61 -15.18 20.36
C SER B 19 37.54 -15.97 21.11
N GLY B 20 36.70 -16.69 20.37
CA GLY B 20 35.63 -17.46 20.98
C GLY B 20 34.35 -16.68 21.23
N MET B 21 34.44 -15.35 21.16
CA MET B 21 33.30 -14.46 21.37
C MET B 21 32.12 -14.71 20.43
N THR B 22 30.91 -14.62 20.97
CA THR B 22 29.71 -14.83 20.19
C THR B 22 28.80 -13.60 20.23
N PHE B 23 27.94 -13.51 19.23
CA PHE B 23 26.99 -12.41 19.10
C PHE B 23 25.66 -13.01 18.67
N GLN B 24 24.58 -12.33 19.02
CA GLN B 24 23.23 -12.76 18.65
C GLN B 24 22.66 -11.63 17.78
N ASP B 25 22.61 -11.87 16.47
CA ASP B 25 22.08 -10.87 15.56
C ASP B 25 20.56 -10.92 15.42
N THR B 26 19.93 -9.79 15.72
CA THR B 26 18.49 -9.63 15.64
C THR B 26 18.17 -8.54 14.63
N LEU B 27 19.15 -7.67 14.38
CA LEU B 27 19.00 -6.54 13.45
C LEU B 27 18.68 -6.92 12.00
N HIS B 28 19.00 -8.15 11.60
CA HIS B 28 18.75 -8.58 10.23
C HIS B 28 17.29 -8.66 9.83
N HIS B 29 16.40 -8.53 10.82
CA HIS B 29 14.95 -8.56 10.56
C HIS B 29 14.47 -7.29 9.85
N LYS B 30 15.11 -6.16 10.18
CA LYS B 30 14.76 -4.85 9.60
C LYS B 30 15.40 -4.60 8.23
N ALA B 31 16.08 -5.62 7.70
CA ALA B 31 16.75 -5.53 6.40
C ALA B 31 15.79 -5.62 5.22
N LYS B 32 16.11 -4.86 4.18
CA LYS B 32 15.30 -4.86 2.97
C LYS B 32 15.68 -6.13 2.19
N GLY B 33 14.71 -7.03 2.03
CA GLY B 33 14.95 -8.27 1.31
C GLY B 33 15.15 -8.07 -0.17
N ILE B 34 16.38 -7.76 -0.57
CA ILE B 34 16.69 -7.51 -1.97
C ILE B 34 17.87 -8.32 -2.49
N LEU B 35 18.56 -9.02 -1.58
CA LEU B 35 19.72 -9.83 -1.95
C LEU B 35 19.33 -10.99 -2.85
N THR B 36 20.20 -11.33 -3.81
CA THR B 36 19.96 -12.40 -4.78
C THR B 36 20.34 -13.82 -4.35
N CYS B 37 20.75 -13.98 -3.10
CA CYS B 37 21.11 -15.30 -2.59
C CYS B 37 19.87 -16.16 -2.39
N ARG B 38 19.80 -17.30 -3.09
CA ARG B 38 18.66 -18.21 -2.96
C ARG B 38 19.02 -19.35 -2.00
N SER B 39 18.02 -20.19 -1.70
CA SER B 39 18.23 -21.33 -0.82
C SER B 39 19.06 -22.38 -1.55
N LYS B 40 19.01 -22.33 -2.88
CA LYS B 40 19.73 -23.27 -3.74
C LYS B 40 21.17 -22.87 -4.03
N SER B 41 21.45 -21.56 -4.01
CA SER B 41 22.80 -21.05 -4.29
C SER B 41 23.10 -19.68 -3.67
N CYS B 42 24.35 -19.52 -3.21
CA CYS B 42 24.84 -18.28 -2.60
C CYS B 42 25.71 -17.51 -3.61
N LEU B 43 25.39 -16.25 -3.81
CA LEU B 43 26.15 -15.42 -4.75
C LEU B 43 26.71 -14.19 -4.02
N GLY B 44 27.27 -14.41 -2.83
CA GLY B 44 27.82 -13.31 -2.05
C GLY B 44 29.14 -12.77 -2.57
N SER B 45 29.74 -13.47 -3.53
CA SER B 45 31.02 -13.06 -4.12
C SER B 45 30.89 -12.17 -5.36
N ILE B 46 29.66 -11.81 -5.73
CA ILE B 46 29.43 -10.94 -6.88
C ILE B 46 29.81 -9.52 -6.46
N MET B 47 30.77 -8.94 -7.18
CA MET B 47 31.28 -7.60 -6.87
C MET B 47 30.27 -6.47 -6.74
N THR B 48 29.56 -6.18 -7.82
CA THR B 48 28.54 -5.13 -7.80
C THR B 48 27.21 -5.72 -8.30
N PRO B 49 26.52 -6.49 -7.43
CA PRO B 49 25.25 -7.11 -7.79
C PRO B 49 24.13 -6.09 -7.98
N LYS B 50 23.06 -6.51 -8.66
CA LYS B 50 21.93 -5.62 -8.92
C LYS B 50 21.22 -5.21 -7.62
N SER B 51 21.28 -6.08 -6.63
CA SER B 51 20.66 -5.81 -5.33
C SER B 51 21.26 -4.58 -4.65
N LEU B 52 22.57 -4.40 -4.79
CA LEU B 52 23.30 -3.27 -4.20
C LEU B 52 23.35 -2.04 -5.10
N THR B 53 22.84 -2.19 -6.32
CA THR B 53 22.79 -1.10 -7.28
C THR B 53 21.43 -0.42 -7.15
N ARG B 54 21.34 0.84 -7.57
CA ARG B 54 20.09 1.59 -7.53
C ARG B 54 20.00 2.42 -8.81
N GLY B 55 19.42 1.80 -9.85
CA GLY B 55 19.30 2.42 -11.16
C GLY B 55 18.68 3.80 -11.31
N PRO B 56 18.43 4.24 -12.55
CA PRO B 56 17.84 5.55 -12.86
C PRO B 56 16.32 5.50 -12.90
N ARG B 57 15.70 6.67 -12.92
CA ARG B 57 14.25 6.80 -12.99
C ARG B 57 13.91 7.74 -14.13
N ASP B 58 12.63 7.78 -14.46
CA ASP B 58 12.13 8.68 -15.49
C ASP B 58 10.75 9.13 -15.00
N LYS B 59 10.38 8.68 -13.80
CA LYS B 59 9.11 9.00 -13.15
C LYS B 59 9.42 9.06 -11.65
N PRO B 60 8.96 10.12 -10.96
CA PRO B 60 9.19 10.28 -9.52
C PRO B 60 8.68 9.10 -8.70
N THR B 61 9.25 8.91 -7.51
CA THR B 61 8.81 7.85 -6.62
C THR B 61 7.39 8.13 -6.18
N PRO B 62 6.46 7.18 -6.44
CA PRO B 62 5.05 7.34 -6.07
C PRO B 62 4.90 7.69 -4.60
N PRO B 63 4.18 8.79 -4.31
CA PRO B 63 4.02 9.22 -2.91
C PRO B 63 3.41 8.14 -2.05
N ASP B 64 2.54 7.35 -2.66
CA ASP B 64 1.94 6.20 -2.01
C ASP B 64 3.03 5.33 -1.40
N GLU B 65 4.02 5.04 -2.24
CA GLU B 65 5.14 4.17 -1.91
C GLU B 65 6.16 4.82 -0.96
N LEU B 66 6.26 6.14 -1.01
CA LEU B 66 7.28 6.86 -0.24
C LEU B 66 6.94 7.12 1.24
N LEU B 67 5.66 7.33 1.54
CA LEU B 67 5.20 7.70 2.89
C LEU B 67 5.73 6.80 4.01
N PRO B 68 5.64 5.47 3.85
CA PRO B 68 6.11 4.55 4.89
C PRO B 68 7.58 4.75 5.21
N GLN B 69 8.37 4.82 4.14
CA GLN B 69 9.82 4.99 4.23
C GLN B 69 10.16 6.31 4.89
N ALA B 70 9.36 7.34 4.61
CA ALA B 70 9.57 8.66 5.16
C ALA B 70 9.31 8.67 6.66
N ILE B 71 8.20 8.08 7.08
CA ILE B 71 7.84 8.01 8.49
C ILE B 71 8.89 7.17 9.21
N GLU B 72 9.23 6.03 8.64
CA GLU B 72 10.22 5.11 9.22
C GLU B 72 11.53 5.82 9.54
N PHE B 73 11.98 6.68 8.63
CA PHE B 73 13.23 7.43 8.85
C PHE B 73 13.09 8.42 10.00
N VAL B 74 11.98 9.16 10.01
CA VAL B 74 11.73 10.16 11.05
C VAL B 74 11.74 9.56 12.45
N ASN B 75 11.18 8.36 12.56
CA ASN B 75 11.12 7.67 13.84
C ASN B 75 12.51 7.23 14.22
N GLN B 76 13.25 6.77 13.22
CA GLN B 76 14.62 6.30 13.42
C GLN B 76 15.49 7.49 13.81
N TYR B 77 15.16 8.64 13.24
CA TYR B 77 15.88 9.88 13.50
C TYR B 77 15.66 10.29 14.95
N TYR B 78 14.40 10.49 15.34
CA TYR B 78 14.07 10.90 16.69
C TYR B 78 14.41 9.82 17.71
N GLY B 79 14.57 8.60 17.24
CA GLY B 79 14.94 7.50 18.11
C GLY B 79 16.42 7.55 18.49
N SER B 80 17.21 8.27 17.68
CA SER B 80 18.65 8.42 17.92
C SER B 80 18.96 9.28 19.14
N PHE B 81 18.12 10.27 19.39
CA PHE B 81 18.31 11.18 20.52
C PHE B 81 18.18 10.50 21.87
N LYS B 82 19.13 10.81 22.75
CA LYS B 82 19.17 10.26 24.09
C LYS B 82 17.99 10.73 24.95
N GLU B 83 17.53 11.95 24.71
CA GLU B 83 16.39 12.51 25.45
C GLU B 83 15.10 11.93 24.88
N ALA B 84 14.11 12.81 24.74
CA ALA B 84 12.82 12.47 24.19
C ALA B 84 12.34 13.83 23.69
N LYS B 85 11.98 13.89 22.42
CA LYS B 85 11.50 15.15 21.83
C LYS B 85 10.06 14.99 21.37
N ILE B 86 9.32 14.21 22.15
CA ILE B 86 7.91 13.90 21.93
C ILE B 86 7.17 14.89 21.05
N GLU B 87 7.14 16.14 21.48
CA GLU B 87 6.45 17.20 20.76
C GLU B 87 6.91 17.40 19.32
N GLU B 88 8.20 17.70 19.16
CA GLU B 88 8.82 17.96 17.86
C GLU B 88 8.72 16.74 16.93
N HIS B 89 8.87 15.55 17.52
CA HIS B 89 8.80 14.30 16.79
C HIS B 89 7.46 14.23 16.06
N LEU B 90 6.39 14.17 16.86
CA LEU B 90 5.02 14.09 16.38
C LEU B 90 4.72 15.17 15.34
N ALA B 91 5.20 16.39 15.60
CA ALA B 91 4.99 17.51 14.69
C ALA B 91 5.62 17.20 13.34
N ARG B 92 6.87 16.76 13.38
CA ARG B 92 7.62 16.43 12.18
C ARG B 92 6.93 15.33 11.37
N VAL B 93 6.39 14.34 12.07
CA VAL B 93 5.72 13.23 11.41
C VAL B 93 4.53 13.71 10.56
N GLU B 94 3.71 14.57 11.15
CA GLU B 94 2.56 15.10 10.43
C GLU B 94 3.01 16.06 9.34
N ALA B 95 4.03 16.86 9.65
CA ALA B 95 4.56 17.83 8.70
C ALA B 95 5.00 17.15 7.40
N VAL B 96 5.63 15.99 7.57
CA VAL B 96 6.12 15.18 6.45
C VAL B 96 4.96 14.55 5.70
N THR B 97 4.00 13.99 6.44
CA THR B 97 2.83 13.34 5.86
C THR B 97 2.09 14.34 4.98
N LYS B 98 1.91 15.54 5.52
CA LYS B 98 1.23 16.60 4.82
C LYS B 98 2.03 17.01 3.59
N GLU B 99 3.34 17.18 3.76
CA GLU B 99 4.22 17.59 2.66
C GLU B 99 4.23 16.61 1.48
N ILE B 100 4.30 15.32 1.77
CA ILE B 100 4.31 14.32 0.71
C ILE B 100 2.96 14.29 0.02
N GLU B 101 1.91 14.49 0.81
CA GLU B 101 0.55 14.49 0.31
C GLU B 101 0.36 15.61 -0.71
N THR B 102 0.84 16.81 -0.38
CA THR B 102 0.73 17.95 -1.26
C THR B 102 1.72 17.97 -2.43
N THR B 103 3.02 18.05 -2.11
CA THR B 103 4.08 18.10 -3.12
C THR B 103 4.45 16.77 -3.78
N GLY B 104 4.22 15.66 -3.07
CA GLY B 104 4.54 14.36 -3.62
C GLY B 104 5.92 13.88 -3.23
N THR B 105 6.55 14.65 -2.33
CA THR B 105 7.89 14.35 -1.82
C THR B 105 8.16 15.25 -0.63
N TYR B 106 9.29 15.08 0.03
CA TYR B 106 9.62 15.90 1.18
C TYR B 106 11.08 16.34 1.23
N GLN B 107 11.38 17.23 2.17
CA GLN B 107 12.72 17.78 2.34
C GLN B 107 13.17 17.54 3.77
N LEU B 108 14.11 16.63 3.93
CA LEU B 108 14.65 16.34 5.25
C LEU B 108 15.38 17.57 5.76
N THR B 109 15.29 17.81 7.07
CA THR B 109 15.94 18.96 7.67
C THR B 109 17.43 18.85 7.51
N GLY B 110 18.12 19.95 7.76
CA GLY B 110 19.57 19.97 7.66
C GLY B 110 20.24 19.05 8.66
N ASP B 111 19.63 18.92 9.83
CA ASP B 111 20.16 18.06 10.87
C ASP B 111 19.83 16.60 10.59
N GLU B 112 18.72 16.35 9.91
CA GLU B 112 18.33 14.99 9.56
C GLU B 112 19.32 14.47 8.53
N LEU B 113 19.72 15.33 7.62
CA LEU B 113 20.67 14.96 6.59
C LEU B 113 21.98 14.55 7.26
N ILE B 114 22.33 15.25 8.34
CA ILE B 114 23.55 14.93 9.07
C ILE B 114 23.42 13.52 9.64
N PHE B 115 22.26 13.24 10.24
CA PHE B 115 22.03 11.92 10.81
C PHE B 115 22.06 10.82 9.76
N ALA B 116 21.41 11.09 8.63
CA ALA B 116 21.32 10.10 7.55
C ALA B 116 22.66 9.68 6.99
N THR B 117 23.51 10.65 6.69
CA THR B 117 24.83 10.39 6.14
C THR B 117 25.67 9.55 7.09
N LYS B 118 25.67 9.90 8.38
CA LYS B 118 26.43 9.17 9.38
C LYS B 118 25.85 7.76 9.56
N GLN B 119 24.53 7.66 9.49
CA GLN B 119 23.87 6.37 9.67
C GLN B 119 24.11 5.44 8.49
N ALA B 120 24.08 5.98 7.28
CA ALA B 120 24.29 5.17 6.09
C ALA B 120 25.72 4.61 6.09
N TRP B 121 26.64 5.38 6.66
CA TRP B 121 28.04 4.98 6.78
C TRP B 121 28.04 3.82 7.75
N ARG B 122 27.38 4.02 8.88
CA ARG B 122 27.28 3.01 9.90
C ARG B 122 26.64 1.76 9.30
N ASN B 123 25.84 1.96 8.25
CA ASN B 123 25.15 0.86 7.57
C ASN B 123 25.81 0.38 6.28
N ALA B 124 27.07 0.74 6.07
CA ALA B 124 27.83 0.33 4.88
C ALA B 124 28.60 -0.93 5.27
N PRO B 125 28.05 -2.11 4.94
CA PRO B 125 28.63 -3.42 5.24
C PRO B 125 30.02 -3.74 4.68
N ARG B 126 30.53 -2.93 3.76
CA ARG B 126 31.86 -3.14 3.15
C ARG B 126 32.95 -2.19 3.66
N CYS B 127 32.58 -1.19 4.44
CA CYS B 127 33.54 -0.23 4.98
C CYS B 127 34.12 -0.81 6.26
N ILE B 128 35.44 -0.95 6.31
CA ILE B 128 36.11 -1.49 7.49
C ILE B 128 36.42 -0.36 8.49
N GLY B 129 36.26 0.89 8.06
CA GLY B 129 36.55 2.00 8.95
C GLY B 129 35.33 2.58 9.60
N ARG B 130 34.27 1.79 9.74
CA ARG B 130 33.03 2.27 10.34
C ARG B 130 33.11 2.72 11.79
N ILE B 131 34.25 2.51 12.43
CA ILE B 131 34.39 2.95 13.82
C ILE B 131 34.33 4.47 13.91
N GLN B 132 34.60 5.13 12.78
CA GLN B 132 34.59 6.58 12.67
C GLN B 132 33.23 7.11 12.22
N TRP B 133 32.23 6.24 12.18
CA TRP B 133 30.89 6.60 11.71
C TRP B 133 30.27 7.92 12.22
N SER B 134 30.30 8.13 13.54
CA SER B 134 29.73 9.34 14.13
C SER B 134 30.70 10.52 14.09
N ASN B 135 31.51 10.58 13.04
CA ASN B 135 32.51 11.62 12.89
C ASN B 135 32.63 11.95 11.41
N LEU B 136 31.72 12.79 10.93
CA LEU B 136 31.71 13.16 9.52
C LEU B 136 31.27 14.61 9.36
N GLN B 137 31.88 15.31 8.41
CA GLN B 137 31.54 16.70 8.14
C GLN B 137 30.61 16.70 6.94
N VAL B 138 29.40 17.18 7.14
CA VAL B 138 28.40 17.22 6.08
C VAL B 138 28.31 18.59 5.42
N PHE B 139 28.44 18.59 4.10
CA PHE B 139 28.36 19.80 3.31
C PHE B 139 27.04 19.76 2.58
N ASP B 140 26.07 20.51 3.08
CA ASP B 140 24.75 20.57 2.46
C ASP B 140 24.86 21.45 1.23
N ALA B 141 24.61 20.85 0.08
CA ALA B 141 24.68 21.55 -1.18
C ALA B 141 23.47 21.18 -2.00
N ARG B 142 22.33 21.04 -1.33
CA ARG B 142 21.08 20.71 -2.01
C ARG B 142 20.58 21.97 -2.70
N SER B 143 21.01 23.13 -2.18
CA SER B 143 20.63 24.43 -2.74
C SER B 143 21.25 24.61 -4.14
N CYS B 144 22.34 23.89 -4.40
CA CYS B 144 23.08 23.92 -5.67
C CYS B 144 22.19 23.88 -6.91
N SER B 145 22.69 24.44 -8.02
CA SER B 145 21.95 24.51 -9.28
C SER B 145 22.74 24.32 -10.59
N THR B 146 24.03 24.64 -10.61
CA THR B 146 24.85 24.50 -11.82
C THR B 146 26.06 23.60 -11.69
N ALA B 147 26.56 23.11 -12.82
CA ALA B 147 27.74 22.26 -12.86
C ALA B 147 28.88 23.06 -12.25
N ARG B 148 29.00 24.31 -12.68
CA ARG B 148 30.02 25.21 -12.17
C ARG B 148 29.90 25.28 -10.64
N GLU B 149 28.68 25.35 -10.13
CA GLU B 149 28.46 25.40 -8.68
C GLU B 149 28.95 24.13 -7.99
N MET B 150 28.63 22.98 -8.60
CA MET B 150 29.03 21.69 -8.06
C MET B 150 30.53 21.69 -7.90
N PHE B 151 31.22 22.10 -8.95
CA PHE B 151 32.67 22.18 -8.96
C PHE B 151 33.19 23.01 -7.78
N GLU B 152 32.54 24.14 -7.53
CA GLU B 152 32.94 25.03 -6.45
C GLU B 152 32.74 24.37 -5.08
N HIS B 153 31.74 23.49 -5.01
CA HIS B 153 31.45 22.77 -3.78
C HIS B 153 32.46 21.67 -3.53
N ILE B 154 32.79 20.98 -4.63
CA ILE B 154 33.74 19.89 -4.60
C ILE B 154 35.11 20.42 -4.18
N CYS B 155 35.54 21.53 -4.76
CA CYS B 155 36.83 22.14 -4.43
C CYS B 155 36.87 22.49 -2.94
N ARG B 156 35.70 22.77 -2.35
CA ARG B 156 35.64 23.11 -0.94
C ARG B 156 35.91 21.85 -0.12
N HIS B 157 35.22 20.78 -0.53
CA HIS B 157 35.33 19.48 0.12
C HIS B 157 36.79 19.03 0.11
N VAL B 158 37.41 19.02 -1.06
CA VAL B 158 38.80 18.60 -1.22
C VAL B 158 39.74 19.37 -0.30
N ARG B 159 39.63 20.70 -0.30
CA ARG B 159 40.49 21.52 0.54
C ARG B 159 40.26 21.23 2.01
N TYR B 160 39.00 21.05 2.38
CA TYR B 160 38.64 20.77 3.75
C TYR B 160 39.17 19.42 4.21
N SER B 161 38.90 18.39 3.42
CA SER B 161 39.32 17.05 3.78
C SER B 161 40.81 16.83 3.72
N THR B 162 41.45 17.31 2.65
CA THR B 162 42.90 17.16 2.53
C THR B 162 43.55 17.74 3.79
N ASN B 163 43.09 18.91 4.21
CA ASN B 163 43.59 19.55 5.43
C ASN B 163 45.12 19.50 5.54
N ASN B 164 45.80 19.76 4.43
CA ASN B 164 47.27 19.77 4.41
C ASN B 164 47.91 18.53 5.03
N GLY B 165 47.42 17.34 4.65
CA GLY B 165 47.97 16.11 5.18
C GLY B 165 47.11 15.38 6.19
N ASN B 166 46.64 16.09 7.21
CA ASN B 166 45.80 15.48 8.24
C ASN B 166 44.40 15.29 7.67
N ILE B 167 44.21 14.17 6.97
CA ILE B 167 42.92 13.86 6.33
C ILE B 167 41.71 13.82 7.27
N ARG B 168 40.59 14.34 6.77
CA ARG B 168 39.34 14.39 7.50
C ARG B 168 38.20 13.85 6.64
N SER B 169 37.28 13.13 7.28
CA SER B 169 36.12 12.55 6.60
C SER B 169 35.06 13.61 6.34
N ALA B 170 34.41 13.50 5.19
CA ALA B 170 33.38 14.43 4.81
C ALA B 170 32.56 13.93 3.64
N ILE B 171 31.35 14.46 3.52
CA ILE B 171 30.44 14.11 2.44
C ILE B 171 29.81 15.41 1.94
N THR B 172 29.60 15.50 0.63
CA THR B 172 28.99 16.67 0.05
C THR B 172 27.71 16.19 -0.59
N VAL B 173 26.57 16.62 -0.05
CA VAL B 173 25.26 16.20 -0.55
C VAL B 173 24.64 17.14 -1.56
N PHE B 174 24.50 16.65 -2.78
CA PHE B 174 23.90 17.42 -3.85
C PHE B 174 22.41 17.17 -3.83
N PRO B 175 21.64 17.99 -4.55
CA PRO B 175 20.19 17.86 -4.61
C PRO B 175 19.72 16.45 -4.87
N GLN B 176 18.61 16.12 -4.21
CA GLN B 176 17.97 14.81 -4.32
C GLN B 176 17.31 14.64 -5.68
N ARG B 177 17.25 13.40 -6.14
CA ARG B 177 16.63 13.07 -7.42
C ARG B 177 15.13 13.33 -7.34
N SER B 178 14.58 13.83 -8.44
CA SER B 178 13.15 14.12 -8.51
C SER B 178 12.53 13.28 -9.63
N ASP B 179 12.56 13.83 -10.84
CA ASP B 179 12.03 13.15 -12.01
C ASP B 179 12.84 11.91 -12.32
N GLY B 180 14.15 12.04 -12.09
CA GLY B 180 15.08 10.99 -12.41
C GLY B 180 15.63 11.41 -13.77
N LYS B 181 15.14 12.58 -14.22
CA LYS B 181 15.51 13.20 -15.49
C LYS B 181 16.27 14.48 -15.12
N HIS B 182 16.40 14.74 -13.82
CA HIS B 182 17.09 15.93 -13.35
C HIS B 182 18.03 15.54 -12.25
N ASP B 183 18.92 14.60 -12.56
CA ASP B 183 19.90 14.14 -11.59
C ASP B 183 21.08 15.07 -11.49
N PHE B 184 21.61 15.17 -10.28
CA PHE B 184 22.78 15.99 -10.01
C PHE B 184 23.81 15.00 -9.53
N ARG B 185 24.80 14.69 -10.38
CA ARG B 185 25.82 13.73 -9.98
C ARG B 185 27.20 13.80 -10.64
N VAL B 186 28.22 13.31 -9.91
CA VAL B 186 29.60 13.28 -10.38
C VAL B 186 29.85 11.95 -11.07
N TRP B 187 29.95 11.97 -12.39
CA TRP B 187 30.17 10.75 -13.16
C TRP B 187 31.44 9.98 -12.78
N ASN B 188 32.42 10.70 -12.23
CA ASN B 188 33.70 10.12 -11.85
C ASN B 188 33.54 9.10 -10.75
N ALA B 189 34.32 8.02 -10.84
CA ALA B 189 34.29 6.97 -9.83
C ALA B 189 34.79 7.54 -8.50
N GLN B 190 35.72 8.48 -8.62
CA GLN B 190 36.32 9.19 -7.48
C GLN B 190 36.67 10.58 -7.95
N LEU B 191 36.73 11.51 -7.02
CA LEU B 191 37.09 12.88 -7.35
C LEU B 191 38.49 12.89 -7.98
N ILE B 192 39.46 12.45 -7.19
CA ILE B 192 40.84 12.40 -7.65
C ILE B 192 41.15 10.98 -8.13
N ARG B 193 41.58 10.86 -9.38
CA ARG B 193 41.92 9.54 -9.93
C ARG B 193 42.75 9.66 -11.21
N TYR B 194 43.80 8.86 -11.32
CA TYR B 194 44.68 8.88 -12.49
C TYR B 194 44.01 8.34 -13.73
N ALA B 195 44.46 8.82 -14.88
CA ALA B 195 43.88 8.41 -16.14
C ALA B 195 44.51 7.13 -16.64
N GLY B 196 43.90 6.54 -17.67
CA GLY B 196 44.40 5.32 -18.26
C GLY B 196 44.21 5.40 -19.76
N TYR B 197 45.29 5.24 -20.51
CA TYR B 197 45.23 5.34 -21.96
C TYR B 197 45.54 4.02 -22.65
N GLN B 198 44.93 3.79 -23.80
CA GLN B 198 45.21 2.58 -24.55
C GLN B 198 46.18 2.96 -25.66
N MET B 199 47.46 2.67 -25.45
CA MET B 199 48.52 2.98 -26.41
C MET B 199 48.36 2.26 -27.73
N PRO B 200 48.92 2.83 -28.82
CA PRO B 200 48.85 2.27 -30.16
C PRO B 200 49.37 0.85 -30.31
N ASP B 201 50.11 0.35 -29.32
CA ASP B 201 50.64 -1.02 -29.40
C ASP B 201 49.80 -1.97 -28.53
N GLY B 202 48.58 -1.54 -28.22
CA GLY B 202 47.70 -2.35 -27.39
C GLY B 202 47.86 -2.15 -25.90
N SER B 203 49.09 -1.96 -25.44
CA SER B 203 49.37 -1.75 -24.01
C SER B 203 48.59 -0.61 -23.38
N ILE B 204 48.58 -0.60 -22.04
CA ILE B 204 47.86 0.42 -21.28
C ILE B 204 48.86 1.26 -20.49
N ARG B 205 48.72 2.58 -20.57
CA ARG B 205 49.58 3.49 -19.82
C ARG B 205 48.67 4.08 -18.78
N GLY B 206 49.16 4.19 -17.54
CA GLY B 206 48.34 4.74 -16.48
C GLY B 206 47.50 3.69 -15.76
N ASP B 207 46.39 4.13 -15.16
CA ASP B 207 45.47 3.25 -14.43
C ASP B 207 44.46 2.61 -15.38
N PRO B 208 44.56 1.28 -15.58
CA PRO B 208 43.68 0.51 -16.47
C PRO B 208 42.19 0.60 -16.15
N ALA B 209 41.88 0.78 -14.87
CA ALA B 209 40.51 0.87 -14.41
C ALA B 209 39.83 2.18 -14.80
N ASN B 210 40.52 3.04 -15.54
CA ASN B 210 39.94 4.31 -15.95
C ASN B 210 39.99 4.53 -17.44
N VAL B 211 40.30 3.48 -18.19
CA VAL B 211 40.38 3.54 -19.64
C VAL B 211 39.08 4.05 -20.23
N GLU B 212 37.98 3.41 -19.88
CA GLU B 212 36.68 3.80 -20.40
C GLU B 212 36.32 5.22 -20.00
N PHE B 213 36.53 5.56 -18.74
CA PHE B 213 36.18 6.89 -18.27
C PHE B 213 37.00 7.98 -18.97
N THR B 214 38.30 7.76 -19.08
CA THR B 214 39.18 8.74 -19.73
C THR B 214 38.80 8.89 -21.18
N GLN B 215 38.44 7.77 -21.82
CA GLN B 215 38.04 7.82 -23.23
C GLN B 215 36.87 8.77 -23.35
N LEU B 216 35.99 8.73 -22.36
CA LEU B 216 34.82 9.59 -22.34
C LEU B 216 35.31 11.03 -22.28
N CYS B 217 36.14 11.33 -21.29
CA CYS B 217 36.68 12.67 -21.11
C CYS B 217 37.28 13.20 -22.42
N ILE B 218 38.02 12.33 -23.11
CA ILE B 218 38.65 12.69 -24.37
C ILE B 218 37.56 13.02 -25.38
N ASP B 219 36.50 12.20 -25.39
CA ASP B 219 35.38 12.42 -26.30
C ASP B 219 34.75 13.78 -26.02
N LEU B 220 34.84 14.21 -24.77
CA LEU B 220 34.28 15.48 -24.34
C LEU B 220 35.28 16.63 -24.42
N GLY B 221 36.26 16.49 -25.31
CA GLY B 221 37.26 17.52 -25.52
C GLY B 221 38.40 17.64 -24.53
N TRP B 222 38.79 16.56 -23.88
CA TRP B 222 39.91 16.63 -22.94
C TRP B 222 41.16 16.16 -23.67
N LYS B 223 42.25 16.89 -23.45
CA LYS B 223 43.52 16.57 -24.09
C LYS B 223 44.30 15.56 -23.28
N PRO B 224 44.39 14.32 -23.80
CA PRO B 224 45.12 13.24 -23.15
C PRO B 224 46.58 13.61 -23.00
N LYS B 225 47.07 13.61 -21.77
CA LYS B 225 48.45 13.97 -21.52
C LYS B 225 49.38 12.77 -21.56
N TYR B 226 48.87 11.65 -22.06
CA TYR B 226 49.59 10.38 -22.20
C TYR B 226 50.70 10.07 -21.21
N GLY B 227 50.46 10.39 -19.94
CA GLY B 227 51.42 10.12 -18.88
C GLY B 227 50.91 8.98 -18.02
N ARG B 228 51.58 8.69 -16.90
CA ARG B 228 51.15 7.60 -16.03
C ARG B 228 50.18 8.06 -14.95
N PHE B 229 50.57 9.08 -14.21
CA PHE B 229 49.75 9.60 -13.13
C PHE B 229 49.04 10.90 -13.48
N ASP B 230 48.28 10.87 -14.56
CA ASP B 230 47.54 12.05 -15.00
C ASP B 230 46.19 12.18 -14.32
N VAL B 231 46.03 13.20 -13.50
CA VAL B 231 44.75 13.39 -12.82
C VAL B 231 43.70 13.74 -13.85
N VAL B 232 42.76 12.81 -14.00
CA VAL B 232 41.66 12.93 -14.93
C VAL B 232 40.70 14.03 -14.44
N PRO B 233 40.08 14.77 -15.37
CA PRO B 233 39.15 15.86 -15.05
C PRO B 233 37.83 15.43 -14.42
N LEU B 234 37.32 16.32 -13.59
CA LEU B 234 36.06 16.12 -12.90
C LEU B 234 34.94 16.32 -13.90
N VAL B 235 34.14 15.29 -14.11
CA VAL B 235 33.01 15.37 -15.05
C VAL B 235 31.72 15.50 -14.26
N LEU B 236 31.28 16.75 -14.08
CA LEU B 236 30.07 17.04 -13.33
C LEU B 236 28.81 17.10 -14.18
N GLN B 237 27.67 16.83 -13.54
CA GLN B 237 26.36 16.89 -14.19
C GLN B 237 25.34 17.55 -13.27
N ALA B 238 24.71 18.61 -13.77
CA ALA B 238 23.72 19.34 -12.99
C ALA B 238 22.33 19.31 -13.64
N ASN B 239 21.31 19.12 -12.81
CA ASN B 239 19.92 19.09 -13.24
C ASN B 239 19.63 18.20 -14.45
N GLY B 240 20.38 17.11 -14.57
CA GLY B 240 20.17 16.19 -15.67
C GLY B 240 20.61 16.69 -17.03
N ARG B 241 21.29 17.84 -17.05
CA ARG B 241 21.80 18.41 -18.30
C ARG B 241 22.95 17.51 -18.76
N ASP B 242 23.73 17.99 -19.71
CA ASP B 242 24.88 17.23 -20.18
C ASP B 242 26.05 17.61 -19.28
N PRO B 243 26.99 16.67 -19.05
CA PRO B 243 28.15 16.92 -18.19
C PRO B 243 29.16 17.93 -18.75
N GLU B 244 29.79 18.66 -17.84
CA GLU B 244 30.77 19.68 -18.19
C GLU B 244 32.09 19.39 -17.47
N LEU B 245 33.19 19.48 -18.21
CA LEU B 245 34.54 19.23 -17.71
C LEU B 245 35.12 20.33 -16.81
N PHE B 246 35.80 19.91 -15.76
CA PHE B 246 36.43 20.82 -14.82
C PHE B 246 37.70 20.17 -14.34
N GLU B 247 38.82 20.88 -14.47
CA GLU B 247 40.11 20.34 -14.04
C GLU B 247 40.37 20.77 -12.60
N ILE B 248 40.44 19.80 -11.70
CA ILE B 248 40.70 20.10 -10.29
C ILE B 248 42.06 20.76 -10.17
N PRO B 249 42.09 21.97 -9.59
CA PRO B 249 43.34 22.72 -9.39
C PRO B 249 44.39 21.84 -8.71
N PRO B 250 45.51 21.59 -9.39
CA PRO B 250 46.65 20.78 -8.94
C PRO B 250 47.13 21.04 -7.52
N ASP B 251 47.07 22.30 -7.11
CA ASP B 251 47.52 22.68 -5.76
C ASP B 251 46.65 22.06 -4.67
N LEU B 252 45.44 21.64 -5.05
CA LEU B 252 44.47 21.01 -4.14
C LEU B 252 44.65 19.50 -4.07
N VAL B 253 45.25 18.94 -5.12
CA VAL B 253 45.50 17.52 -5.21
C VAL B 253 46.81 17.16 -4.51
N LEU B 254 46.70 16.64 -3.30
CA LEU B 254 47.87 16.25 -2.54
C LEU B 254 48.34 14.87 -2.96
N GLU B 255 49.61 14.76 -3.34
CA GLU B 255 50.18 13.48 -3.73
C GLU B 255 51.33 13.04 -2.83
N VAL B 256 51.56 11.74 -2.81
CA VAL B 256 52.61 11.18 -1.99
C VAL B 256 53.60 10.40 -2.84
N ALA B 257 54.85 10.84 -2.80
CA ALA B 257 55.92 10.20 -3.55
C ALA B 257 56.32 8.90 -2.84
N MET B 258 56.32 7.80 -3.59
CA MET B 258 56.65 6.50 -3.04
C MET B 258 58.13 6.20 -2.90
N GLU B 259 58.50 5.71 -1.71
CA GLU B 259 59.87 5.32 -1.40
C GLU B 259 59.96 4.34 -0.23
N HIS B 260 60.93 3.43 -0.30
CA HIS B 260 61.13 2.39 0.72
C HIS B 260 62.16 2.86 1.76
N PRO B 261 61.97 2.47 3.04
CA PRO B 261 62.85 2.85 4.15
C PRO B 261 64.22 2.21 4.08
N LYS B 262 64.33 1.14 3.28
CA LYS B 262 65.55 0.39 3.14
C LYS B 262 65.99 0.23 1.69
N TYR B 263 65.03 0.21 0.77
CA TYR B 263 65.37 0.06 -0.65
C TYR B 263 65.44 1.41 -1.37
N GLU B 264 66.67 1.89 -1.49
CA GLU B 264 66.99 3.16 -2.13
C GLU B 264 66.46 3.21 -3.56
N TRP B 265 66.49 2.06 -4.24
CA TRP B 265 66.07 1.95 -5.63
C TRP B 265 64.56 2.11 -5.85
N PHE B 266 63.79 2.08 -4.76
CA PHE B 266 62.33 2.19 -4.87
C PHE B 266 61.95 3.52 -5.49
N ARG B 267 62.72 4.55 -5.19
CA ARG B 267 62.49 5.88 -5.73
C ARG B 267 62.53 5.84 -7.25
N GLU B 268 63.44 5.01 -7.76
CA GLU B 268 63.64 4.87 -9.20
C GLU B 268 62.41 4.33 -9.89
N LEU B 269 61.55 3.69 -9.12
CA LEU B 269 60.29 3.14 -9.64
C LEU B 269 59.40 4.32 -10.03
N GLU B 270 59.67 5.47 -9.42
CA GLU B 270 58.96 6.71 -9.66
C GLU B 270 57.46 6.54 -9.49
N LEU B 271 57.07 6.01 -8.34
CA LEU B 271 55.65 5.81 -8.08
C LEU B 271 55.18 6.86 -7.09
N LYS B 272 53.88 7.07 -7.10
CA LYS B 272 53.23 8.01 -6.18
C LYS B 272 51.73 7.73 -6.21
N TRP B 273 51.01 8.36 -5.29
CA TRP B 273 49.57 8.18 -5.25
C TRP B 273 48.91 9.36 -4.54
N TYR B 274 47.64 9.61 -4.86
CA TYR B 274 46.89 10.71 -4.24
C TYR B 274 46.52 10.34 -2.81
N ALA B 275 46.51 11.32 -1.93
CA ALA B 275 46.22 11.10 -0.52
C ALA B 275 44.73 11.02 -0.14
N LEU B 276 43.87 11.47 -1.05
CA LEU B 276 42.44 11.52 -0.78
C LEU B 276 41.54 10.50 -1.46
N PRO B 277 41.06 9.49 -0.70
CA PRO B 277 40.17 8.45 -1.24
C PRO B 277 38.73 8.97 -1.17
N ALA B 278 38.24 9.50 -2.28
CA ALA B 278 36.89 10.07 -2.31
C ALA B 278 35.99 9.43 -3.36
N VAL B 279 35.08 8.55 -2.90
CA VAL B 279 34.14 7.86 -3.80
C VAL B 279 33.03 8.84 -4.20
N ALA B 280 32.89 9.05 -5.51
CA ALA B 280 31.91 10.00 -6.04
C ALA B 280 30.65 9.43 -6.67
N ASN B 281 30.81 8.37 -7.43
CA ASN B 281 29.70 7.73 -8.15
C ASN B 281 28.57 7.02 -7.38
N MET B 282 28.53 7.14 -6.06
CA MET B 282 27.48 6.44 -5.29
C MET B 282 26.18 7.18 -4.96
N LEU B 283 25.17 6.42 -4.54
CA LEU B 283 23.85 6.96 -4.21
C LEU B 283 23.41 6.71 -2.77
N LEU B 284 23.07 7.78 -2.08
CA LEU B 284 22.59 7.72 -0.70
C LEU B 284 21.07 7.63 -0.68
N GLU B 285 20.55 6.63 0.04
CA GLU B 285 19.11 6.45 0.17
C GLU B 285 18.70 6.77 1.60
N VAL B 286 17.81 7.74 1.76
CA VAL B 286 17.32 8.15 3.07
C VAL B 286 15.81 8.19 3.02
N GLY B 287 15.16 7.33 3.79
CA GLY B 287 13.72 7.29 3.82
C GLY B 287 13.04 7.38 2.46
N GLY B 288 13.50 6.61 1.49
CA GLY B 288 12.86 6.63 0.17
C GLY B 288 13.39 7.68 -0.80
N LEU B 289 14.07 8.69 -0.27
CA LEU B 289 14.67 9.74 -1.07
C LEU B 289 16.00 9.21 -1.60
N GLU B 290 16.42 9.72 -2.76
CA GLU B 290 17.68 9.29 -3.36
C GLU B 290 18.51 10.51 -3.79
N PHE B 291 19.81 10.48 -3.48
CA PHE B 291 20.71 11.56 -3.87
C PHE B 291 21.79 10.95 -4.75
N PRO B 292 21.65 11.05 -6.08
CA PRO B 292 22.66 10.48 -6.99
C PRO B 292 24.00 11.20 -6.86
N GLY B 293 23.99 12.37 -6.23
CA GLY B 293 25.19 13.13 -6.02
C GLY B 293 25.45 13.23 -4.53
N CYS B 294 26.56 12.65 -4.07
CA CYS B 294 26.92 12.63 -2.66
C CYS B 294 28.35 12.12 -2.40
N PRO B 295 29.36 12.79 -2.97
CA PRO B 295 30.76 12.38 -2.79
C PRO B 295 31.14 12.36 -1.33
N PHE B 296 31.89 11.33 -0.94
CA PHE B 296 32.33 11.20 0.44
C PHE B 296 33.76 10.72 0.49
N ASN B 297 34.41 10.89 1.65
CA ASN B 297 35.79 10.46 1.79
C ASN B 297 36.18 10.18 3.23
N GLY B 298 37.30 9.47 3.36
CA GLY B 298 37.88 9.13 4.65
C GLY B 298 39.38 9.13 4.38
N TRP B 299 40.13 8.29 5.07
CA TRP B 299 41.55 8.21 4.79
C TRP B 299 41.89 6.81 4.32
N TYR B 300 42.91 6.71 3.48
CA TYR B 300 43.34 5.43 2.91
C TYR B 300 43.80 4.40 3.90
N MET B 301 43.59 3.14 3.53
CA MET B 301 44.09 2.01 4.31
C MET B 301 45.19 1.51 3.40
N GLY B 302 46.40 1.41 3.94
CA GLY B 302 47.57 1.00 3.17
C GLY B 302 47.41 0.03 2.03
N THR B 303 46.75 -1.09 2.30
CA THR B 303 46.53 -2.14 1.33
C THR B 303 45.75 -1.73 0.08
N GLU B 304 44.93 -0.71 0.20
CA GLU B 304 44.13 -0.25 -0.93
C GLU B 304 45.04 0.21 -2.06
N ILE B 305 46.14 0.87 -1.68
CA ILE B 305 47.11 1.38 -2.63
C ILE B 305 48.18 0.35 -2.93
N GLY B 306 48.78 -0.19 -1.86
CA GLY B 306 49.84 -1.16 -1.99
C GLY B 306 49.49 -2.48 -2.62
N VAL B 307 48.47 -3.13 -2.09
CA VAL B 307 48.05 -4.44 -2.60
C VAL B 307 47.26 -4.35 -3.88
N ARG B 308 46.18 -3.56 -3.85
CA ARG B 308 45.30 -3.45 -4.98
C ARG B 308 45.73 -2.54 -6.13
N ASP B 309 45.68 -1.23 -5.89
CA ASP B 309 46.05 -0.24 -6.90
C ASP B 309 47.38 -0.49 -7.59
N PHE B 310 48.40 -0.86 -6.82
CA PHE B 310 49.73 -1.13 -7.39
C PHE B 310 50.02 -2.55 -7.91
N CYS B 311 49.55 -3.57 -7.21
CA CYS B 311 49.81 -4.96 -7.60
C CYS B 311 48.83 -5.75 -8.45
N ASP B 312 47.60 -5.28 -8.55
CA ASP B 312 46.58 -5.96 -9.37
C ASP B 312 47.00 -6.00 -10.82
N VAL B 313 46.77 -7.14 -11.49
CA VAL B 313 47.12 -7.25 -12.92
C VAL B 313 46.25 -6.29 -13.73
N GLN B 314 45.03 -6.03 -13.22
CA GLN B 314 44.10 -5.12 -13.87
C GLN B 314 44.33 -3.68 -13.44
N ARG B 315 45.39 -3.45 -12.66
CA ARG B 315 45.75 -2.10 -12.23
C ARG B 315 47.20 -1.76 -12.65
N TYR B 316 47.98 -1.11 -11.79
CA TYR B 316 49.34 -0.76 -12.19
C TYR B 316 50.28 -1.94 -12.40
N ASN B 317 50.03 -3.02 -11.69
CA ASN B 317 50.79 -4.28 -11.79
C ASN B 317 52.31 -4.14 -11.76
N ILE B 318 52.84 -3.73 -10.61
CA ILE B 318 54.27 -3.52 -10.48
C ILE B 318 54.99 -4.70 -9.88
N LEU B 319 54.21 -5.68 -9.43
CA LEU B 319 54.75 -6.87 -8.77
C LEU B 319 56.03 -7.48 -9.34
N GLU B 320 56.07 -7.76 -10.64
CA GLU B 320 57.26 -8.37 -11.22
C GLU B 320 58.46 -7.44 -11.16
N GLU B 321 58.25 -6.17 -11.49
CA GLU B 321 59.32 -5.19 -11.47
C GLU B 321 60.01 -5.16 -10.10
N VAL B 322 59.22 -5.10 -9.04
CA VAL B 322 59.77 -5.05 -7.69
C VAL B 322 60.49 -6.34 -7.32
N GLY B 323 59.94 -7.46 -7.79
CA GLY B 323 60.54 -8.75 -7.51
C GLY B 323 61.93 -8.82 -8.12
N ARG B 324 62.05 -8.51 -9.40
CA ARG B 324 63.33 -8.53 -10.09
C ARG B 324 64.28 -7.56 -9.39
N ARG B 325 63.74 -6.42 -8.95
CA ARG B 325 64.51 -5.40 -8.25
C ARG B 325 65.07 -5.88 -6.93
N MET B 326 64.31 -6.76 -6.26
CA MET B 326 64.74 -7.29 -4.97
C MET B 326 65.69 -8.47 -5.19
N GLY B 327 65.77 -8.93 -6.43
CA GLY B 327 66.63 -10.05 -6.77
C GLY B 327 66.06 -11.39 -6.33
N LEU B 328 64.75 -11.51 -6.36
CA LEU B 328 64.07 -12.73 -5.96
C LEU B 328 63.92 -13.69 -7.15
N GLU B 329 63.62 -14.95 -6.86
CA GLU B 329 63.44 -15.96 -7.90
C GLU B 329 62.08 -15.76 -8.55
N THR B 330 61.95 -14.74 -9.40
CA THR B 330 60.70 -14.41 -10.08
C THR B 330 60.15 -15.51 -10.99
N HIS B 331 60.91 -16.60 -11.12
CA HIS B 331 60.49 -17.71 -11.96
C HIS B 331 60.08 -18.96 -11.20
N LYS B 332 60.37 -18.97 -9.89
CA LYS B 332 60.00 -20.09 -9.04
C LYS B 332 58.94 -19.58 -8.05
N LEU B 333 57.68 -19.90 -8.35
CA LEU B 333 56.54 -19.49 -7.51
C LEU B 333 56.71 -19.89 -6.04
N ALA B 334 57.16 -21.12 -5.82
CA ALA B 334 57.35 -21.65 -4.48
C ALA B 334 58.36 -20.89 -3.63
N SER B 335 59.04 -19.90 -4.21
CA SER B 335 60.00 -19.10 -3.46
C SER B 335 59.25 -18.04 -2.65
N LEU B 336 57.97 -17.84 -3.01
CA LEU B 336 57.09 -16.86 -2.37
C LEU B 336 57.60 -15.44 -2.57
N TRP B 337 58.18 -15.20 -3.74
CA TRP B 337 58.72 -13.91 -4.06
C TRP B 337 57.61 -12.87 -4.16
N LYS B 338 56.46 -13.29 -4.64
CA LYS B 338 55.32 -12.40 -4.78
C LYS B 338 54.91 -11.86 -3.42
N ASP B 339 54.87 -12.73 -2.43
CA ASP B 339 54.48 -12.36 -1.08
C ASP B 339 55.46 -11.37 -0.47
N GLN B 340 56.76 -11.62 -0.64
CA GLN B 340 57.80 -10.74 -0.11
C GLN B 340 57.73 -9.39 -0.79
N ALA B 341 57.50 -9.40 -2.09
CA ALA B 341 57.40 -8.18 -2.87
C ALA B 341 56.20 -7.35 -2.42
N VAL B 342 55.05 -8.01 -2.22
CA VAL B 342 53.83 -7.32 -1.78
C VAL B 342 54.06 -6.65 -0.44
N VAL B 343 54.69 -7.37 0.48
CA VAL B 343 54.95 -6.83 1.80
C VAL B 343 55.78 -5.55 1.72
N GLU B 344 56.91 -5.60 1.02
CA GLU B 344 57.78 -4.44 0.91
C GLU B 344 57.08 -3.26 0.23
N ILE B 345 56.28 -3.55 -0.79
CA ILE B 345 55.53 -2.50 -1.48
C ILE B 345 54.56 -1.85 -0.51
N ASN B 346 53.97 -2.64 0.38
CA ASN B 346 53.03 -2.09 1.35
C ASN B 346 53.74 -1.38 2.48
N ILE B 347 54.99 -1.74 2.71
CA ILE B 347 55.81 -1.10 3.73
C ILE B 347 56.22 0.26 3.17
N ALA B 348 56.44 0.31 1.87
CA ALA B 348 56.83 1.54 1.20
C ALA B 348 55.68 2.54 1.24
N VAL B 349 54.47 2.05 1.02
CA VAL B 349 53.30 2.91 1.04
C VAL B 349 53.13 3.56 2.41
N LEU B 350 53.11 2.75 3.46
CA LEU B 350 52.95 3.29 4.81
C LEU B 350 54.05 4.27 5.16
N HIS B 351 55.28 3.91 4.84
CA HIS B 351 56.45 4.76 5.10
C HIS B 351 56.32 6.11 4.41
N SER B 352 56.00 6.09 3.12
CA SER B 352 55.86 7.30 2.34
C SER B 352 54.86 8.27 2.97
N PHE B 353 53.71 7.74 3.39
CA PHE B 353 52.69 8.58 4.02
C PHE B 353 53.14 9.15 5.36
N GLN B 354 53.75 8.32 6.19
CA GLN B 354 54.22 8.78 7.49
C GLN B 354 55.23 9.89 7.28
N LYS B 355 56.15 9.67 6.34
CA LYS B 355 57.19 10.63 6.02
C LYS B 355 56.62 11.97 5.56
N GLN B 356 55.70 11.94 4.59
CA GLN B 356 55.07 13.16 4.08
C GLN B 356 53.99 13.70 5.05
N ASN B 357 53.89 13.10 6.23
CA ASN B 357 52.92 13.51 7.24
C ASN B 357 51.44 13.41 6.82
N VAL B 358 51.17 12.50 5.89
CA VAL B 358 49.81 12.28 5.42
C VAL B 358 49.20 11.10 6.17
N THR B 359 47.91 11.25 6.50
CA THR B 359 47.17 10.24 7.24
C THR B 359 46.90 8.97 6.44
N ILE B 360 47.21 7.83 7.05
CA ILE B 360 46.98 6.51 6.45
C ILE B 360 46.87 5.49 7.57
N MET B 361 46.20 4.38 7.30
CA MET B 361 46.00 3.37 8.31
C MET B 361 46.33 1.96 7.80
N ASP B 362 47.11 1.23 8.57
CA ASP B 362 47.49 -0.13 8.18
C ASP B 362 46.32 -1.05 8.44
N HIS B 363 46.21 -2.10 7.62
CA HIS B 363 45.12 -3.06 7.74
C HIS B 363 45.00 -3.75 9.08
N HIS B 364 46.09 -3.79 9.84
CA HIS B 364 46.08 -4.43 11.15
C HIS B 364 45.38 -3.56 12.17
N SER B 365 45.70 -2.27 12.17
CA SER B 365 45.09 -1.34 13.10
C SER B 365 43.64 -1.15 12.68
N ALA B 366 43.38 -1.26 11.39
CA ALA B 366 42.05 -1.09 10.84
C ALA B 366 41.13 -2.22 11.31
N ALA B 367 41.56 -3.46 11.10
CA ALA B 367 40.78 -4.63 11.49
C ALA B 367 40.51 -4.69 13.01
N GLU B 368 41.52 -4.35 13.81
CA GLU B 368 41.35 -4.38 15.25
C GLU B 368 40.42 -3.29 15.76
N SER B 369 40.31 -2.21 15.00
CA SER B 369 39.42 -1.10 15.36
C SER B 369 38.00 -1.50 14.99
N PHE B 370 37.87 -2.19 13.85
CA PHE B 370 36.57 -2.65 13.38
C PHE B 370 36.02 -3.73 14.28
N MET B 371 36.92 -4.48 14.92
CA MET B 371 36.50 -5.53 15.83
C MET B 371 35.78 -4.91 17.00
N LYS B 372 36.28 -3.75 17.44
CA LYS B 372 35.70 -3.01 18.55
C LYS B 372 34.37 -2.40 18.10
N TYR B 373 34.34 -1.85 16.88
CA TYR B 373 33.12 -1.24 16.33
C TYR B 373 31.98 -2.26 16.24
N MET B 374 32.32 -3.47 15.77
CA MET B 374 31.33 -4.52 15.61
C MET B 374 30.74 -4.95 16.94
N GLN B 375 31.56 -4.97 17.98
CA GLN B 375 31.10 -5.35 19.31
C GLN B 375 30.11 -4.31 19.84
N ASN B 376 30.44 -3.03 19.67
CA ASN B 376 29.59 -1.92 20.11
C ASN B 376 28.24 -1.92 19.40
N GLU B 377 28.24 -2.27 18.12
CA GLU B 377 27.02 -2.31 17.31
C GLU B 377 26.05 -3.36 17.84
N TYR B 378 26.60 -4.49 18.26
CA TYR B 378 25.79 -5.56 18.81
C TYR B 378 25.29 -5.18 20.19
N ARG B 379 26.08 -4.41 20.93
CA ARG B 379 25.67 -3.97 22.27
C ARG B 379 24.53 -2.97 22.06
N SER B 380 24.71 -2.09 21.07
CA SER B 380 23.73 -1.07 20.75
C SER B 380 22.48 -1.63 20.06
N ARG B 381 22.51 -1.72 18.74
CA ARG B 381 21.36 -2.20 17.99
C ARG B 381 21.21 -3.71 17.76
N GLY B 382 22.05 -4.51 18.40
CA GLY B 382 21.96 -5.95 18.25
C GLY B 382 22.21 -6.44 16.83
N GLY B 383 23.11 -5.76 16.13
CA GLY B 383 23.41 -6.14 14.77
C GLY B 383 24.43 -5.22 14.12
N CYS B 384 25.06 -5.74 13.08
CA CYS B 384 26.07 -5.01 12.33
C CYS B 384 26.24 -5.72 11.00
N PRO B 385 25.61 -5.21 9.92
CA PRO B 385 25.70 -5.82 8.59
C PRO B 385 27.17 -5.80 8.12
N ALA B 386 27.67 -6.95 7.69
CA ALA B 386 29.07 -7.04 7.28
C ALA B 386 29.33 -8.04 6.17
N ASP B 387 30.05 -7.56 5.16
CA ASP B 387 30.45 -8.36 4.01
C ASP B 387 31.87 -8.85 4.24
N TRP B 388 31.99 -10.07 4.74
CA TRP B 388 33.29 -10.69 5.03
C TRP B 388 34.26 -10.53 3.84
N ILE B 389 33.77 -10.90 2.66
CA ILE B 389 34.54 -10.85 1.42
C ILE B 389 35.22 -9.52 1.12
N TRP B 390 34.64 -8.43 1.60
CA TRP B 390 35.20 -7.11 1.38
C TRP B 390 35.96 -6.56 2.58
N LEU B 391 35.65 -7.06 3.77
CA LEU B 391 36.26 -6.60 5.01
C LEU B 391 37.63 -7.18 5.31
N VAL B 392 37.83 -8.44 4.94
CA VAL B 392 39.11 -9.09 5.17
C VAL B 392 40.11 -8.53 4.18
N PRO B 393 41.19 -7.88 4.68
CA PRO B 393 42.25 -7.28 3.87
C PRO B 393 42.79 -8.28 2.84
N PRO B 394 43.13 -7.81 1.63
CA PRO B 394 43.65 -8.64 0.54
C PRO B 394 45.09 -9.11 0.73
N MET B 395 45.58 -8.95 1.96
CA MET B 395 46.95 -9.32 2.31
C MET B 395 46.95 -9.87 3.73
N SER B 396 47.57 -11.03 3.93
CA SER B 396 47.63 -11.64 5.26
C SER B 396 46.24 -11.68 5.89
N GLY B 397 45.28 -12.21 5.14
CA GLY B 397 43.92 -12.29 5.60
C GLY B 397 43.72 -12.86 6.98
N SER B 398 44.14 -14.10 7.19
CA SER B 398 43.95 -14.75 8.49
C SER B 398 44.75 -14.21 9.66
N ILE B 399 45.63 -13.24 9.40
CA ILE B 399 46.43 -12.63 10.45
C ILE B 399 45.63 -11.50 11.12
N THR B 400 44.50 -11.18 10.51
CA THR B 400 43.60 -10.15 11.01
C THR B 400 42.39 -10.88 11.65
N PRO B 401 41.81 -10.30 12.71
CA PRO B 401 40.65 -10.90 13.40
C PRO B 401 39.37 -10.99 12.59
N VAL B 402 39.19 -10.09 11.63
CA VAL B 402 37.98 -10.11 10.80
C VAL B 402 37.86 -11.41 10.02
N PHE B 403 39.00 -12.04 9.75
CA PHE B 403 39.03 -13.29 9.02
C PHE B 403 38.29 -14.37 9.79
N HIS B 404 38.49 -14.38 11.11
CA HIS B 404 37.88 -15.40 11.97
C HIS B 404 36.51 -15.03 12.52
N GLN B 405 35.95 -13.94 12.03
CA GLN B 405 34.65 -13.48 12.48
C GLN B 405 33.54 -13.84 11.53
N GLU B 406 32.59 -14.65 12.00
CA GLU B 406 31.43 -15.03 11.22
C GLU B 406 30.55 -13.77 11.18
N MET B 407 29.95 -13.49 10.04
CA MET B 407 29.09 -12.30 9.91
C MET B 407 27.93 -12.43 8.94
N LEU B 408 26.93 -11.56 9.15
CA LEU B 408 25.73 -11.51 8.32
C LEU B 408 25.75 -10.24 7.48
N ASN B 409 25.42 -10.39 6.21
CA ASN B 409 25.40 -9.24 5.32
C ASN B 409 23.96 -8.89 4.96
N TYR B 410 23.56 -7.64 5.19
CA TYR B 410 22.21 -7.19 4.88
C TYR B 410 22.07 -5.68 4.62
N VAL B 411 21.06 -5.33 3.83
CA VAL B 411 20.78 -3.93 3.45
C VAL B 411 19.79 -3.25 4.37
N LEU B 412 20.23 -2.18 5.04
CA LEU B 412 19.34 -1.43 5.93
C LEU B 412 19.01 -0.09 5.24
N SER B 413 18.60 0.89 6.04
CA SER B 413 18.26 2.22 5.54
C SER B 413 18.44 3.22 6.69
N PRO B 414 19.12 4.36 6.44
CA PRO B 414 19.74 4.77 5.16
C PRO B 414 20.90 3.88 4.71
N PHE B 415 21.31 4.04 3.45
CA PHE B 415 22.33 3.17 2.89
C PHE B 415 22.98 3.80 1.65
N TYR B 416 24.19 3.34 1.32
CA TYR B 416 24.91 3.83 0.15
C TYR B 416 24.89 2.74 -0.92
N TYR B 417 24.12 2.98 -1.98
CA TYR B 417 23.99 2.05 -3.09
C TYR B 417 24.89 2.44 -4.25
N TYR B 418 25.18 1.48 -5.13
CA TYR B 418 25.99 1.74 -6.32
C TYR B 418 25.00 2.28 -7.33
N GLN B 419 25.50 2.61 -8.52
CA GLN B 419 24.65 3.11 -9.58
C GLN B 419 25.18 2.59 -10.90
N VAL B 420 24.41 2.80 -11.96
CA VAL B 420 24.84 2.40 -13.29
C VAL B 420 25.62 3.61 -13.78
N GLU B 421 26.86 3.39 -14.17
CA GLU B 421 27.74 4.46 -14.66
C GLU B 421 26.99 5.34 -15.65
N ALA B 422 26.81 6.60 -15.24
CA ALA B 422 26.08 7.60 -16.01
C ALA B 422 26.14 7.56 -17.54
N TRP B 423 27.34 7.57 -18.10
CA TRP B 423 27.51 7.56 -19.56
C TRP B 423 26.85 6.35 -20.22
N LYS B 424 26.76 5.27 -19.46
CA LYS B 424 26.17 4.03 -19.91
C LYS B 424 24.63 4.09 -20.08
N THR B 425 23.99 5.13 -19.54
CA THR B 425 22.53 5.26 -19.63
C THR B 425 22.03 6.60 -20.18
N HIS B 426 22.61 7.69 -19.68
CA HIS B 426 22.28 9.06 -20.07
C HIS B 426 21.99 9.29 -21.55
N VAL B 427 20.96 10.08 -21.81
CA VAL B 427 20.57 10.41 -23.18
C VAL B 427 21.10 11.81 -23.46
N TRP B 428 22.03 11.89 -24.42
CA TRP B 428 22.68 13.13 -24.80
C TRP B 428 21.81 14.14 -25.55
N GLN B 429 21.88 15.39 -25.13
CA GLN B 429 21.12 16.48 -25.74
C GLN B 429 21.74 16.96 -27.06
N ARG C 10 -12.86 27.57 3.20
CA ARG C 10 -13.97 27.49 2.21
C ARG C 10 -15.24 27.06 2.90
N HIS C 11 -16.31 27.84 2.71
CA HIS C 11 -17.60 27.56 3.33
C HIS C 11 -18.73 27.42 2.31
N VAL C 12 -19.70 26.57 2.63
CA VAL C 12 -20.88 26.37 1.79
C VAL C 12 -22.08 26.74 2.68
N ARG C 13 -22.81 27.79 2.27
CA ARG C 13 -23.96 28.26 3.03
C ARG C 13 -25.17 27.36 2.91
N ILE C 14 -25.55 26.76 4.03
CA ILE C 14 -26.71 25.88 4.13
C ILE C 14 -27.79 26.63 4.90
N LYS C 15 -29.04 26.52 4.46
CA LYS C 15 -30.10 27.24 5.13
C LYS C 15 -31.37 26.44 5.34
N ASN C 16 -32.07 26.74 6.44
CA ASN C 16 -33.34 26.11 6.77
C ASN C 16 -34.42 27.15 6.51
N TRP C 17 -35.18 26.94 5.45
CA TRP C 17 -36.23 27.87 5.04
C TRP C 17 -37.46 27.94 5.96
N GLY C 18 -37.50 27.10 6.99
CA GLY C 18 -38.62 27.13 7.90
C GLY C 18 -38.38 27.99 9.12
N SER C 19 -37.10 28.15 9.49
CA SER C 19 -36.75 28.93 10.65
C SER C 19 -35.70 29.99 10.36
N GLY C 20 -35.18 29.98 9.15
CA GLY C 20 -34.14 30.95 8.79
C GLY C 20 -32.79 30.58 9.36
N MET C 21 -32.71 29.41 9.99
CA MET C 21 -31.47 28.91 10.59
C MET C 21 -30.45 28.69 9.48
N THR C 22 -29.27 29.28 9.65
CA THR C 22 -28.23 29.17 8.65
C THR C 22 -26.92 28.54 9.17
N PHE C 23 -26.37 27.62 8.36
CA PHE C 23 -25.12 26.92 8.68
C PHE C 23 -24.05 27.18 7.62
N GLN C 24 -22.78 27.01 8.01
CA GLN C 24 -21.62 27.19 7.13
C GLN C 24 -20.83 25.90 7.19
N ASP C 25 -20.89 25.11 6.12
CA ASP C 25 -20.19 23.82 6.07
C ASP C 25 -18.77 23.85 5.53
N THR C 26 -17.87 23.26 6.31
CA THR C 26 -16.45 23.18 5.97
C THR C 26 -15.98 21.74 6.08
N LEU C 27 -16.74 20.91 6.80
CA LEU C 27 -16.38 19.51 7.02
C LEU C 27 -16.32 18.67 5.74
N HIS C 28 -17.06 19.07 4.71
CA HIS C 28 -17.07 18.33 3.45
C HIS C 28 -15.69 18.25 2.79
N HIS C 29 -14.75 19.08 3.25
CA HIS C 29 -13.40 19.09 2.70
C HIS C 29 -12.64 17.82 3.08
N LYS C 30 -12.96 17.26 4.25
CA LYS C 30 -12.31 16.04 4.69
C LYS C 30 -12.99 14.79 4.12
N ALA C 31 -13.95 14.98 3.22
CA ALA C 31 -14.68 13.86 2.63
C ALA C 31 -13.87 13.10 1.58
N LYS C 32 -14.21 11.83 1.43
CA LYS C 32 -13.55 10.96 0.46
C LYS C 32 -14.32 11.12 -0.84
N GLY C 33 -13.73 11.79 -1.82
CA GLY C 33 -14.38 12.00 -3.10
C GLY C 33 -14.65 10.71 -3.86
N ILE C 34 -15.75 10.05 -3.51
CA ILE C 34 -16.13 8.78 -4.15
C ILE C 34 -17.54 8.83 -4.73
N LEU C 35 -18.25 9.92 -4.48
CA LEU C 35 -19.62 10.08 -4.97
C LEU C 35 -19.68 10.12 -6.50
N THR C 36 -20.81 9.66 -7.05
CA THR C 36 -21.00 9.60 -8.50
C THR C 36 -21.52 10.88 -9.16
N CYS C 37 -21.93 11.85 -8.35
CA CYS C 37 -22.46 13.11 -8.86
C CYS C 37 -21.44 13.96 -9.60
N ARG C 38 -21.77 14.30 -10.85
CA ARG C 38 -20.92 15.13 -11.69
C ARG C 38 -21.62 16.45 -12.06
N SER C 39 -20.85 17.41 -12.56
CA SER C 39 -21.39 18.72 -12.96
C SER C 39 -22.51 18.63 -13.98
N LYS C 40 -22.49 17.57 -14.79
CA LYS C 40 -23.51 17.38 -15.81
C LYS C 40 -24.76 16.69 -15.26
N SER C 41 -24.60 15.90 -14.20
CA SER C 41 -25.73 15.20 -13.61
C SER C 41 -25.56 14.78 -12.15
N CYS C 42 -26.60 15.00 -11.35
CA CYS C 42 -26.63 14.64 -9.94
C CYS C 42 -27.41 13.33 -9.76
N LEU C 43 -26.75 12.35 -9.14
CA LEU C 43 -27.38 11.03 -8.92
C LEU C 43 -27.60 10.75 -7.43
N GLY C 44 -28.24 11.69 -6.74
CA GLY C 44 -28.51 11.54 -5.32
C GLY C 44 -29.69 10.65 -5.00
N SER C 45 -30.59 10.47 -5.96
CA SER C 45 -31.76 9.62 -5.77
C SER C 45 -31.49 8.14 -6.02
N ILE C 46 -30.23 7.79 -6.26
CA ILE C 46 -29.85 6.40 -6.47
C ILE C 46 -29.80 5.75 -5.10
N MET C 47 -30.68 4.79 -4.88
CA MET C 47 -30.78 4.10 -3.60
C MET C 47 -29.49 3.45 -3.12
N THR C 48 -28.94 2.52 -3.90
CA THR C 48 -27.71 1.86 -3.47
C THR C 48 -26.58 2.05 -4.47
N PRO C 49 -26.00 3.26 -4.52
CA PRO C 49 -24.92 3.55 -5.46
C PRO C 49 -23.66 2.74 -5.14
N LYS C 50 -22.86 2.50 -6.16
CA LYS C 50 -21.63 1.74 -5.99
C LYS C 50 -20.66 2.52 -5.11
N SER C 51 -20.88 3.83 -5.03
CA SER C 51 -20.04 4.72 -4.23
C SER C 51 -20.19 4.49 -2.75
N LEU C 52 -21.36 4.00 -2.34
CA LEU C 52 -21.62 3.75 -0.93
C LEU C 52 -21.41 2.29 -0.56
N THR C 53 -21.00 1.49 -1.54
CA THR C 53 -20.76 0.07 -1.35
C THR C 53 -19.26 -0.27 -1.30
N ARG C 54 -18.91 -1.23 -0.43
CA ARG C 54 -17.54 -1.72 -0.27
C ARG C 54 -17.56 -3.20 -0.64
N GLY C 55 -17.26 -3.49 -1.90
CA GLY C 55 -17.25 -4.87 -2.35
C GLY C 55 -16.21 -5.73 -1.67
N PRO C 56 -16.18 -7.03 -2.01
CA PRO C 56 -15.21 -7.95 -1.41
C PRO C 56 -13.83 -7.83 -2.06
N ARG C 57 -12.83 -8.45 -1.45
CA ARG C 57 -11.47 -8.43 -1.98
C ARG C 57 -10.84 -9.84 -1.81
N ASP C 58 -9.87 -10.17 -2.67
CA ASP C 58 -9.20 -11.48 -2.60
C ASP C 58 -7.77 -11.40 -2.06
N LYS C 59 -7.41 -10.23 -1.56
CA LYS C 59 -6.09 -9.99 -0.99
C LYS C 59 -6.14 -8.72 -0.15
N PRO C 60 -5.47 -8.73 1.03
CA PRO C 60 -5.44 -7.59 1.94
C PRO C 60 -5.19 -6.25 1.27
N THR C 61 -5.58 -5.17 1.96
CA THR C 61 -5.37 -3.84 1.42
C THR C 61 -3.86 -3.60 1.51
N PRO C 62 -3.26 -3.14 0.40
CA PRO C 62 -1.82 -2.85 0.32
C PRO C 62 -1.36 -1.91 1.45
N PRO C 63 -0.35 -2.35 2.22
CA PRO C 63 0.21 -1.57 3.34
C PRO C 63 0.60 -0.14 2.98
N ASP C 64 0.77 0.12 1.69
CA ASP C 64 1.12 1.46 1.22
C ASP C 64 -0.09 2.39 1.24
N GLU C 65 -1.26 1.85 0.91
CA GLU C 65 -2.48 2.65 0.90
C GLU C 65 -3.21 2.62 2.25
N LEU C 66 -2.86 1.65 3.08
CA LEU C 66 -3.49 1.50 4.39
C LEU C 66 -2.84 2.39 5.45
N LEU C 67 -1.53 2.56 5.37
CA LEU C 67 -0.81 3.35 6.35
C LEU C 67 -1.28 4.81 6.53
N PRO C 68 -1.42 5.58 5.42
CA PRO C 68 -1.87 6.97 5.61
C PRO C 68 -3.24 7.09 6.25
N GLN C 69 -4.11 6.13 5.98
CA GLN C 69 -5.47 6.10 6.52
C GLN C 69 -5.45 5.79 8.00
N ALA C 70 -4.60 4.85 8.39
CA ALA C 70 -4.47 4.45 9.77
C ALA C 70 -4.01 5.62 10.61
N ILE C 71 -3.01 6.35 10.11
CA ILE C 71 -2.45 7.51 10.80
C ILE C 71 -3.54 8.56 10.96
N GLU C 72 -4.27 8.78 9.87
CA GLU C 72 -5.36 9.74 9.85
C GLU C 72 -6.34 9.42 10.97
N PHE C 73 -6.71 8.15 11.08
CA PHE C 73 -7.65 7.72 12.11
C PHE C 73 -7.08 7.95 13.51
N VAL C 74 -5.84 7.57 13.71
CA VAL C 74 -5.19 7.74 15.01
C VAL C 74 -5.19 9.21 15.42
N ASN C 75 -4.98 10.08 14.43
CA ASN C 75 -4.97 11.52 14.67
C ASN C 75 -6.36 12.01 15.05
N GLN C 76 -7.37 11.44 14.39
CA GLN C 76 -8.77 11.76 14.62
C GLN C 76 -9.18 11.35 16.02
N TYR C 77 -8.82 10.12 16.39
CA TYR C 77 -9.13 9.58 17.71
C TYR C 77 -8.47 10.39 18.81
N TYR C 78 -7.14 10.47 18.77
CA TYR C 78 -6.40 11.23 19.78
C TYR C 78 -6.77 12.70 19.81
N GLY C 79 -7.29 13.19 18.69
CA GLY C 79 -7.69 14.57 18.61
C GLY C 79 -9.11 14.79 19.10
N SER C 80 -9.75 13.76 19.64
CA SER C 80 -11.12 13.90 20.12
C SER C 80 -11.17 14.13 21.63
N PHE C 81 -10.04 14.43 22.25
CA PHE C 81 -10.00 14.67 23.69
C PHE C 81 -9.84 16.15 23.98
N LYS C 82 -10.41 16.57 25.11
CA LYS C 82 -10.31 17.95 25.57
C LYS C 82 -8.87 18.17 26.03
N GLU C 83 -8.29 17.11 26.58
CA GLU C 83 -6.92 17.14 27.08
C GLU C 83 -5.95 17.07 25.92
N ALA C 84 -4.68 16.93 26.28
CA ALA C 84 -3.60 16.80 25.31
C ALA C 84 -2.94 15.51 25.73
N LYS C 85 -2.99 14.51 24.86
CA LYS C 85 -2.39 13.23 25.19
C LYS C 85 -1.12 12.96 24.39
N ILE C 86 -0.44 14.04 24.04
CA ILE C 86 0.81 14.05 23.27
C ILE C 86 1.60 12.74 23.22
N GLU C 87 2.02 12.24 24.38
CA GLU C 87 2.80 11.00 24.44
C GLU C 87 2.09 9.82 23.81
N GLU C 88 0.97 9.42 24.41
CA GLU C 88 0.19 8.31 23.91
C GLU C 88 -0.09 8.41 22.42
N HIS C 89 -0.32 9.63 21.95
CA HIS C 89 -0.60 9.87 20.55
C HIS C 89 0.58 9.41 19.69
N LEU C 90 1.76 9.98 19.93
CA LEU C 90 2.96 9.61 19.19
C LEU C 90 3.26 8.13 19.36
N ALA C 91 3.23 7.67 20.60
CA ALA C 91 3.49 6.27 20.92
C ALA C 91 2.66 5.36 20.03
N ARG C 92 1.38 5.69 19.90
CA ARG C 92 0.45 4.91 19.10
C ARG C 92 0.68 5.02 17.61
N VAL C 93 0.79 6.24 17.09
CA VAL C 93 0.99 6.39 15.66
C VAL C 93 2.27 5.65 15.26
N GLU C 94 3.27 5.70 16.13
CA GLU C 94 4.56 5.05 15.92
C GLU C 94 4.38 3.53 15.92
N ALA C 95 3.55 3.06 16.86
CA ALA C 95 3.28 1.64 17.00
C ALA C 95 2.50 1.09 15.81
N VAL C 96 1.46 1.81 15.40
CA VAL C 96 0.63 1.38 14.29
C VAL C 96 1.48 1.27 13.04
N THR C 97 2.37 2.24 12.86
CA THR C 97 3.26 2.27 11.72
C THR C 97 4.08 1.00 11.69
N LYS C 98 4.72 0.70 12.81
CA LYS C 98 5.54 -0.50 12.92
C LYS C 98 4.71 -1.75 12.62
N GLU C 99 3.55 -1.85 13.26
CA GLU C 99 2.69 -3.02 13.08
C GLU C 99 2.30 -3.23 11.64
N ILE C 100 2.07 -2.16 10.90
CA ILE C 100 1.70 -2.30 9.51
C ILE C 100 2.91 -2.72 8.67
N GLU C 101 4.05 -2.07 8.92
CA GLU C 101 5.28 -2.35 8.19
C GLU C 101 5.82 -3.76 8.44
N THR C 102 5.33 -4.40 9.50
CA THR C 102 5.78 -5.73 9.84
C THR C 102 4.71 -6.82 9.74
N THR C 103 3.45 -6.45 9.52
CA THR C 103 2.38 -7.45 9.43
C THR C 103 1.43 -7.24 8.26
N GLY C 104 1.43 -6.03 7.70
CA GLY C 104 0.56 -5.71 6.58
C GLY C 104 -0.80 -5.18 6.95
N THR C 105 -0.99 -4.89 8.25
CA THR C 105 -2.25 -4.39 8.76
C THR C 105 -2.05 -4.05 10.25
N TYR C 106 -3.13 -3.76 10.97
CA TYR C 106 -3.04 -3.43 12.40
C TYR C 106 -4.37 -3.66 13.15
N GLN C 107 -4.27 -3.80 14.47
CA GLN C 107 -5.43 -4.00 15.33
C GLN C 107 -5.78 -2.69 16.01
N LEU C 108 -7.07 -2.46 16.23
CA LEU C 108 -7.53 -1.27 16.92
C LEU C 108 -7.61 -1.61 18.41
N THR C 109 -7.32 -0.64 19.27
CA THR C 109 -7.40 -0.88 20.70
C THR C 109 -8.87 -0.89 21.11
N GLY C 110 -9.12 -1.23 22.37
CA GLY C 110 -10.48 -1.27 22.90
C GLY C 110 -11.26 0.01 22.72
N ASP C 111 -10.79 1.10 23.31
CA ASP C 111 -11.45 2.39 23.21
C ASP C 111 -11.46 2.96 21.79
N GLU C 112 -10.58 2.47 20.93
CA GLU C 112 -10.53 2.95 19.56
C GLU C 112 -11.72 2.39 18.80
N LEU C 113 -12.01 1.12 19.06
CA LEU C 113 -13.14 0.45 18.40
C LEU C 113 -14.44 1.16 18.77
N ILE C 114 -14.57 1.47 20.05
CA ILE C 114 -15.74 2.17 20.59
C ILE C 114 -15.89 3.52 19.91
N PHE C 115 -14.84 4.32 19.96
CA PHE C 115 -14.84 5.64 19.34
C PHE C 115 -15.24 5.52 17.87
N ALA C 116 -14.73 4.49 17.22
CA ALA C 116 -14.99 4.27 15.81
C ALA C 116 -16.42 3.97 15.46
N THR C 117 -17.01 2.99 16.15
CA THR C 117 -18.40 2.59 15.89
C THR C 117 -19.37 3.76 16.06
N LYS C 118 -19.17 4.52 17.14
CA LYS C 118 -19.98 5.70 17.44
C LYS C 118 -19.78 6.77 16.38
N GLN C 119 -18.52 7.05 16.07
CA GLN C 119 -18.19 8.06 15.09
C GLN C 119 -18.75 7.72 13.71
N ALA C 120 -18.70 6.44 13.35
CA ALA C 120 -19.19 5.98 12.06
C ALA C 120 -20.67 6.28 11.94
N TRP C 121 -21.37 6.18 13.07
CA TRP C 121 -22.80 6.43 13.18
C TRP C 121 -23.03 7.92 13.02
N ARG C 122 -22.24 8.69 13.76
CA ARG C 122 -22.31 10.14 13.70
C ARG C 122 -22.05 10.57 12.25
N ASN C 123 -21.33 9.74 11.50
CA ASN C 123 -21.01 10.03 10.11
C ASN C 123 -21.99 9.40 9.11
N ALA C 124 -23.05 8.76 9.62
CA ALA C 124 -24.08 8.10 8.79
C ALA C 124 -25.07 9.15 8.27
N PRO C 125 -24.92 9.58 7.01
CA PRO C 125 -25.79 10.57 6.38
C PRO C 125 -27.27 10.24 6.22
N ARG C 126 -27.60 8.95 6.20
CA ARG C 126 -28.99 8.54 6.03
C ARG C 126 -29.70 8.19 7.34
N CYS C 127 -29.05 8.44 8.48
CA CYS C 127 -29.62 8.12 9.79
C CYS C 127 -30.18 9.32 10.50
N ILE C 128 -31.50 9.30 10.72
CA ILE C 128 -32.19 10.38 11.40
C ILE C 128 -32.08 10.31 12.93
N GLY C 129 -31.67 9.17 13.46
CA GLY C 129 -31.59 9.04 14.90
C GLY C 129 -30.24 9.35 15.51
N ARG C 130 -29.40 10.04 14.75
CA ARG C 130 -28.05 10.37 15.20
C ARG C 130 -27.86 11.18 16.47
N ILE C 131 -28.92 11.75 17.02
CA ILE C 131 -28.82 12.51 18.27
C ILE C 131 -28.28 11.59 19.39
N GLN C 132 -28.48 10.29 19.19
CA GLN C 132 -28.07 9.26 20.13
C GLN C 132 -26.68 8.69 19.85
N TRP C 133 -25.97 9.25 18.87
CA TRP C 133 -24.66 8.74 18.47
C TRP C 133 -23.68 8.36 19.59
N SER C 134 -23.51 9.23 20.58
CA SER C 134 -22.59 8.96 21.68
C SER C 134 -23.11 7.91 22.66
N ASN C 135 -24.31 7.41 22.39
CA ASN C 135 -24.95 6.41 23.24
C ASN C 135 -25.12 5.09 22.51
N LEU C 136 -24.09 4.27 22.59
CA LEU C 136 -24.08 2.97 21.92
C LEU C 136 -23.28 1.97 22.73
N GLN C 137 -23.80 0.75 22.81
CA GLN C 137 -23.11 -0.32 23.53
C GLN C 137 -22.25 -1.08 22.53
N VAL C 138 -20.96 -1.14 22.78
CA VAL C 138 -20.07 -1.82 21.86
C VAL C 138 -19.64 -3.20 22.37
N PHE C 139 -19.91 -4.21 21.56
CA PHE C 139 -19.56 -5.60 21.87
C PHE C 139 -18.38 -6.05 21.03
N ASP C 140 -17.22 -6.17 21.66
CA ASP C 140 -16.01 -6.60 20.98
C ASP C 140 -16.02 -8.11 20.80
N ALA C 141 -16.37 -8.55 19.60
CA ALA C 141 -16.42 -9.97 19.28
C ALA C 141 -15.38 -10.29 18.23
N ARG C 142 -14.32 -9.49 18.19
CA ARG C 142 -13.23 -9.69 17.24
C ARG C 142 -12.44 -10.96 17.54
N SER C 143 -12.66 -11.51 18.73
CA SER C 143 -12.00 -12.74 19.16
C SER C 143 -12.70 -13.96 18.58
N CYS C 144 -13.90 -13.76 18.01
CA CYS C 144 -14.70 -14.84 17.42
C CYS C 144 -13.92 -15.67 16.40
N SER C 145 -14.22 -16.97 16.33
CA SER C 145 -13.55 -17.89 15.42
C SER C 145 -14.43 -18.96 14.75
N THR C 146 -15.66 -19.15 15.24
CA THR C 146 -16.58 -20.14 14.67
C THR C 146 -18.01 -19.61 14.54
N ALA C 147 -18.74 -20.12 13.56
CA ALA C 147 -20.12 -19.70 13.33
C ALA C 147 -20.91 -19.87 14.63
N ARG C 148 -20.60 -20.93 15.36
CA ARG C 148 -21.26 -21.21 16.63
C ARG C 148 -21.10 -20.02 17.56
N GLU C 149 -19.86 -19.54 17.70
CA GLU C 149 -19.56 -18.41 18.57
C GLU C 149 -20.22 -17.13 18.08
N MET C 150 -20.37 -17.01 16.76
CA MET C 150 -21.01 -15.83 16.18
C MET C 150 -22.43 -15.77 16.70
N PHE C 151 -23.11 -16.92 16.68
CA PHE C 151 -24.48 -17.05 17.15
C PHE C 151 -24.62 -16.66 18.61
N GLU C 152 -23.77 -17.21 19.47
CA GLU C 152 -23.83 -16.90 20.89
C GLU C 152 -23.69 -15.40 21.16
N HIS C 153 -22.79 -14.77 20.41
CA HIS C 153 -22.53 -13.34 20.53
C HIS C 153 -23.75 -12.53 20.11
N ILE C 154 -24.40 -12.99 19.05
CA ILE C 154 -25.58 -12.36 18.51
C ILE C 154 -26.76 -12.48 19.47
N CYS C 155 -26.86 -13.60 20.17
CA CYS C 155 -27.95 -13.79 21.13
C CYS C 155 -27.73 -12.89 22.34
N ARG C 156 -26.48 -12.72 22.73
CA ARG C 156 -26.11 -11.86 23.85
C ARG C 156 -26.47 -10.41 23.53
N HIS C 157 -26.39 -10.06 22.24
CA HIS C 157 -26.70 -8.72 21.72
C HIS C 157 -28.22 -8.51 21.71
N VAL C 158 -28.93 -9.45 21.08
CA VAL C 158 -30.37 -9.37 21.00
C VAL C 158 -30.97 -9.22 22.38
N ARG C 159 -30.59 -10.10 23.30
CA ARG C 159 -31.08 -10.07 24.68
C ARG C 159 -30.82 -8.71 25.32
N TYR C 160 -29.63 -8.16 25.08
CA TYR C 160 -29.25 -6.87 25.64
C TYR C 160 -30.08 -5.68 25.16
N SER C 161 -30.19 -5.55 23.84
CA SER C 161 -30.91 -4.46 23.22
C SER C 161 -32.42 -4.51 23.35
N THR C 162 -32.98 -5.70 23.29
CA THR C 162 -34.42 -5.87 23.43
C THR C 162 -34.82 -5.28 24.79
N ASN C 163 -34.01 -5.58 25.79
CA ASN C 163 -34.16 -5.07 27.14
C ASN C 163 -35.59 -4.98 27.66
N ASN C 164 -36.34 -6.06 27.50
CA ASN C 164 -37.70 -6.11 28.00
C ASN C 164 -38.53 -4.94 27.46
N GLY C 165 -38.37 -4.63 26.17
CA GLY C 165 -39.11 -3.55 25.55
C GLY C 165 -38.43 -2.20 25.51
N ASN C 166 -37.62 -1.89 26.53
CA ASN C 166 -36.91 -0.60 26.55
C ASN C 166 -35.67 -0.72 25.66
N ILE C 167 -35.94 -0.81 24.37
CA ILE C 167 -34.90 -0.99 23.37
C ILE C 167 -33.72 -0.06 23.56
N ARG C 168 -32.53 -0.60 23.35
CA ARG C 168 -31.30 0.17 23.46
C ARG C 168 -30.35 -0.13 22.31
N SER C 169 -29.55 0.86 21.96
CA SER C 169 -28.60 0.75 20.86
C SER C 169 -27.34 -0.02 21.22
N ALA C 170 -26.92 -0.86 20.28
CA ALA C 170 -25.74 -1.67 20.45
C ALA C 170 -25.21 -2.13 19.10
N ILE C 171 -23.94 -2.52 19.10
CA ILE C 171 -23.28 -2.99 17.90
C ILE C 171 -22.32 -4.11 18.29
N THR C 172 -22.35 -5.20 17.54
CA THR C 172 -21.43 -6.32 17.79
C THR C 172 -20.44 -6.31 16.64
N VAL C 173 -19.17 -6.12 16.97
CA VAL C 173 -18.13 -6.07 15.95
C VAL C 173 -17.34 -7.39 15.87
N PHE C 174 -17.44 -8.06 14.73
CA PHE C 174 -16.73 -9.31 14.47
C PHE C 174 -15.37 -9.03 13.83
N PRO C 175 -14.40 -9.96 13.96
CA PRO C 175 -13.04 -9.80 13.41
C PRO C 175 -12.98 -9.16 12.04
N GLN C 176 -12.06 -8.21 11.91
CA GLN C 176 -11.87 -7.49 10.66
C GLN C 176 -11.49 -8.38 9.48
N ARG C 177 -11.67 -7.85 8.28
CA ARG C 177 -11.37 -8.54 7.06
C ARG C 177 -9.85 -8.63 6.94
N SER C 178 -9.35 -9.82 6.65
CA SER C 178 -7.90 -10.06 6.49
C SER C 178 -7.57 -10.33 5.02
N ASP C 179 -7.77 -11.57 4.58
CA ASP C 179 -7.51 -11.97 3.20
C ASP C 179 -8.59 -11.46 2.28
N GLY C 180 -9.81 -11.45 2.80
CA GLY C 180 -10.96 -11.08 2.01
C GLY C 180 -11.53 -12.42 1.56
N LYS C 181 -10.83 -13.48 1.97
CA LYS C 181 -11.16 -14.86 1.69
C LYS C 181 -11.66 -15.45 3.00
N HIS C 182 -11.32 -14.79 4.11
CA HIS C 182 -11.71 -15.23 5.46
C HIS C 182 -12.60 -14.19 6.14
N ASP C 183 -13.76 -13.97 5.55
CA ASP C 183 -14.71 -13.00 6.08
C ASP C 183 -15.68 -13.56 7.11
N PHE C 184 -15.87 -12.80 8.19
CA PHE C 184 -16.81 -13.16 9.25
C PHE C 184 -17.98 -12.21 9.02
N ARG C 185 -19.13 -12.75 8.59
CA ARG C 185 -20.27 -11.89 8.35
C ARG C 185 -21.64 -12.54 8.39
N VAL C 186 -22.64 -11.73 8.73
CA VAL C 186 -24.03 -12.17 8.79
C VAL C 186 -24.66 -11.86 7.45
N TRP C 187 -25.13 -12.90 6.79
CA TRP C 187 -25.73 -12.75 5.48
C TRP C 187 -27.10 -12.10 5.48
N ASN C 188 -27.79 -12.17 6.61
CA ASN C 188 -29.12 -11.58 6.73
C ASN C 188 -29.08 -10.06 6.63
N ALA C 189 -30.15 -9.49 6.08
CA ALA C 189 -30.25 -8.03 5.96
C ALA C 189 -30.37 -7.48 7.38
N GLN C 190 -31.16 -8.18 8.19
CA GLN C 190 -31.36 -7.80 9.59
C GLN C 190 -31.35 -9.06 10.44
N LEU C 191 -30.91 -8.90 11.68
CA LEU C 191 -30.88 -10.02 12.62
C LEU C 191 -32.26 -10.65 12.67
N ILE C 192 -33.29 -9.81 12.76
CA ILE C 192 -34.64 -10.32 12.78
C ILE C 192 -35.38 -9.78 11.58
N ARG C 193 -36.02 -10.70 10.85
CA ARG C 193 -36.79 -10.33 9.68
C ARG C 193 -37.67 -11.51 9.28
N TYR C 194 -38.82 -11.20 8.68
CA TYR C 194 -39.78 -12.24 8.28
C TYR C 194 -39.50 -12.82 6.91
N ALA C 195 -39.88 -14.08 6.73
CA ALA C 195 -39.67 -14.76 5.46
C ALA C 195 -40.69 -14.35 4.41
N GLY C 196 -40.40 -14.70 3.17
CA GLY C 196 -41.28 -14.38 2.06
C GLY C 196 -41.25 -15.52 1.08
N TYR C 197 -42.42 -16.04 0.76
CA TYR C 197 -42.52 -17.17 -0.14
C TYR C 197 -43.29 -16.83 -1.41
N GLN C 198 -42.85 -17.42 -2.51
CA GLN C 198 -43.48 -17.20 -3.79
C GLN C 198 -44.49 -18.34 -3.95
N MET C 199 -45.75 -18.01 -3.72
CA MET C 199 -46.83 -18.99 -3.80
C MET C 199 -47.14 -19.47 -5.22
N PRO C 200 -47.78 -20.65 -5.35
CA PRO C 200 -48.17 -21.29 -6.61
C PRO C 200 -49.05 -20.45 -7.54
N ASP C 201 -49.93 -19.63 -6.97
CA ASP C 201 -50.81 -18.79 -7.78
C ASP C 201 -50.03 -17.57 -8.27
N GLY C 202 -48.78 -17.47 -7.84
CA GLY C 202 -47.93 -16.37 -8.24
C GLY C 202 -47.75 -15.30 -7.18
N SER C 203 -48.69 -15.20 -6.24
CA SER C 203 -48.62 -14.19 -5.19
C SER C 203 -47.47 -14.46 -4.22
N ILE C 204 -47.21 -13.49 -3.37
CA ILE C 204 -46.17 -13.63 -2.37
C ILE C 204 -46.83 -13.58 -1.01
N ARG C 205 -46.43 -14.53 -0.17
CA ARG C 205 -46.94 -14.62 1.18
C ARG C 205 -45.79 -14.28 2.12
N GLY C 206 -46.00 -13.26 2.94
CA GLY C 206 -44.96 -12.83 3.85
C GLY C 206 -44.31 -11.56 3.34
N ASP C 207 -43.03 -11.39 3.67
CA ASP C 207 -42.26 -10.21 3.28
C ASP C 207 -41.57 -10.40 1.93
N PRO C 208 -42.08 -9.74 0.86
CA PRO C 208 -41.50 -9.83 -0.48
C PRO C 208 -40.02 -9.44 -0.53
N ALA C 209 -39.64 -8.50 0.33
CA ALA C 209 -38.27 -8.02 0.37
C ALA C 209 -37.31 -9.16 0.69
N ASN C 210 -37.82 -10.20 1.36
CA ASN C 210 -37.00 -11.35 1.75
C ASN C 210 -37.27 -12.66 1.01
N VAL C 211 -37.84 -12.61 -0.19
CA VAL C 211 -38.12 -13.85 -0.92
C VAL C 211 -36.84 -14.58 -1.36
N GLU C 212 -35.89 -13.82 -1.89
CA GLU C 212 -34.62 -14.35 -2.36
C GLU C 212 -33.81 -14.95 -1.21
N PHE C 213 -33.70 -14.21 -0.10
CA PHE C 213 -32.97 -14.69 1.07
C PHE C 213 -33.64 -15.95 1.62
N THR C 214 -34.97 -15.95 1.61
CA THR C 214 -35.74 -17.10 2.08
C THR C 214 -35.37 -18.33 1.29
N GLN C 215 -35.25 -18.17 -0.03
CA GLN C 215 -34.88 -19.27 -0.90
C GLN C 215 -33.54 -19.84 -0.48
N LEU C 216 -32.58 -18.96 -0.25
CA LEU C 216 -31.24 -19.35 0.17
C LEU C 216 -31.35 -20.24 1.41
N CYS C 217 -32.20 -19.84 2.36
CA CYS C 217 -32.41 -20.59 3.60
C CYS C 217 -32.99 -21.98 3.33
N ILE C 218 -33.95 -22.05 2.41
CA ILE C 218 -34.57 -23.30 2.04
C ILE C 218 -33.54 -24.26 1.45
N ASP C 219 -32.67 -23.72 0.59
CA ASP C 219 -31.62 -24.52 -0.05
C ASP C 219 -30.61 -25.05 0.96
N LEU C 220 -30.42 -24.32 2.05
CA LEU C 220 -29.47 -24.72 3.09
C LEU C 220 -30.06 -25.69 4.11
N GLY C 221 -31.33 -26.02 3.96
CA GLY C 221 -31.95 -26.96 4.87
C GLY C 221 -33.11 -26.45 5.71
N TRP C 222 -33.33 -25.13 5.71
CA TRP C 222 -34.43 -24.56 6.50
C TRP C 222 -35.75 -25.01 5.90
N LYS C 223 -36.62 -25.52 6.76
CA LYS C 223 -37.93 -26.01 6.33
C LYS C 223 -38.95 -24.87 6.28
N PRO C 224 -39.40 -24.51 5.07
CA PRO C 224 -40.39 -23.43 4.92
C PRO C 224 -41.66 -23.72 5.71
N LYS C 225 -42.18 -22.72 6.41
CA LYS C 225 -43.38 -22.88 7.20
C LYS C 225 -44.61 -22.24 6.55
N TYR C 226 -44.36 -21.43 5.53
CA TYR C 226 -45.42 -20.75 4.74
C TYR C 226 -46.43 -19.89 5.51
N GLY C 227 -45.91 -19.03 6.39
CA GLY C 227 -46.74 -18.14 7.18
C GLY C 227 -46.42 -16.70 6.79
N ARG C 228 -47.23 -15.75 7.26
CA ARG C 228 -47.02 -14.35 6.94
C ARG C 228 -45.90 -13.69 7.75
N PHE C 229 -45.65 -14.20 8.95
CA PHE C 229 -44.61 -13.62 9.81
C PHE C 229 -43.67 -14.65 10.42
N ASP C 230 -43.03 -15.46 9.59
CA ASP C 230 -42.09 -16.46 10.06
C ASP C 230 -40.70 -15.87 10.18
N VAL C 231 -40.12 -15.93 11.36
CA VAL C 231 -38.78 -15.40 11.55
C VAL C 231 -37.78 -16.31 10.83
N VAL C 232 -36.98 -15.68 9.99
CA VAL C 232 -35.95 -16.35 9.21
C VAL C 232 -34.75 -16.77 10.07
N PRO C 233 -34.12 -17.89 9.73
CA PRO C 233 -32.97 -18.33 10.53
C PRO C 233 -31.77 -17.46 10.23
N LEU C 234 -30.88 -17.39 11.20
CA LEU C 234 -29.66 -16.62 11.08
C LEU C 234 -28.70 -17.42 10.20
N VAL C 235 -28.17 -16.79 9.16
CA VAL C 235 -27.22 -17.41 8.25
C VAL C 235 -25.84 -16.80 8.53
N LEU C 236 -25.10 -17.45 9.42
CA LEU C 236 -23.79 -16.98 9.83
C LEU C 236 -22.60 -17.55 9.05
N GLN C 237 -21.57 -16.72 8.86
CA GLN C 237 -20.39 -17.15 8.13
C GLN C 237 -19.10 -16.89 8.90
N ALA C 238 -18.42 -17.96 9.29
CA ALA C 238 -17.15 -17.84 10.02
C ALA C 238 -16.01 -17.88 9.01
N ASN C 239 -15.10 -16.91 9.11
CA ASN C 239 -13.96 -16.75 8.20
C ASN C 239 -13.97 -17.50 6.86
N GLY C 240 -14.80 -17.01 5.94
CA GLY C 240 -14.91 -17.59 4.62
C GLY C 240 -15.67 -18.90 4.49
N ARG C 241 -15.72 -19.70 5.55
CA ARG C 241 -16.41 -20.99 5.51
C ARG C 241 -17.86 -20.84 5.04
N ASP C 242 -18.40 -21.89 4.44
CA ASP C 242 -19.79 -21.87 3.99
C ASP C 242 -20.65 -21.51 5.20
N PRO C 243 -21.73 -20.76 4.98
CA PRO C 243 -22.64 -20.34 6.05
C PRO C 243 -23.34 -21.51 6.76
N GLU C 244 -23.64 -21.28 8.04
CA GLU C 244 -24.33 -22.26 8.87
C GLU C 244 -25.57 -21.60 9.46
N LEU C 245 -26.69 -22.32 9.45
CA LEU C 245 -27.94 -21.79 9.99
C LEU C 245 -28.11 -22.00 11.48
N PHE C 246 -28.72 -21.02 12.11
CA PHE C 246 -29.00 -21.05 13.54
C PHE C 246 -30.36 -20.41 13.69
N GLU C 247 -31.20 -20.98 14.55
CA GLU C 247 -32.52 -20.43 14.77
C GLU C 247 -32.44 -19.56 16.02
N ILE C 248 -32.91 -18.33 15.92
CA ILE C 248 -32.91 -17.45 17.08
C ILE C 248 -34.04 -17.91 17.99
N PRO C 249 -33.72 -18.27 19.26
CA PRO C 249 -34.73 -18.72 20.22
C PRO C 249 -35.88 -17.72 20.23
N PRO C 250 -37.09 -18.18 19.92
CA PRO C 250 -38.26 -17.29 19.91
C PRO C 250 -38.43 -16.45 21.17
N ASP C 251 -37.89 -16.95 22.28
CA ASP C 251 -37.95 -16.26 23.58
C ASP C 251 -37.18 -14.95 23.52
N LEU C 252 -36.37 -14.77 22.49
CA LEU C 252 -35.58 -13.56 22.32
C LEU C 252 -36.20 -12.63 21.28
N VAL C 253 -37.07 -13.17 20.44
CA VAL C 253 -37.73 -12.36 19.43
C VAL C 253 -38.98 -11.71 20.02
N LEU C 254 -38.85 -10.42 20.35
CA LEU C 254 -39.95 -9.64 20.90
C LEU C 254 -40.79 -9.07 19.78
N GLU C 255 -42.10 -9.24 19.90
CA GLU C 255 -42.99 -8.74 18.87
C GLU C 255 -44.10 -7.89 19.45
N VAL C 256 -44.75 -7.13 18.59
CA VAL C 256 -45.85 -6.26 18.98
C VAL C 256 -47.01 -6.53 18.06
N ALA C 257 -48.14 -6.91 18.65
CA ALA C 257 -49.35 -7.19 17.88
C ALA C 257 -50.01 -5.87 17.51
N MET C 258 -50.34 -5.72 16.23
CA MET C 258 -50.96 -4.48 15.78
C MET C 258 -52.43 -4.36 16.09
N GLU C 259 -52.80 -3.20 16.62
CA GLU C 259 -54.18 -2.89 16.92
C GLU C 259 -54.35 -1.39 16.93
N HIS C 260 -55.58 -0.94 16.64
CA HIS C 260 -55.94 0.47 16.57
C HIS C 260 -56.77 0.90 17.79
N PRO C 261 -56.54 2.13 18.31
CA PRO C 261 -57.27 2.65 19.46
C PRO C 261 -58.78 2.91 19.28
N LYS C 262 -59.25 2.86 18.03
CA LYS C 262 -60.67 3.07 17.71
C LYS C 262 -61.20 1.87 16.93
N TYR C 263 -60.58 1.58 15.80
CA TYR C 263 -61.01 0.47 14.96
C TYR C 263 -60.63 -0.88 15.54
N GLU C 264 -61.60 -1.55 16.15
CA GLU C 264 -61.38 -2.87 16.75
C GLU C 264 -61.21 -3.91 15.66
N TRP C 265 -61.70 -3.59 14.46
CA TRP C 265 -61.57 -4.50 13.34
C TRP C 265 -60.11 -4.63 12.91
N PHE C 266 -59.28 -3.70 13.37
CA PHE C 266 -57.86 -3.73 13.03
C PHE C 266 -57.21 -5.03 13.48
N ARG C 267 -57.64 -5.55 14.62
CA ARG C 267 -57.11 -6.81 15.15
C ARG C 267 -57.38 -7.94 14.16
N GLU C 268 -58.50 -7.87 13.44
CA GLU C 268 -58.87 -8.88 12.45
C GLU C 268 -57.88 -9.06 11.32
N LEU C 269 -57.01 -8.07 11.15
CA LEU C 269 -55.96 -8.13 10.11
C LEU C 269 -54.80 -9.00 10.59
N GLU C 270 -54.75 -9.22 11.90
CA GLU C 270 -53.73 -10.04 12.55
C GLU C 270 -52.31 -9.70 12.13
N LEU C 271 -51.99 -8.42 12.23
CA LEU C 271 -50.68 -7.94 11.89
C LEU C 271 -49.80 -7.87 13.13
N LYS C 272 -48.50 -7.76 12.92
CA LYS C 272 -47.52 -7.65 14.00
C LYS C 272 -46.14 -7.31 13.46
N TRP C 273 -45.21 -7.01 14.34
CA TRP C 273 -43.85 -6.70 13.92
C TRP C 273 -42.90 -6.90 15.07
N TYR C 274 -41.63 -7.10 14.75
CA TYR C 274 -40.61 -7.29 15.76
C TYR C 274 -40.19 -5.92 16.28
N ALA C 275 -39.83 -5.87 17.54
CA ALA C 275 -39.43 -4.62 18.16
C ALA C 275 -38.01 -4.18 17.86
N LEU C 276 -37.15 -5.13 17.48
CA LEU C 276 -35.75 -4.82 17.21
C LEU C 276 -35.30 -4.68 15.77
N PRO C 277 -34.93 -3.44 15.36
CA PRO C 277 -34.45 -3.12 14.02
C PRO C 277 -32.92 -3.22 14.01
N ALA C 278 -32.40 -4.40 13.69
CA ALA C 278 -30.96 -4.60 13.68
C ALA C 278 -30.35 -4.88 12.31
N VAL C 279 -29.69 -3.87 11.74
CA VAL C 279 -29.06 -4.01 10.43
C VAL C 279 -27.80 -4.87 10.61
N ALA C 280 -27.72 -5.95 9.84
CA ALA C 280 -26.59 -6.87 9.96
C ALA C 280 -25.69 -7.06 8.76
N ASN C 281 -26.10 -6.59 7.59
CA ASN C 281 -25.27 -6.77 6.40
C ASN C 281 -24.43 -5.57 5.91
N MET C 282 -23.95 -4.77 6.85
CA MET C 282 -23.14 -3.61 6.49
C MET C 282 -21.68 -3.70 6.94
N LEU C 283 -20.83 -2.93 6.27
CA LEU C 283 -19.41 -2.93 6.58
C LEU C 283 -18.95 -1.65 7.25
N LEU C 284 -18.29 -1.80 8.38
CA LEU C 284 -17.74 -0.66 9.11
C LEU C 284 -16.31 -0.45 8.65
N GLU C 285 -16.02 0.74 8.17
CA GLU C 285 -14.69 1.08 7.70
C GLU C 285 -14.03 2.01 8.73
N VAL C 286 -12.87 1.60 9.23
CA VAL C 286 -12.14 2.37 10.23
C VAL C 286 -10.66 2.51 9.87
N GLY C 287 -10.25 3.71 9.50
CA GLY C 287 -8.86 3.94 9.15
C GLY C 287 -8.26 2.89 8.23
N GLY C 288 -8.94 2.62 7.12
CA GLY C 288 -8.46 1.63 6.17
C GLY C 288 -8.97 0.22 6.39
N LEU C 289 -9.10 -0.17 7.67
CA LEU C 289 -9.59 -1.50 8.03
C LEU C 289 -11.06 -1.66 7.65
N GLU C 290 -11.47 -2.89 7.41
CA GLU C 290 -12.86 -3.18 7.04
C GLU C 290 -13.44 -4.29 7.90
N PHE C 291 -14.62 -4.04 8.47
CA PHE C 291 -15.28 -5.03 9.30
C PHE C 291 -16.59 -5.35 8.61
N PRO C 292 -16.66 -6.47 7.89
CA PRO C 292 -17.86 -6.90 7.16
C PRO C 292 -18.91 -7.57 8.06
N GLY C 293 -18.55 -7.76 9.33
CA GLY C 293 -19.46 -8.34 10.31
C GLY C 293 -19.54 -7.36 11.46
N CYS C 294 -20.66 -6.63 11.54
CA CYS C 294 -20.84 -5.63 12.57
C CYS C 294 -22.31 -5.22 12.69
N PRO C 295 -23.19 -6.17 13.07
CA PRO C 295 -24.61 -5.84 13.20
C PRO C 295 -24.88 -4.80 14.28
N PHE C 296 -25.74 -3.84 13.96
CA PHE C 296 -26.08 -2.78 14.90
C PHE C 296 -27.57 -2.57 14.94
N ASN C 297 -28.03 -1.88 15.98
CA ASN C 297 -29.46 -1.61 16.12
C ASN C 297 -29.74 -0.38 16.95
N GLY C 298 -30.92 0.17 16.72
CA GLY C 298 -31.41 1.32 17.47
C GLY C 298 -32.85 0.92 17.71
N TRP C 299 -33.74 1.89 17.82
CA TRP C 299 -35.15 1.57 17.97
C TRP C 299 -35.84 2.07 16.72
N TYR C 300 -37.06 1.61 16.55
CA TYR C 300 -37.85 1.95 15.38
C TYR C 300 -38.44 3.35 15.39
N MET C 301 -38.72 3.84 14.19
CA MET C 301 -39.39 5.10 14.02
C MET C 301 -40.67 4.60 13.37
N GLY C 302 -41.81 4.95 13.94
CA GLY C 302 -43.09 4.49 13.45
C GLY C 302 -43.26 4.28 11.96
N THR C 303 -42.94 5.31 11.17
CA THR C 303 -43.09 5.26 9.72
C THR C 303 -42.39 4.09 9.01
N GLU C 304 -41.28 3.63 9.57
CA GLU C 304 -40.53 2.52 9.01
C GLU C 304 -41.45 1.32 8.84
N ILE C 305 -42.15 0.97 9.91
CA ILE C 305 -43.06 -0.16 9.88
C ILE C 305 -44.36 0.21 9.19
N GLY C 306 -45.02 1.22 9.76
CA GLY C 306 -46.30 1.68 9.24
C GLY C 306 -46.40 2.05 7.78
N VAL C 307 -45.51 2.93 7.34
CA VAL C 307 -45.52 3.40 5.95
C VAL C 307 -44.84 2.44 4.99
N ARG C 308 -43.56 2.20 5.25
CA ARG C 308 -42.79 1.34 4.38
C ARG C 308 -43.17 -0.14 4.47
N ASP C 309 -42.75 -0.80 5.53
CA ASP C 309 -43.02 -2.21 5.72
C ASP C 309 -44.47 -2.66 5.51
N PHE C 310 -45.43 -1.86 5.96
CA PHE C 310 -46.82 -2.22 5.79
C PHE C 310 -47.52 -1.73 4.54
N CYS C 311 -47.09 -0.61 3.98
CA CYS C 311 -47.80 -0.09 2.81
C CYS C 311 -47.09 -0.10 1.46
N ASP C 312 -45.77 -0.26 1.45
CA ASP C 312 -45.05 -0.32 0.19
C ASP C 312 -45.64 -1.45 -0.64
N VAL C 313 -45.75 -1.23 -1.94
CA VAL C 313 -46.31 -2.25 -2.82
C VAL C 313 -45.40 -3.46 -2.80
N GLN C 314 -44.09 -3.21 -2.72
CA GLN C 314 -43.10 -4.27 -2.69
C GLN C 314 -42.91 -4.86 -1.28
N ARG C 315 -43.73 -4.42 -0.33
CA ARG C 315 -43.65 -4.93 1.03
C ARG C 315 -44.99 -5.60 1.35
N TYR C 316 -45.48 -5.50 2.58
CA TYR C 316 -46.74 -6.15 2.91
C TYR C 316 -47.98 -5.60 2.22
N ASN C 317 -47.87 -4.40 1.64
CA ASN C 317 -48.94 -3.75 0.90
C ASN C 317 -50.36 -3.96 1.45
N ILE C 318 -50.63 -3.39 2.62
CA ILE C 318 -51.94 -3.54 3.27
C ILE C 318 -52.86 -2.37 3.02
N LEU C 319 -52.35 -1.35 2.35
CA LEU C 319 -53.11 -0.12 2.11
C LEU C 319 -54.55 -0.25 1.67
N GLU C 320 -54.83 -0.99 0.59
CA GLU C 320 -56.21 -1.10 0.14
C GLU C 320 -57.17 -1.76 1.11
N GLU C 321 -56.75 -2.86 1.72
CA GLU C 321 -57.60 -3.59 2.66
C GLU C 321 -58.06 -2.65 3.77
N VAL C 322 -57.11 -1.93 4.36
CA VAL C 322 -57.38 -0.97 5.43
C VAL C 322 -58.34 0.11 4.92
N GLY C 323 -58.19 0.46 3.65
CA GLY C 323 -59.05 1.47 3.06
C GLY C 323 -60.49 0.99 2.98
N ARG C 324 -60.67 -0.26 2.53
CA ARG C 324 -61.99 -0.87 2.39
C ARG C 324 -62.66 -1.07 3.75
N ARG C 325 -61.89 -1.52 4.73
CA ARG C 325 -62.39 -1.74 6.09
C ARG C 325 -62.80 -0.41 6.73
N MET C 326 -62.13 0.67 6.32
CA MET C 326 -62.44 2.01 6.82
C MET C 326 -63.65 2.58 6.09
N GLY C 327 -64.08 1.89 5.04
CA GLY C 327 -65.23 2.31 4.26
C GLY C 327 -64.98 3.52 3.39
N LEU C 328 -63.71 3.76 3.09
CA LEU C 328 -63.32 4.89 2.27
C LEU C 328 -63.56 4.62 0.78
N GLU C 329 -63.70 5.70 0.02
CA GLU C 329 -63.93 5.64 -1.43
C GLU C 329 -62.62 5.22 -2.10
N THR C 330 -62.30 3.94 -1.97
CA THR C 330 -61.05 3.39 -2.52
C THR C 330 -60.90 3.44 -4.03
N HIS C 331 -61.88 4.03 -4.71
CA HIS C 331 -61.82 4.13 -6.17
C HIS C 331 -61.57 5.56 -6.65
N LYS C 332 -62.09 6.54 -5.91
CA LYS C 332 -61.87 7.94 -6.26
C LYS C 332 -60.56 8.32 -5.58
N LEU C 333 -59.49 8.38 -6.39
CA LEU C 333 -58.15 8.70 -5.91
C LEU C 333 -58.05 10.06 -5.21
N ALA C 334 -58.87 11.03 -5.63
CA ALA C 334 -58.87 12.37 -5.04
C ALA C 334 -59.68 12.47 -3.75
N SER C 335 -60.08 11.32 -3.21
CA SER C 335 -60.84 11.27 -1.96
C SER C 335 -59.81 11.23 -0.84
N LEU C 336 -58.55 11.04 -1.24
CA LEU C 336 -57.41 10.97 -0.34
C LEU C 336 -57.52 9.81 0.64
N TRP C 337 -58.19 8.75 0.20
CA TRP C 337 -58.38 7.57 1.03
C TRP C 337 -57.04 6.95 1.41
N LYS C 338 -56.08 6.99 0.49
CA LYS C 338 -54.77 6.43 0.75
C LYS C 338 -54.13 7.17 1.91
N ASP C 339 -54.30 8.47 1.93
CA ASP C 339 -53.74 9.30 2.98
C ASP C 339 -54.36 9.05 4.34
N GLN C 340 -55.67 8.88 4.39
CA GLN C 340 -56.34 8.63 5.67
C GLN C 340 -55.94 7.26 6.21
N ALA C 341 -55.91 6.27 5.31
CA ALA C 341 -55.55 4.92 5.71
C ALA C 341 -54.14 4.87 6.28
N VAL C 342 -53.18 5.36 5.49
CA VAL C 342 -51.78 5.38 5.91
C VAL C 342 -51.59 6.01 7.29
N VAL C 343 -52.36 7.06 7.57
CA VAL C 343 -52.25 7.73 8.85
C VAL C 343 -52.76 6.81 9.95
N GLU C 344 -53.91 6.18 9.74
CA GLU C 344 -54.49 5.30 10.76
C GLU C 344 -53.60 4.09 11.05
N ILE C 345 -52.98 3.55 10.00
CA ILE C 345 -52.10 2.41 10.16
C ILE C 345 -50.94 2.82 11.06
N ASN C 346 -50.41 4.01 10.83
CA ASN C 346 -49.29 4.51 11.63
C ASN C 346 -49.66 4.87 13.07
N ILE C 347 -50.95 5.05 13.30
CA ILE C 347 -51.43 5.34 14.63
C ILE C 347 -51.52 4.01 15.36
N ALA C 348 -51.91 2.97 14.63
CA ALA C 348 -52.01 1.64 15.19
C ALA C 348 -50.62 1.21 15.65
N VAL C 349 -49.63 1.44 14.80
CA VAL C 349 -48.26 1.08 15.12
C VAL C 349 -47.77 1.75 16.39
N LEU C 350 -47.88 3.08 16.45
CA LEU C 350 -47.44 3.82 17.62
C LEU C 350 -48.24 3.44 18.86
N HIS C 351 -49.54 3.27 18.68
CA HIS C 351 -50.43 2.89 19.76
C HIS C 351 -50.03 1.55 20.36
N SER C 352 -49.89 0.55 19.48
CA SER C 352 -49.54 -0.81 19.86
C SER C 352 -48.25 -0.92 20.66
N PHE C 353 -47.18 -0.27 20.19
CA PHE C 353 -45.91 -0.31 20.90
C PHE C 353 -46.02 0.33 22.27
N GLN C 354 -46.68 1.48 22.35
CA GLN C 354 -46.84 2.19 23.60
C GLN C 354 -47.66 1.38 24.59
N LYS C 355 -48.77 0.81 24.11
CA LYS C 355 -49.64 0.01 24.97
C LYS C 355 -48.90 -1.21 25.50
N GLN C 356 -47.99 -1.76 24.69
CA GLN C 356 -47.23 -2.94 25.10
C GLN C 356 -45.87 -2.64 25.71
N ASN C 357 -45.66 -1.36 26.03
CA ASN C 357 -44.42 -0.88 26.66
C ASN C 357 -43.14 -1.20 25.92
N VAL C 358 -43.15 -0.93 24.63
CA VAL C 358 -41.99 -1.14 23.78
C VAL C 358 -41.62 0.20 23.18
N THR C 359 -40.35 0.56 23.35
CA THR C 359 -39.81 1.83 22.83
C THR C 359 -40.04 1.97 21.33
N ILE C 360 -40.57 3.12 20.94
CA ILE C 360 -40.85 3.44 19.54
C ILE C 360 -40.74 4.97 19.47
N MET C 361 -40.50 5.50 18.26
CA MET C 361 -40.37 6.96 18.09
C MET C 361 -41.12 7.44 16.86
N ASP C 362 -41.94 8.48 17.03
CA ASP C 362 -42.71 9.02 15.92
C ASP C 362 -41.82 9.92 15.07
N HIS C 363 -42.16 10.03 13.79
CA HIS C 363 -41.35 10.84 12.89
C HIS C 363 -41.23 12.33 13.23
N HIS C 364 -42.17 12.87 13.99
CA HIS C 364 -42.11 14.27 14.36
C HIS C 364 -41.08 14.48 15.44
N SER C 365 -41.14 13.66 16.47
CA SER C 365 -40.19 13.75 17.58
C SER C 365 -38.78 13.46 17.07
N ALA C 366 -38.68 12.53 16.12
CA ALA C 366 -37.40 12.16 15.56
C ALA C 366 -36.82 13.32 14.75
N ALA C 367 -37.63 13.89 13.89
CA ALA C 367 -37.21 15.00 13.05
C ALA C 367 -36.74 16.17 13.89
N GLU C 368 -37.50 16.48 14.93
CA GLU C 368 -37.16 17.60 15.78
C GLU C 368 -35.86 17.39 16.56
N SER C 369 -35.56 16.13 16.87
CA SER C 369 -34.33 15.82 17.57
C SER C 369 -33.17 15.88 16.59
N PHE C 370 -33.43 15.53 15.34
CA PHE C 370 -32.37 15.58 14.34
C PHE C 370 -31.94 17.01 14.08
N MET C 371 -32.89 17.94 14.14
CA MET C 371 -32.57 19.35 13.92
C MET C 371 -31.61 19.85 14.98
N LYS C 372 -31.87 19.43 16.23
CA LYS C 372 -31.04 19.80 17.37
C LYS C 372 -29.65 19.17 17.22
N TYR C 373 -29.61 17.94 16.70
CA TYR C 373 -28.34 17.24 16.49
C TYR C 373 -27.53 17.96 15.42
N MET C 374 -28.19 18.29 14.31
CA MET C 374 -27.53 18.97 13.20
C MET C 374 -26.90 20.29 13.66
N GLN C 375 -27.63 21.05 14.47
CA GLN C 375 -27.12 22.32 14.98
C GLN C 375 -25.83 22.05 15.78
N ASN C 376 -25.87 21.05 16.66
CA ASN C 376 -24.72 20.67 17.48
C ASN C 376 -23.50 20.28 16.68
N GLU C 377 -23.72 19.63 15.53
CA GLU C 377 -22.65 19.20 14.65
C GLU C 377 -21.95 20.38 14.00
N TYR C 378 -22.74 21.31 13.48
CA TYR C 378 -22.18 22.49 12.86
C TYR C 378 -21.44 23.36 13.86
N ARG C 379 -21.86 23.30 15.12
CA ARG C 379 -21.21 24.09 16.17
C ARG C 379 -19.93 23.45 16.71
N SER C 380 -19.83 22.12 16.64
CA SER C 380 -18.64 21.44 17.14
C SER C 380 -17.60 21.11 16.07
N ARG C 381 -18.02 20.46 14.99
CA ARG C 381 -17.07 20.12 13.94
C ARG C 381 -17.31 20.80 12.60
N GLY C 382 -18.19 21.81 12.63
CA GLY C 382 -18.49 22.57 11.43
C GLY C 382 -18.92 21.73 10.25
N GLY C 383 -19.93 20.90 10.44
CA GLY C 383 -20.40 20.06 9.36
C GLY C 383 -21.24 18.92 9.85
N CYS C 384 -22.07 18.38 8.96
CA CYS C 384 -22.96 17.28 9.27
C CYS C 384 -23.46 16.67 7.96
N PRO C 385 -22.86 15.54 7.54
CA PRO C 385 -23.23 14.84 6.31
C PRO C 385 -24.71 14.43 6.40
N ALA C 386 -25.50 14.80 5.41
CA ALA C 386 -26.91 14.49 5.44
C ALA C 386 -27.55 14.26 4.09
N ASP C 387 -28.30 13.17 4.00
CA ASP C 387 -28.99 12.79 2.78
C ASP C 387 -30.45 13.18 2.91
N TRP C 388 -30.79 14.33 2.34
CA TRP C 388 -32.16 14.82 2.39
C TRP C 388 -33.18 13.74 2.03
N ILE C 389 -32.93 13.03 0.94
CA ILE C 389 -33.83 11.99 0.45
C ILE C 389 -34.18 10.90 1.46
N TRP C 390 -33.22 10.55 2.30
CA TRP C 390 -33.42 9.52 3.30
C TRP C 390 -33.93 10.02 4.64
N LEU C 391 -33.52 11.23 5.01
CA LEU C 391 -33.90 11.82 6.30
C LEU C 391 -35.36 12.24 6.41
N VAL C 392 -35.94 12.74 5.33
CA VAL C 392 -37.33 13.18 5.34
C VAL C 392 -38.28 11.98 5.37
N PRO C 393 -39.10 11.88 6.42
CA PRO C 393 -40.07 10.81 6.62
C PRO C 393 -40.93 10.57 5.38
N PRO C 394 -41.26 9.30 5.11
CA PRO C 394 -42.09 8.86 3.99
C PRO C 394 -43.52 9.37 3.99
N MET C 395 -43.93 10.05 5.04
CA MET C 395 -45.29 10.59 5.10
C MET C 395 -45.23 11.94 5.78
N SER C 396 -46.14 12.83 5.38
CA SER C 396 -46.23 14.19 5.93
C SER C 396 -44.86 14.87 5.92
N GLY C 397 -44.18 14.74 4.77
CA GLY C 397 -42.85 15.30 4.59
C GLY C 397 -42.61 16.72 5.04
N SER C 398 -43.31 17.67 4.42
CA SER C 398 -43.13 19.09 4.75
C SER C 398 -43.58 19.51 6.15
N ILE C 399 -44.25 18.62 6.86
CA ILE C 399 -44.71 18.92 8.20
C ILE C 399 -43.57 18.77 9.21
N THR C 400 -42.42 18.31 8.72
CA THR C 400 -41.23 18.12 9.54
C THR C 400 -40.16 19.11 9.12
N PRO C 401 -39.42 19.64 10.10
CA PRO C 401 -38.34 20.60 9.88
C PRO C 401 -37.20 20.16 8.96
N VAL C 402 -36.99 18.85 8.85
CA VAL C 402 -35.92 18.33 8.00
C VAL C 402 -36.15 18.57 6.51
N PHE C 403 -37.42 18.65 6.14
CA PHE C 403 -37.82 18.89 4.76
C PHE C 403 -37.39 20.27 4.29
N HIS C 404 -37.45 21.22 5.22
CA HIS C 404 -37.10 22.61 4.94
C HIS C 404 -35.64 22.91 5.23
N GLN C 405 -34.84 21.86 5.32
CA GLN C 405 -33.43 22.01 5.61
C GLN C 405 -32.56 21.66 4.40
N GLU C 406 -31.76 22.62 3.97
CA GLU C 406 -30.83 22.39 2.86
C GLU C 406 -29.71 21.63 3.56
N MET C 407 -29.10 20.66 2.87
CA MET C 407 -28.03 19.89 3.49
C MET C 407 -27.02 19.37 2.48
N LEU C 408 -25.85 19.00 2.99
CA LEU C 408 -24.76 18.44 2.19
C LEU C 408 -24.51 16.98 2.52
N ASN C 409 -24.46 16.14 1.50
CA ASN C 409 -24.21 14.72 1.69
C ASN C 409 -22.81 14.38 1.21
N TYR C 410 -22.04 13.70 2.06
CA TYR C 410 -20.67 13.30 1.73
C TYR C 410 -20.17 12.16 2.60
N VAL C 411 -19.19 11.40 2.10
CA VAL C 411 -18.64 10.28 2.85
C VAL C 411 -17.41 10.62 3.65
N LEU C 412 -17.40 10.23 4.92
CA LEU C 412 -16.27 10.48 5.81
C LEU C 412 -15.71 9.13 6.27
N SER C 413 -15.01 9.13 7.41
CA SER C 413 -14.44 7.92 7.98
C SER C 413 -14.21 8.13 9.47
N PRO C 414 -14.64 7.16 10.32
CA PRO C 414 -15.29 5.87 10.02
C PRO C 414 -16.60 6.04 9.26
N PHE C 415 -17.05 4.95 8.65
CA PHE C 415 -18.26 5.00 7.87
C PHE C 415 -18.88 3.61 7.74
N TYR C 416 -20.20 3.59 7.58
CA TYR C 416 -20.94 2.33 7.43
C TYR C 416 -21.33 2.17 5.96
N TYR C 417 -20.54 1.40 5.23
CA TYR C 417 -20.78 1.15 3.81
C TYR C 417 -21.69 -0.06 3.64
N TYR C 418 -22.32 -0.14 2.47
CA TYR C 418 -23.18 -1.27 2.14
C TYR C 418 -22.24 -2.37 1.64
N GLN C 419 -22.80 -3.51 1.26
CA GLN C 419 -22.01 -4.61 0.73
C GLN C 419 -22.84 -5.36 -0.27
N VAL C 420 -22.18 -6.16 -1.09
CA VAL C 420 -22.90 -6.98 -2.05
C VAL C 420 -23.27 -8.17 -1.20
N GLU C 421 -24.57 -8.48 -1.15
CA GLU C 421 -25.03 -9.60 -0.35
C GLU C 421 -24.18 -10.82 -0.63
N ALA C 422 -23.53 -11.29 0.43
CA ALA C 422 -22.64 -12.44 0.37
C ALA C 422 -23.01 -13.58 -0.57
N TRP C 423 -24.26 -14.02 -0.54
CA TRP C 423 -24.66 -15.14 -1.41
C TRP C 423 -24.47 -14.92 -2.91
N LYS C 424 -24.42 -13.66 -3.35
CA LYS C 424 -24.26 -13.36 -4.77
C LYS C 424 -22.81 -13.41 -5.24
N THR C 425 -21.88 -13.51 -4.29
CA THR C 425 -20.46 -13.56 -4.61
C THR C 425 -19.69 -14.68 -3.92
N HIS C 426 -20.40 -15.55 -3.19
CA HIS C 426 -19.74 -16.64 -2.47
C HIS C 426 -19.31 -17.78 -3.36
N VAL C 427 -18.14 -18.33 -3.01
CA VAL C 427 -17.54 -19.47 -3.68
C VAL C 427 -17.78 -20.72 -2.82
N TRP C 428 -18.93 -21.34 -3.06
CA TRP C 428 -19.35 -22.54 -2.34
C TRP C 428 -18.37 -23.69 -2.40
N GLN C 429 -18.35 -24.49 -1.34
CA GLN C 429 -17.49 -25.66 -1.28
C GLN C 429 -18.33 -26.92 -1.50
N ARG D 10 -22.35 5.59 -23.02
CA ARG D 10 -22.54 5.35 -21.55
C ARG D 10 -24.02 5.37 -21.20
N HIS D 11 -24.41 4.43 -20.35
CA HIS D 11 -25.79 4.33 -19.90
C HIS D 11 -25.79 4.33 -18.38
N VAL D 12 -26.57 5.22 -17.79
CA VAL D 12 -26.69 5.25 -16.33
C VAL D 12 -27.98 4.49 -16.00
N ARG D 13 -27.82 3.37 -15.32
CA ARG D 13 -28.90 2.49 -14.91
C ARG D 13 -29.69 3.04 -13.72
N ILE D 14 -31.00 3.25 -13.92
CA ILE D 14 -31.90 3.75 -12.87
C ILE D 14 -33.12 2.82 -12.76
N LYS D 15 -33.50 2.49 -11.53
CA LYS D 15 -34.60 1.55 -11.30
C LYS D 15 -35.71 2.10 -10.41
N ASN D 16 -36.92 1.59 -10.60
CA ASN D 16 -38.07 1.97 -9.75
C ASN D 16 -38.27 0.76 -8.85
N TRP D 17 -37.90 0.89 -7.58
CA TRP D 17 -38.02 -0.23 -6.63
C TRP D 17 -39.44 -0.67 -6.30
N GLY D 18 -40.42 0.10 -6.75
CA GLY D 18 -41.81 -0.24 -6.51
C GLY D 18 -42.37 -1.15 -7.58
N SER D 19 -41.99 -0.90 -8.83
CA SER D 19 -42.47 -1.70 -9.97
C SER D 19 -41.38 -2.58 -10.58
N GLY D 20 -40.12 -2.30 -10.25
CA GLY D 20 -39.02 -3.06 -10.79
C GLY D 20 -38.58 -2.59 -12.18
N MET D 21 -39.23 -1.55 -12.69
CA MET D 21 -38.91 -1.03 -14.01
C MET D 21 -37.64 -0.20 -14.07
N THR D 22 -36.74 -0.62 -14.95
CA THR D 22 -35.46 0.05 -15.13
C THR D 22 -35.39 0.88 -16.40
N PHE D 23 -34.51 1.87 -16.37
CA PHE D 23 -34.28 2.79 -17.50
C PHE D 23 -32.78 2.94 -17.73
N GLN D 24 -32.42 3.36 -18.94
CA GLN D 24 -31.03 3.58 -19.29
C GLN D 24 -30.92 5.02 -19.80
N ASP D 25 -30.38 5.89 -18.96
CA ASP D 25 -30.24 7.29 -19.32
C ASP D 25 -28.97 7.59 -20.11
N THR D 26 -29.16 8.17 -21.28
CA THR D 26 -28.06 8.55 -22.19
C THR D 26 -28.14 10.05 -22.43
N LEU D 27 -29.34 10.60 -22.28
CA LEU D 27 -29.61 12.01 -22.50
C LEU D 27 -28.83 12.96 -21.58
N HIS D 28 -28.28 12.43 -20.49
CA HIS D 28 -27.53 13.26 -19.54
C HIS D 28 -26.19 13.78 -20.06
N HIS D 29 -25.73 13.26 -21.20
CA HIS D 29 -24.48 13.70 -21.81
C HIS D 29 -24.65 15.03 -22.56
N LYS D 30 -25.89 15.36 -22.89
CA LYS D 30 -26.20 16.59 -23.60
C LYS D 30 -26.58 17.71 -22.62
N ALA D 31 -26.39 17.45 -21.33
CA ALA D 31 -26.70 18.42 -20.30
C ALA D 31 -25.54 19.39 -20.11
N LYS D 32 -25.88 20.67 -19.93
CA LYS D 32 -24.88 21.71 -19.72
C LYS D 32 -24.27 21.55 -18.33
N GLY D 33 -22.98 21.21 -18.30
CA GLY D 33 -22.28 21.01 -17.04
C GLY D 33 -22.13 22.25 -16.18
N ILE D 34 -23.12 22.49 -15.33
CA ILE D 34 -23.13 23.66 -14.45
C ILE D 34 -23.44 23.36 -12.98
N LEU D 35 -23.85 22.12 -12.69
CA LEU D 35 -24.22 21.71 -11.34
C LEU D 35 -23.10 21.78 -10.29
N THR D 36 -23.43 22.32 -9.12
CA THR D 36 -22.52 22.51 -8.00
C THR D 36 -22.08 21.24 -7.24
N CYS D 37 -22.61 20.09 -7.65
CA CYS D 37 -22.29 18.82 -7.00
C CYS D 37 -20.89 18.30 -7.38
N ARG D 38 -20.04 18.13 -6.39
CA ARG D 38 -18.68 17.62 -6.61
C ARG D 38 -18.68 16.14 -6.21
N SER D 39 -17.58 15.44 -6.52
CA SER D 39 -17.45 14.02 -6.18
C SER D 39 -17.28 13.85 -4.68
N LYS D 40 -16.81 14.91 -4.04
CA LYS D 40 -16.56 14.92 -2.61
C LYS D 40 -17.82 15.25 -1.80
N SER D 41 -18.77 15.96 -2.42
CA SER D 41 -20.00 16.35 -1.74
C SER D 41 -21.17 16.70 -2.68
N CYS D 42 -22.31 16.05 -2.46
CA CYS D 42 -23.54 16.27 -3.24
C CYS D 42 -24.45 17.32 -2.60
N LEU D 43 -24.80 18.34 -3.37
CA LEU D 43 -25.66 19.43 -2.88
C LEU D 43 -27.01 19.49 -3.61
N GLY D 44 -27.69 18.35 -3.71
CA GLY D 44 -28.97 18.29 -4.41
C GLY D 44 -30.15 18.91 -3.68
N SER D 45 -29.96 19.19 -2.40
CA SER D 45 -31.04 19.78 -1.58
C SER D 45 -31.07 21.31 -1.51
N ILE D 46 -30.23 22.00 -2.28
CA ILE D 46 -30.23 23.47 -2.27
C ILE D 46 -31.45 23.93 -3.06
N MET D 47 -32.26 24.78 -2.44
CA MET D 47 -33.48 25.25 -3.06
C MET D 47 -33.31 26.07 -4.32
N THR D 48 -32.54 27.16 -4.23
CA THR D 48 -32.30 28.02 -5.37
C THR D 48 -30.80 28.29 -5.55
N PRO D 49 -30.04 27.29 -6.04
CA PRO D 49 -28.59 27.40 -6.24
C PRO D 49 -28.25 28.29 -7.43
N LYS D 50 -27.05 28.86 -7.43
CA LYS D 50 -26.61 29.73 -8.50
C LYS D 50 -26.63 29.00 -9.85
N SER D 51 -26.40 27.69 -9.81
CA SER D 51 -26.40 26.87 -11.01
C SER D 51 -27.70 26.92 -11.81
N LEU D 52 -28.83 26.96 -11.12
CA LEU D 52 -30.12 27.03 -11.79
C LEU D 52 -30.58 28.46 -11.99
N THR D 53 -29.85 29.40 -11.42
CA THR D 53 -30.16 30.82 -11.54
C THR D 53 -29.47 31.40 -12.77
N ARG D 54 -30.14 32.35 -13.42
CA ARG D 54 -29.61 33.01 -14.60
C ARG D 54 -29.56 34.51 -14.32
N GLY D 55 -28.43 34.97 -13.77
CA GLY D 55 -28.25 36.37 -13.41
C GLY D 55 -28.39 37.43 -14.49
N PRO D 56 -28.36 38.72 -14.09
CA PRO D 56 -28.47 39.88 -14.97
C PRO D 56 -27.16 40.28 -15.66
N ARG D 57 -27.27 40.99 -16.77
CA ARG D 57 -26.11 41.44 -17.53
C ARG D 57 -26.06 42.96 -17.58
N ASP D 58 -25.21 43.47 -18.46
CA ASP D 58 -25.03 44.90 -18.70
C ASP D 58 -24.38 45.04 -20.08
N LYS D 59 -23.91 43.90 -20.59
CA LYS D 59 -23.27 43.78 -21.89
C LYS D 59 -23.95 42.61 -22.58
N PRO D 60 -24.42 42.79 -23.83
CA PRO D 60 -25.09 41.68 -24.52
C PRO D 60 -24.18 40.47 -24.72
N THR D 61 -24.80 39.35 -25.12
CA THR D 61 -24.09 38.10 -25.32
C THR D 61 -23.17 38.18 -26.55
N PRO D 62 -21.85 37.94 -26.37
CA PRO D 62 -20.89 37.96 -27.47
C PRO D 62 -21.32 36.97 -28.58
N PRO D 63 -21.39 37.42 -29.85
CA PRO D 63 -21.83 36.56 -30.98
C PRO D 63 -20.95 35.30 -31.14
N ASP D 64 -19.68 35.45 -30.72
CA ASP D 64 -18.71 34.36 -30.75
C ASP D 64 -19.18 33.21 -29.84
N GLU D 65 -19.77 33.60 -28.71
CA GLU D 65 -20.26 32.69 -27.68
C GLU D 65 -21.72 32.26 -27.90
N LEU D 66 -22.39 32.97 -28.80
CA LEU D 66 -23.82 32.80 -29.09
C LEU D 66 -24.13 31.94 -30.34
N LEU D 67 -23.20 31.94 -31.30
CA LEU D 67 -23.38 31.19 -32.55
C LEU D 67 -23.50 29.69 -32.34
N PRO D 68 -22.68 29.09 -31.45
CA PRO D 68 -22.75 27.64 -31.23
C PRO D 68 -24.14 27.23 -30.71
N GLN D 69 -24.56 27.92 -29.64
CA GLN D 69 -25.84 27.69 -29.00
C GLN D 69 -27.01 27.92 -29.92
N ALA D 70 -26.94 29.00 -30.72
CA ALA D 70 -28.00 29.36 -31.66
C ALA D 70 -28.19 28.30 -32.74
N ILE D 71 -27.09 27.74 -33.22
CA ILE D 71 -27.13 26.71 -34.25
C ILE D 71 -27.71 25.44 -33.62
N GLU D 72 -27.16 25.06 -32.48
CA GLU D 72 -27.58 23.88 -31.73
C GLU D 72 -29.11 23.83 -31.62
N PHE D 73 -29.72 24.96 -31.28
CA PHE D 73 -31.17 25.07 -31.16
C PHE D 73 -31.84 24.81 -32.51
N VAL D 74 -31.27 25.40 -33.56
CA VAL D 74 -31.80 25.25 -34.92
C VAL D 74 -31.92 23.78 -35.35
N ASN D 75 -30.89 22.98 -35.07
CA ASN D 75 -30.88 21.56 -35.41
C ASN D 75 -31.92 20.82 -34.59
N GLN D 76 -31.94 21.16 -33.31
CA GLN D 76 -32.86 20.57 -32.36
C GLN D 76 -34.31 20.84 -32.80
N TYR D 77 -34.57 22.07 -33.24
CA TYR D 77 -35.91 22.46 -33.70
C TYR D 77 -36.35 21.64 -34.90
N TYR D 78 -35.45 21.48 -35.86
CA TYR D 78 -35.78 20.71 -37.06
C TYR D 78 -35.80 19.21 -36.80
N GLY D 79 -35.16 18.80 -35.71
CA GLY D 79 -35.15 17.39 -35.35
C GLY D 79 -36.49 17.00 -34.76
N SER D 80 -37.22 17.99 -34.24
CA SER D 80 -38.55 17.77 -33.63
C SER D 80 -39.57 17.29 -34.67
N PHE D 81 -39.27 17.56 -35.93
CA PHE D 81 -40.16 17.16 -37.02
C PHE D 81 -40.01 15.70 -37.40
N LYS D 82 -41.15 15.03 -37.49
CA LYS D 82 -41.22 13.62 -37.87
C LYS D 82 -40.75 13.47 -39.33
N GLU D 83 -40.96 14.51 -40.13
CA GLU D 83 -40.55 14.53 -41.53
C GLU D 83 -39.05 14.81 -41.60
N ALA D 84 -38.65 15.45 -42.71
CA ALA D 84 -37.27 15.86 -42.95
C ALA D 84 -37.46 17.16 -43.72
N LYS D 85 -36.95 18.25 -43.16
CA LYS D 85 -37.10 19.54 -43.83
C LYS D 85 -35.85 20.02 -44.57
N ILE D 86 -34.83 19.15 -44.58
CA ILE D 86 -33.53 19.35 -45.25
C ILE D 86 -33.19 20.76 -45.76
N GLU D 87 -33.97 21.21 -46.74
CA GLU D 87 -33.82 22.53 -47.37
C GLU D 87 -34.11 23.68 -46.41
N GLU D 88 -35.35 23.71 -45.91
CA GLU D 88 -35.81 24.74 -44.98
C GLU D 88 -34.83 24.83 -43.80
N HIS D 89 -34.39 23.66 -43.31
CA HIS D 89 -33.45 23.57 -42.19
C HIS D 89 -32.12 24.23 -42.56
N LEU D 90 -31.47 23.67 -43.57
CA LEU D 90 -30.19 24.15 -44.08
C LEU D 90 -30.21 25.66 -44.38
N ALA D 91 -31.33 26.14 -44.91
CA ALA D 91 -31.52 27.57 -45.24
C ALA D 91 -31.46 28.43 -43.98
N ARG D 92 -32.24 28.02 -42.98
CA ARG D 92 -32.32 28.72 -41.70
C ARG D 92 -31.00 28.70 -40.93
N VAL D 93 -30.21 27.63 -41.10
CA VAL D 93 -28.92 27.52 -40.41
C VAL D 93 -28.03 28.70 -40.74
N GLU D 94 -27.85 28.97 -42.03
CA GLU D 94 -27.02 30.09 -42.49
C GLU D 94 -27.74 31.44 -42.29
N ALA D 95 -29.06 31.43 -42.44
CA ALA D 95 -29.86 32.66 -42.28
C ALA D 95 -29.63 33.22 -40.88
N VAL D 96 -29.51 32.32 -39.90
CA VAL D 96 -29.26 32.66 -38.51
C VAL D 96 -27.81 33.13 -38.35
N THR D 97 -26.88 32.37 -38.93
CA THR D 97 -25.45 32.67 -38.87
C THR D 97 -25.18 34.07 -39.40
N LYS D 98 -25.96 34.47 -40.41
CA LYS D 98 -25.86 35.77 -41.04
C LYS D 98 -26.42 36.86 -40.14
N GLU D 99 -27.48 36.53 -39.40
CA GLU D 99 -28.11 37.48 -38.49
C GLU D 99 -27.26 37.76 -37.25
N ILE D 100 -26.64 36.73 -36.69
CA ILE D 100 -25.78 36.89 -35.50
C ILE D 100 -24.47 37.56 -35.92
N GLU D 101 -24.14 37.39 -37.20
CA GLU D 101 -22.93 37.96 -37.77
C GLU D 101 -23.11 39.45 -38.01
N THR D 102 -24.24 39.81 -38.63
CA THR D 102 -24.56 41.20 -38.94
C THR D 102 -25.08 42.03 -37.76
N THR D 103 -26.11 41.52 -37.08
CA THR D 103 -26.70 42.22 -35.93
C THR D 103 -26.13 41.78 -34.56
N GLY D 104 -25.43 40.64 -34.53
CA GLY D 104 -24.87 40.16 -33.28
C GLY D 104 -25.91 39.46 -32.40
N THR D 105 -27.04 39.13 -33.01
CA THR D 105 -28.16 38.46 -32.32
C THR D 105 -29.14 37.96 -33.37
N TYR D 106 -30.19 37.25 -32.94
CA TYR D 106 -31.19 36.75 -33.87
C TYR D 106 -32.62 36.78 -33.33
N GLN D 107 -33.57 36.61 -34.25
CA GLN D 107 -34.98 36.62 -33.91
C GLN D 107 -35.57 35.28 -34.29
N LEU D 108 -35.73 34.39 -33.31
CA LEU D 108 -36.31 33.08 -33.59
C LEU D 108 -37.74 33.28 -34.10
N THR D 109 -38.16 32.47 -35.07
CA THR D 109 -39.50 32.59 -35.65
C THR D 109 -40.57 32.38 -34.60
N GLY D 110 -41.77 32.88 -34.89
CA GLY D 110 -42.89 32.72 -33.96
C GLY D 110 -43.20 31.26 -33.69
N ASP D 111 -42.97 30.42 -34.69
CA ASP D 111 -43.23 29.00 -34.54
C ASP D 111 -42.16 28.31 -33.69
N GLU D 112 -40.90 28.66 -33.93
CA GLU D 112 -39.78 28.09 -33.18
C GLU D 112 -39.87 28.45 -31.70
N LEU D 113 -40.49 29.59 -31.42
CA LEU D 113 -40.68 30.07 -30.06
C LEU D 113 -41.60 29.07 -29.35
N ILE D 114 -42.71 28.73 -30.01
CA ILE D 114 -43.69 27.77 -29.48
C ILE D 114 -42.99 26.48 -29.07
N PHE D 115 -42.19 25.93 -29.98
CA PHE D 115 -41.47 24.71 -29.70
C PHE D 115 -40.53 24.91 -28.50
N ALA D 116 -39.88 26.07 -28.43
CA ALA D 116 -38.94 26.39 -27.36
C ALA D 116 -39.53 26.42 -25.96
N THR D 117 -40.78 26.89 -25.85
CA THR D 117 -41.47 26.96 -24.56
C THR D 117 -41.90 25.56 -24.12
N LYS D 118 -42.56 24.85 -25.03
CA LYS D 118 -43.02 23.49 -24.76
C LYS D 118 -41.84 22.57 -24.46
N GLN D 119 -40.69 22.87 -25.05
CA GLN D 119 -39.49 22.09 -24.84
C GLN D 119 -38.85 22.41 -23.51
N ALA D 120 -38.75 23.69 -23.17
CA ALA D 120 -38.16 24.12 -21.90
C ALA D 120 -38.96 23.59 -20.71
N TRP D 121 -40.25 23.32 -20.95
CA TRP D 121 -41.17 22.78 -19.94
C TRP D 121 -40.79 21.32 -19.76
N ARG D 122 -40.71 20.63 -20.89
CA ARG D 122 -40.34 19.21 -20.94
C ARG D 122 -38.95 19.01 -20.31
N ASN D 123 -38.17 20.09 -20.21
CA ASN D 123 -36.83 20.05 -19.64
C ASN D 123 -36.74 20.61 -18.22
N ALA D 124 -37.89 20.92 -17.61
CA ALA D 124 -37.96 21.45 -16.24
C ALA D 124 -38.02 20.24 -15.31
N PRO D 125 -36.89 19.90 -14.66
CA PRO D 125 -36.75 18.77 -13.74
C PRO D 125 -37.59 18.79 -12.46
N ARG D 126 -38.06 19.97 -12.08
CA ARG D 126 -38.84 20.09 -10.86
C ARG D 126 -40.35 20.03 -11.09
N CYS D 127 -40.76 19.97 -12.35
CA CYS D 127 -42.18 19.93 -12.70
C CYS D 127 -42.71 18.51 -12.79
N ILE D 128 -43.80 18.23 -12.07
CA ILE D 128 -44.41 16.91 -12.07
C ILE D 128 -45.55 16.80 -13.07
N GLY D 129 -46.05 17.94 -13.54
CA GLY D 129 -47.15 17.94 -14.49
C GLY D 129 -46.69 17.89 -15.93
N ARG D 130 -45.41 17.57 -16.13
CA ARG D 130 -44.81 17.49 -17.45
C ARG D 130 -45.48 16.60 -18.51
N ILE D 131 -46.50 15.82 -18.13
CA ILE D 131 -47.19 14.97 -19.10
C ILE D 131 -47.98 15.84 -20.09
N GLN D 132 -48.13 17.11 -19.73
CA GLN D 132 -48.83 18.11 -20.54
C GLN D 132 -47.85 18.98 -21.31
N TRP D 133 -46.56 18.61 -21.31
CA TRP D 133 -45.52 19.39 -21.99
C TRP D 133 -45.87 19.87 -23.41
N SER D 134 -46.65 19.05 -24.13
CA SER D 134 -47.07 19.36 -25.50
C SER D 134 -48.54 19.81 -25.56
N ASN D 135 -48.93 20.60 -24.56
CA ASN D 135 -50.30 21.09 -24.46
C ASN D 135 -50.20 22.44 -23.75
N LEU D 136 -49.76 23.45 -24.49
CA LEU D 136 -49.57 24.79 -23.95
C LEU D 136 -49.85 25.87 -24.97
N GLN D 137 -50.74 26.80 -24.62
CA GLN D 137 -51.04 27.91 -25.51
C GLN D 137 -49.92 28.94 -25.34
N VAL D 138 -49.30 29.32 -26.46
CA VAL D 138 -48.22 30.27 -26.43
C VAL D 138 -48.65 31.67 -26.89
N PHE D 139 -48.35 32.67 -26.07
CA PHE D 139 -48.69 34.06 -26.36
C PHE D 139 -47.44 34.85 -26.69
N ASP D 140 -47.21 35.09 -27.97
CA ASP D 140 -46.05 35.88 -28.41
C ASP D 140 -46.32 37.36 -28.20
N ALA D 141 -45.49 37.97 -27.37
CA ALA D 141 -45.62 39.38 -27.07
C ALA D 141 -44.25 40.04 -27.10
N ARG D 142 -43.40 39.58 -28.03
CA ARG D 142 -42.06 40.15 -28.18
C ARG D 142 -42.18 41.52 -28.87
N SER D 143 -43.39 41.81 -29.35
CA SER D 143 -43.72 43.06 -30.04
C SER D 143 -44.03 44.22 -29.07
N CYS D 144 -44.27 43.88 -27.81
CA CYS D 144 -44.58 44.84 -26.75
C CYS D 144 -43.44 45.82 -26.45
N SER D 145 -43.79 47.00 -25.93
CA SER D 145 -42.79 48.03 -25.61
C SER D 145 -43.10 48.92 -24.39
N THR D 146 -44.34 48.89 -23.89
CA THR D 146 -44.74 49.70 -22.73
C THR D 146 -45.06 48.84 -21.51
N ALA D 147 -44.95 49.44 -20.32
CA ALA D 147 -45.28 48.76 -19.07
C ALA D 147 -46.80 48.53 -19.12
N ARG D 148 -47.49 49.52 -19.67
CA ARG D 148 -48.94 49.49 -19.84
C ARG D 148 -49.33 48.38 -20.82
N GLU D 149 -48.47 48.14 -21.81
CA GLU D 149 -48.72 47.09 -22.79
C GLU D 149 -48.62 45.71 -22.16
N MET D 150 -47.57 45.51 -21.35
CA MET D 150 -47.35 44.24 -20.67
C MET D 150 -48.61 43.84 -19.92
N PHE D 151 -49.10 44.76 -19.09
CA PHE D 151 -50.30 44.54 -18.31
C PHE D 151 -51.46 44.07 -19.17
N GLU D 152 -51.67 44.74 -20.30
CA GLU D 152 -52.76 44.39 -21.21
C GLU D 152 -52.65 42.96 -21.75
N HIS D 153 -51.41 42.52 -21.96
CA HIS D 153 -51.11 41.16 -22.45
C HIS D 153 -51.36 40.13 -21.34
N ILE D 154 -50.92 40.49 -20.14
CA ILE D 154 -51.07 39.66 -18.95
C ILE D 154 -52.53 39.43 -18.62
N CYS D 155 -53.33 40.49 -18.72
CA CYS D 155 -54.76 40.38 -18.44
C CYS D 155 -55.39 39.39 -19.41
N ARG D 156 -54.83 39.31 -20.62
CA ARG D 156 -55.34 38.39 -21.62
C ARG D 156 -54.96 36.97 -21.22
N HIS D 157 -53.71 36.80 -20.78
CA HIS D 157 -53.20 35.51 -20.33
C HIS D 157 -54.11 34.97 -19.23
N VAL D 158 -54.44 35.82 -18.26
CA VAL D 158 -55.29 35.44 -17.14
C VAL D 158 -56.71 35.04 -17.52
N ARG D 159 -57.42 35.92 -18.22
CA ARG D 159 -58.79 35.66 -18.66
C ARG D 159 -58.86 34.33 -19.42
N TYR D 160 -57.83 34.09 -20.23
CA TYR D 160 -57.73 32.88 -21.03
C TYR D 160 -57.62 31.62 -20.17
N SER D 161 -56.55 31.55 -19.37
CA SER D 161 -56.28 30.41 -18.51
C SER D 161 -57.38 30.12 -17.51
N THR D 162 -57.85 31.15 -16.81
CA THR D 162 -58.92 31.00 -15.83
C THR D 162 -60.06 30.22 -16.48
N ASN D 163 -60.44 30.64 -17.69
CA ASN D 163 -61.49 29.99 -18.46
C ASN D 163 -62.75 29.67 -17.63
N ASN D 164 -63.13 30.61 -16.76
CA ASN D 164 -64.32 30.45 -15.91
C ASN D 164 -64.34 29.15 -15.11
N GLY D 165 -63.16 28.62 -14.82
CA GLY D 165 -63.08 27.39 -14.05
C GLY D 165 -62.14 26.34 -14.59
N ASN D 166 -62.29 26.02 -15.87
CA ASN D 166 -61.44 25.02 -16.52
C ASN D 166 -60.07 25.58 -16.90
N ILE D 167 -59.15 25.54 -15.94
CA ILE D 167 -57.79 26.06 -16.14
C ILE D 167 -57.12 25.47 -17.39
N ARG D 168 -56.35 26.31 -18.08
CA ARG D 168 -55.64 25.91 -19.28
C ARG D 168 -54.19 26.39 -19.21
N SER D 169 -53.27 25.57 -19.71
CA SER D 169 -51.85 25.90 -19.70
C SER D 169 -51.59 26.99 -20.73
N ALA D 170 -50.85 28.03 -20.32
CA ALA D 170 -50.53 29.13 -21.21
C ALA D 170 -49.28 29.90 -20.76
N ILE D 171 -48.57 30.48 -21.72
CA ILE D 171 -47.37 31.25 -21.41
C ILE D 171 -47.39 32.54 -22.23
N THR D 172 -46.73 33.57 -21.73
CA THR D 172 -46.67 34.85 -22.42
C THR D 172 -45.22 35.30 -22.51
N VAL D 173 -44.66 35.17 -23.70
CA VAL D 173 -43.26 35.54 -23.98
C VAL D 173 -43.06 37.01 -24.31
N PHE D 174 -42.23 37.68 -23.52
CA PHE D 174 -41.95 39.09 -23.73
C PHE D 174 -40.61 39.25 -24.46
N PRO D 175 -40.35 40.47 -24.97
CA PRO D 175 -39.12 40.77 -25.71
C PRO D 175 -37.87 40.21 -25.05
N GLN D 176 -37.06 39.56 -25.87
CA GLN D 176 -35.81 38.97 -25.43
C GLN D 176 -34.79 39.99 -24.95
N ARG D 177 -34.07 39.63 -23.90
CA ARG D 177 -33.02 40.48 -23.34
C ARG D 177 -31.99 40.75 -24.43
N SER D 178 -31.44 41.96 -24.42
CA SER D 178 -30.43 42.37 -25.40
C SER D 178 -29.20 42.92 -24.68
N ASP D 179 -29.35 44.11 -24.13
CA ASP D 179 -28.29 44.79 -23.40
C ASP D 179 -28.16 44.18 -22.01
N GLY D 180 -29.32 44.00 -21.39
CA GLY D 180 -29.38 43.52 -20.02
C GLY D 180 -29.75 44.74 -19.20
N LYS D 181 -29.92 45.86 -19.89
CA LYS D 181 -30.29 47.15 -19.31
C LYS D 181 -31.72 47.47 -19.79
N HIS D 182 -32.20 46.69 -20.75
CA HIS D 182 -33.53 46.85 -21.33
C HIS D 182 -34.31 45.55 -21.24
N ASP D 183 -34.53 45.07 -20.01
CA ASP D 183 -35.26 43.83 -19.77
C ASP D 183 -36.75 44.05 -19.59
N PHE D 184 -37.54 43.15 -20.15
CA PHE D 184 -38.99 43.22 -20.05
C PHE D 184 -39.46 42.13 -19.09
N ARG D 185 -39.45 42.41 -17.79
CA ARG D 185 -39.90 41.38 -16.86
C ARG D 185 -40.93 41.74 -15.79
N VAL D 186 -41.63 40.71 -15.33
CA VAL D 186 -42.63 40.84 -14.28
C VAL D 186 -41.87 40.56 -12.99
N TRP D 187 -41.97 41.51 -12.05
CA TRP D 187 -41.28 41.41 -10.78
C TRP D 187 -41.92 40.44 -9.79
N ASN D 188 -43.24 40.29 -9.89
CA ASN D 188 -43.99 39.41 -9.01
C ASN D 188 -43.55 37.96 -9.20
N ALA D 189 -43.49 37.20 -8.11
CA ALA D 189 -43.11 35.79 -8.17
C ALA D 189 -44.19 35.03 -8.93
N GLN D 190 -45.41 35.55 -8.85
CA GLN D 190 -46.57 34.99 -9.52
C GLN D 190 -47.48 36.17 -9.83
N LEU D 191 -48.27 36.05 -10.90
CA LEU D 191 -49.18 37.11 -11.28
C LEU D 191 -50.10 37.40 -10.11
N ILE D 192 -50.96 36.44 -9.80
CA ILE D 192 -51.87 36.59 -8.68
C ILE D 192 -51.15 36.04 -7.45
N ARG D 193 -51.15 36.82 -6.37
CA ARG D 193 -50.52 36.37 -5.13
C ARG D 193 -50.89 37.28 -3.97
N TYR D 194 -51.30 36.67 -2.86
CA TYR D 194 -51.70 37.43 -1.68
C TYR D 194 -50.54 38.13 -1.00
N ALA D 195 -50.85 39.24 -0.35
CA ALA D 195 -49.86 40.04 0.33
C ALA D 195 -49.55 39.59 1.73
N GLY D 196 -48.44 40.11 2.26
CA GLY D 196 -48.01 39.80 3.61
C GLY D 196 -47.52 41.08 4.25
N TYR D 197 -48.10 41.44 5.39
CA TYR D 197 -47.71 42.67 6.05
C TYR D 197 -47.12 42.38 7.43
N GLN D 198 -46.05 43.09 7.78
CA GLN D 198 -45.46 42.88 9.08
C GLN D 198 -46.19 43.82 10.04
N MET D 199 -47.10 43.26 10.82
CA MET D 199 -47.89 44.03 11.78
C MET D 199 -47.06 44.70 12.87
N PRO D 200 -47.60 45.77 13.48
CA PRO D 200 -46.96 46.55 14.56
C PRO D 200 -46.43 45.72 15.72
N ASP D 201 -47.12 44.64 16.06
CA ASP D 201 -46.68 43.79 17.16
C ASP D 201 -45.67 42.73 16.70
N GLY D 202 -45.11 42.91 15.50
CA GLY D 202 -44.15 41.96 14.97
C GLY D 202 -44.75 40.78 14.23
N SER D 203 -46.00 40.43 14.57
CA SER D 203 -46.68 39.31 13.93
C SER D 203 -46.85 39.57 12.44
N ILE D 204 -47.16 38.51 11.71
CA ILE D 204 -47.34 38.63 10.27
C ILE D 204 -48.80 38.39 9.91
N ARG D 205 -49.33 39.23 9.04
CA ARG D 205 -50.71 39.13 8.57
C ARG D 205 -50.65 38.78 7.10
N GLY D 206 -51.35 37.73 6.69
CA GLY D 206 -51.34 37.34 5.29
C GLY D 206 -50.26 36.33 4.99
N ASP D 207 -49.77 36.34 3.75
CA ASP D 207 -48.72 35.42 3.30
C ASP D 207 -47.33 35.96 3.63
N PRO D 208 -46.66 35.38 4.63
CA PRO D 208 -45.31 35.77 5.07
C PRO D 208 -44.25 35.72 3.98
N ALA D 209 -44.56 34.98 2.92
CA ALA D 209 -43.65 34.83 1.79
C ALA D 209 -43.78 35.96 0.78
N ASN D 210 -44.34 37.08 1.19
CA ASN D 210 -44.51 38.22 0.30
C ASN D 210 -44.28 39.53 1.02
N VAL D 211 -43.86 39.45 2.27
CA VAL D 211 -43.61 40.64 3.07
C VAL D 211 -42.64 41.59 2.38
N GLU D 212 -41.53 41.08 1.87
CA GLU D 212 -40.54 41.90 1.20
C GLU D 212 -41.09 42.50 -0.09
N PHE D 213 -41.83 41.70 -0.85
CA PHE D 213 -42.40 42.19 -2.10
C PHE D 213 -43.50 43.23 -1.89
N THR D 214 -44.34 43.02 -0.88
CA THR D 214 -45.43 43.96 -0.61
C THR D 214 -44.85 45.27 -0.10
N GLN D 215 -43.77 45.19 0.67
CA GLN D 215 -43.15 46.40 1.18
C GLN D 215 -42.68 47.21 -0.01
N LEU D 216 -42.25 46.51 -1.06
CA LEU D 216 -41.81 47.16 -2.28
C LEU D 216 -43.01 47.88 -2.90
N CYS D 217 -44.14 47.16 -2.98
CA CYS D 217 -45.37 47.74 -3.55
C CYS D 217 -45.79 48.98 -2.77
N ILE D 218 -45.63 48.92 -1.46
CA ILE D 218 -45.95 50.03 -0.57
C ILE D 218 -45.00 51.18 -0.88
N ASP D 219 -43.71 50.86 -1.07
CA ASP D 219 -42.69 51.86 -1.38
C ASP D 219 -43.00 52.52 -2.72
N LEU D 220 -43.72 51.79 -3.57
CA LEU D 220 -44.10 52.30 -4.88
C LEU D 220 -45.46 53.00 -4.82
N GLY D 221 -45.90 53.31 -3.59
CA GLY D 221 -47.16 54.00 -3.39
C GLY D 221 -48.44 53.18 -3.33
N TRP D 222 -48.32 51.87 -3.14
CA TRP D 222 -49.53 51.05 -3.07
C TRP D 222 -50.18 51.24 -1.71
N LYS D 223 -51.50 51.14 -1.69
CA LYS D 223 -52.31 51.32 -0.49
C LYS D 223 -52.46 50.00 0.27
N PRO D 224 -51.65 49.77 1.32
CA PRO D 224 -51.75 48.51 2.08
C PRO D 224 -53.13 48.41 2.70
N LYS D 225 -53.83 47.32 2.38
CA LYS D 225 -55.20 47.13 2.87
C LYS D 225 -55.32 46.30 4.14
N TYR D 226 -54.17 45.93 4.70
CA TYR D 226 -54.07 45.16 5.95
C TYR D 226 -55.06 44.00 6.17
N GLY D 227 -55.20 43.18 5.14
CA GLY D 227 -56.08 42.02 5.20
C GLY D 227 -55.26 40.76 4.95
N ARG D 228 -55.86 39.60 5.22
CA ARG D 228 -55.17 38.33 5.02
C ARG D 228 -54.99 37.98 3.56
N PHE D 229 -56.09 37.90 2.83
CA PHE D 229 -56.04 37.55 1.42
C PHE D 229 -56.19 38.75 0.47
N ASP D 230 -55.22 39.66 0.53
CA ASP D 230 -55.22 40.85 -0.30
C ASP D 230 -54.32 40.64 -1.51
N VAL D 231 -54.90 40.58 -2.71
CA VAL D 231 -54.10 40.38 -3.93
C VAL D 231 -53.15 41.52 -4.21
N VAL D 232 -51.86 41.20 -4.15
CA VAL D 232 -50.80 42.16 -4.40
C VAL D 232 -50.86 42.64 -5.87
N PRO D 233 -50.69 43.95 -6.10
CA PRO D 233 -50.72 44.54 -7.44
C PRO D 233 -49.58 44.08 -8.33
N LEU D 234 -49.85 44.07 -9.63
CA LEU D 234 -48.91 43.63 -10.64
C LEU D 234 -47.81 44.66 -10.93
N VAL D 235 -46.57 44.34 -10.54
CA VAL D 235 -45.43 45.22 -10.76
C VAL D 235 -44.68 44.86 -12.05
N LEU D 236 -45.00 45.55 -13.14
CA LEU D 236 -44.38 45.32 -14.46
C LEU D 236 -43.18 46.25 -14.73
N GLN D 237 -42.28 45.81 -15.63
CA GLN D 237 -41.08 46.60 -15.97
C GLN D 237 -40.74 46.47 -17.46
N ALA D 238 -40.98 47.53 -18.22
CA ALA D 238 -40.71 47.53 -19.66
C ALA D 238 -39.40 48.20 -20.04
N ASN D 239 -38.72 47.60 -21.02
CA ASN D 239 -37.45 48.10 -21.54
C ASN D 239 -36.50 48.59 -20.45
N GLY D 240 -36.35 47.79 -19.40
CA GLY D 240 -35.45 48.13 -18.32
C GLY D 240 -35.72 49.43 -17.59
N ARG D 241 -36.87 50.05 -17.86
CA ARG D 241 -37.24 51.30 -17.22
C ARG D 241 -37.58 50.99 -15.76
N ASP D 242 -38.29 51.92 -15.12
CA ASP D 242 -38.72 51.67 -13.75
C ASP D 242 -40.06 50.98 -13.82
N PRO D 243 -40.33 50.10 -12.86
CA PRO D 243 -41.61 49.37 -12.80
C PRO D 243 -42.82 50.28 -12.67
N GLU D 244 -43.97 49.78 -13.08
CA GLU D 244 -45.21 50.55 -13.03
C GLU D 244 -46.31 49.68 -12.41
N LEU D 245 -47.02 50.21 -11.42
CA LEU D 245 -48.09 49.48 -10.76
C LEU D 245 -49.36 49.32 -11.57
N PHE D 246 -50.00 48.17 -11.42
CA PHE D 246 -51.25 47.86 -12.10
C PHE D 246 -52.01 46.89 -11.24
N GLU D 247 -53.23 47.28 -10.84
CA GLU D 247 -54.05 46.42 -10.00
C GLU D 247 -54.90 45.52 -10.90
N ILE D 248 -54.59 44.22 -10.88
CA ILE D 248 -55.34 43.26 -11.70
C ILE D 248 -56.82 43.30 -11.32
N PRO D 249 -57.70 43.51 -12.31
CA PRO D 249 -59.16 43.58 -12.14
C PRO D 249 -59.70 42.41 -11.33
N PRO D 250 -60.44 42.70 -10.25
CA PRO D 250 -61.06 41.74 -9.34
C PRO D 250 -61.90 40.65 -10.01
N ASP D 251 -62.51 41.00 -11.14
CA ASP D 251 -63.35 40.06 -11.88
C ASP D 251 -62.52 38.98 -12.57
N LEU D 252 -61.23 39.26 -12.77
CA LEU D 252 -60.30 38.33 -13.38
C LEU D 252 -59.68 37.36 -12.38
N VAL D 253 -59.59 37.80 -11.13
CA VAL D 253 -59.04 37.00 -10.04
C VAL D 253 -60.06 36.01 -9.50
N LEU D 254 -59.95 34.75 -9.94
CA LEU D 254 -60.86 33.70 -9.51
C LEU D 254 -60.38 33.06 -8.21
N GLU D 255 -61.25 33.06 -7.20
CA GLU D 255 -60.92 32.49 -5.90
C GLU D 255 -61.88 31.37 -5.50
N VAL D 256 -61.36 30.45 -4.68
CA VAL D 256 -62.16 29.33 -4.18
C VAL D 256 -62.19 29.40 -2.66
N ALA D 257 -63.40 29.41 -2.12
CA ALA D 257 -63.58 29.46 -0.68
C ALA D 257 -63.40 28.06 -0.12
N MET D 258 -62.60 27.95 0.94
CA MET D 258 -62.32 26.67 1.56
C MET D 258 -63.37 26.22 2.57
N GLU D 259 -63.88 25.01 2.33
CA GLU D 259 -64.89 24.38 3.19
C GLU D 259 -64.71 22.87 3.16
N HIS D 260 -64.97 22.21 4.29
CA HIS D 260 -64.81 20.77 4.43
C HIS D 260 -66.12 20.00 4.20
N PRO D 261 -66.05 18.85 3.49
CA PRO D 261 -67.20 18.00 3.19
C PRO D 261 -67.88 17.36 4.40
N LYS D 262 -67.24 17.44 5.58
CA LYS D 262 -67.81 16.88 6.79
C LYS D 262 -67.56 17.75 8.01
N TYR D 263 -66.65 18.71 7.88
CA TYR D 263 -66.36 19.64 8.98
C TYR D 263 -66.97 21.00 8.71
N GLU D 264 -68.18 21.17 9.21
CA GLU D 264 -68.95 22.39 9.08
C GLU D 264 -68.18 23.60 9.61
N TRP D 265 -67.47 23.43 10.73
CA TRP D 265 -66.68 24.49 11.35
C TRP D 265 -65.54 25.03 10.50
N PHE D 266 -65.22 24.32 9.40
CA PHE D 266 -64.12 24.73 8.54
C PHE D 266 -64.37 26.09 7.91
N ARG D 267 -65.63 26.39 7.62
CA ARG D 267 -65.98 27.67 7.03
C ARG D 267 -65.65 28.83 7.98
N GLU D 268 -65.71 28.55 9.28
CA GLU D 268 -65.42 29.56 10.29
C GLU D 268 -63.96 30.02 10.22
N LEU D 269 -63.12 29.22 9.57
CA LEU D 269 -61.70 29.54 9.40
C LEU D 269 -61.53 30.69 8.41
N GLU D 270 -62.53 30.84 7.54
CA GLU D 270 -62.56 31.89 6.52
C GLU D 270 -61.36 31.84 5.61
N LEU D 271 -61.01 30.65 5.16
CA LEU D 271 -59.89 30.50 4.26
C LEU D 271 -60.36 30.41 2.83
N LYS D 272 -59.46 30.73 1.92
CA LYS D 272 -59.71 30.68 0.48
C LYS D 272 -58.37 30.80 -0.22
N TRP D 273 -58.36 30.53 -1.52
CA TRP D 273 -57.13 30.62 -2.30
C TRP D 273 -57.47 30.88 -3.77
N TYR D 274 -56.54 31.51 -4.49
CA TYR D 274 -56.75 31.80 -5.91
C TYR D 274 -56.58 30.52 -6.72
N ALA D 275 -57.28 30.46 -7.85
CA ALA D 275 -57.26 29.29 -8.71
C ALA D 275 -56.12 29.20 -9.71
N LEU D 276 -55.49 30.32 -10.01
CA LEU D 276 -54.44 30.35 -11.02
C LEU D 276 -52.97 30.39 -10.60
N PRO D 277 -52.24 29.28 -10.76
CA PRO D 277 -50.81 29.22 -10.40
C PRO D 277 -49.93 29.66 -11.57
N ALA D 278 -49.54 30.92 -11.58
CA ALA D 278 -48.73 31.48 -12.65
C ALA D 278 -47.40 32.10 -12.24
N VAL D 279 -46.31 31.37 -12.51
CA VAL D 279 -44.97 31.84 -12.18
C VAL D 279 -44.56 32.93 -13.20
N ALA D 280 -44.10 34.08 -12.70
CA ALA D 280 -43.73 35.20 -13.56
C ALA D 280 -42.26 35.62 -13.54
N ASN D 281 -41.59 35.35 -12.42
CA ASN D 281 -40.20 35.71 -12.19
C ASN D 281 -39.08 34.89 -12.86
N MET D 282 -39.43 33.84 -13.59
CA MET D 282 -38.38 33.02 -14.23
C MET D 282 -37.93 33.45 -15.62
N LEU D 283 -36.83 32.85 -16.07
CA LEU D 283 -36.21 33.16 -17.36
C LEU D 283 -36.08 31.96 -18.30
N LEU D 284 -36.65 32.09 -19.49
CA LEU D 284 -36.59 31.05 -20.54
C LEU D 284 -35.29 31.22 -21.36
N GLU D 285 -34.52 30.14 -21.49
CA GLU D 285 -33.27 30.23 -22.25
C GLU D 285 -33.30 29.35 -23.49
N VAL D 286 -33.53 29.98 -24.64
CA VAL D 286 -33.58 29.27 -25.91
C VAL D 286 -32.28 29.46 -26.69
N GLY D 287 -31.51 28.38 -26.79
CA GLY D 287 -30.23 28.43 -27.50
C GLY D 287 -29.48 29.75 -27.46
N GLY D 288 -28.95 30.09 -26.29
CA GLY D 288 -28.21 31.34 -26.13
C GLY D 288 -29.04 32.56 -25.75
N LEU D 289 -30.26 32.66 -26.30
CA LEU D 289 -31.16 33.79 -26.02
C LEU D 289 -31.65 33.79 -24.57
N GLU D 290 -32.22 34.92 -24.13
CA GLU D 290 -32.73 35.04 -22.77
C GLU D 290 -34.02 35.86 -22.73
N PHE D 291 -35.03 35.34 -22.03
CA PHE D 291 -36.33 36.01 -21.89
C PHE D 291 -36.69 36.15 -20.41
N PRO D 292 -36.26 37.26 -19.78
CA PRO D 292 -36.53 37.53 -18.37
C PRO D 292 -38.03 37.63 -18.09
N GLY D 293 -38.78 37.97 -19.12
CA GLY D 293 -40.22 38.08 -18.98
C GLY D 293 -40.84 36.94 -19.73
N CYS D 294 -41.31 35.94 -19.00
CA CYS D 294 -41.95 34.77 -19.61
C CYS D 294 -42.92 34.09 -18.66
N PRO D 295 -43.98 34.82 -18.22
CA PRO D 295 -45.01 34.29 -17.31
C PRO D 295 -45.75 33.10 -17.88
N PHE D 296 -45.71 31.99 -17.14
CA PHE D 296 -46.38 30.75 -17.54
C PHE D 296 -47.27 30.24 -16.41
N ASN D 297 -48.25 29.40 -16.76
CA ASN D 297 -49.15 28.86 -15.76
C ASN D 297 -49.64 27.47 -16.12
N GLY D 298 -50.23 26.81 -15.12
CA GLY D 298 -50.81 25.49 -15.28
C GLY D 298 -51.92 25.47 -14.25
N TRP D 299 -52.37 24.29 -13.83
CA TRP D 299 -53.40 24.21 -12.80
C TRP D 299 -52.78 23.71 -11.49
N TYR D 300 -53.46 23.98 -10.40
CA TYR D 300 -52.99 23.58 -9.09
C TYR D 300 -53.04 22.10 -8.74
N MET D 301 -52.09 21.69 -7.91
CA MET D 301 -52.03 20.34 -7.38
C MET D 301 -52.34 20.52 -5.90
N GLY D 302 -53.42 19.89 -5.44
CA GLY D 302 -53.87 20.00 -4.06
C GLY D 302 -52.85 20.31 -2.96
N THR D 303 -51.82 19.49 -2.86
CA THR D 303 -50.80 19.66 -1.84
C THR D 303 -50.16 21.03 -1.84
N GLU D 304 -49.94 21.58 -3.03
CA GLU D 304 -49.33 22.89 -3.18
C GLU D 304 -50.01 23.92 -2.28
N ILE D 305 -51.32 23.80 -2.14
CA ILE D 305 -52.10 24.72 -1.33
C ILE D 305 -52.33 24.21 0.08
N GLY D 306 -52.95 23.03 0.16
CA GLY D 306 -53.28 22.43 1.44
C GLY D 306 -52.13 22.12 2.37
N VAL D 307 -51.03 21.63 1.80
CA VAL D 307 -49.87 21.28 2.59
C VAL D 307 -48.89 22.44 2.75
N ARG D 308 -48.48 23.02 1.63
CA ARG D 308 -47.49 24.09 1.65
C ARG D 308 -48.00 25.50 1.99
N ASP D 309 -48.90 26.03 1.18
CA ASP D 309 -49.42 27.37 1.40
C ASP D 309 -50.13 27.53 2.76
N PHE D 310 -50.91 26.51 3.15
CA PHE D 310 -51.66 26.53 4.40
C PHE D 310 -50.98 26.02 5.68
N CYS D 311 -50.15 24.97 5.58
CA CYS D 311 -49.50 24.39 6.77
C CYS D 311 -48.04 24.71 7.07
N ASP D 312 -47.32 25.27 6.11
CA ASP D 312 -45.91 25.62 6.32
C ASP D 312 -45.76 26.68 7.39
N VAL D 313 -44.74 26.53 8.23
CA VAL D 313 -44.48 27.49 9.31
C VAL D 313 -44.12 28.89 8.79
N GLN D 314 -43.52 28.94 7.61
CA GLN D 314 -43.13 30.20 6.98
C GLN D 314 -44.23 30.74 6.04
N ARG D 315 -45.43 30.16 6.14
CA ARG D 315 -46.59 30.57 5.33
C ARG D 315 -47.81 30.82 6.23
N TYR D 316 -49.01 30.42 5.80
CA TYR D 316 -50.21 30.66 6.60
C TYR D 316 -50.31 29.97 7.95
N ASN D 317 -49.62 28.83 8.08
CA ASN D 317 -49.54 28.07 9.33
C ASN D 317 -50.85 27.91 10.12
N ILE D 318 -51.81 27.23 9.51
CA ILE D 318 -53.12 27.01 10.13
C ILE D 318 -53.20 25.67 10.83
N LEU D 319 -52.16 24.84 10.66
CA LEU D 319 -52.14 23.50 11.21
C LEU D 319 -52.65 23.38 12.65
N GLU D 320 -52.03 24.10 13.58
CA GLU D 320 -52.47 24.01 14.96
C GLU D 320 -53.96 24.32 15.15
N GLU D 321 -54.42 25.42 14.55
CA GLU D 321 -55.83 25.79 14.66
C GLU D 321 -56.75 24.62 14.30
N VAL D 322 -56.56 24.07 13.11
CA VAL D 322 -57.37 22.95 12.65
C VAL D 322 -57.28 21.75 13.59
N GLY D 323 -56.10 21.54 14.15
CA GLY D 323 -55.90 20.43 15.07
C GLY D 323 -56.73 20.59 16.33
N ARG D 324 -56.77 21.81 16.86
CA ARG D 324 -57.54 22.10 18.07
C ARG D 324 -59.01 21.96 17.72
N ARG D 325 -59.40 22.52 16.58
CA ARG D 325 -60.78 22.48 16.12
C ARG D 325 -61.26 21.04 15.99
N MET D 326 -60.36 20.15 15.56
CA MET D 326 -60.70 18.74 15.42
C MET D 326 -60.68 18.01 16.76
N GLY D 327 -60.32 18.73 17.82
CA GLY D 327 -60.28 18.13 19.14
C GLY D 327 -59.24 17.03 19.29
N LEU D 328 -58.10 17.21 18.62
CA LEU D 328 -57.00 16.24 18.67
C LEU D 328 -56.05 16.55 19.82
N GLU D 329 -55.18 15.61 20.14
CA GLU D 329 -54.21 15.81 21.21
C GLU D 329 -53.08 16.63 20.61
N THR D 330 -53.26 17.96 20.55
CA THR D 330 -52.26 18.82 19.94
C THR D 330 -50.97 18.99 20.75
N HIS D 331 -50.94 18.42 21.95
CA HIS D 331 -49.77 18.52 22.81
C HIS D 331 -48.93 17.24 22.85
N LYS D 332 -49.40 16.22 22.14
CA LYS D 332 -48.70 14.94 22.08
C LYS D 332 -48.46 14.63 20.60
N LEU D 333 -47.23 14.85 20.14
CA LEU D 333 -46.87 14.60 18.75
C LEU D 333 -47.14 13.18 18.28
N ALA D 334 -46.89 12.22 19.15
CA ALA D 334 -47.08 10.80 18.84
C ALA D 334 -48.52 10.42 18.54
N SER D 335 -49.44 11.35 18.75
CA SER D 335 -50.84 11.11 18.48
C SER D 335 -51.08 11.26 16.99
N LEU D 336 -50.05 11.75 16.29
CA LEU D 336 -50.05 11.99 14.84
C LEU D 336 -51.13 12.97 14.44
N TRP D 337 -51.41 13.91 15.33
CA TRP D 337 -52.44 14.92 15.11
C TRP D 337 -52.10 15.77 13.90
N LYS D 338 -50.83 16.14 13.76
CA LYS D 338 -50.39 16.96 12.65
C LYS D 338 -50.75 16.25 11.34
N ASP D 339 -50.61 14.92 11.34
CA ASP D 339 -50.89 14.13 10.15
C ASP D 339 -52.36 14.06 9.80
N GLN D 340 -53.22 13.94 10.80
CA GLN D 340 -54.65 13.87 10.55
C GLN D 340 -55.18 15.21 10.07
N ALA D 341 -54.63 16.29 10.63
CA ALA D 341 -55.06 17.63 10.24
C ALA D 341 -54.69 17.91 8.78
N VAL D 342 -53.45 17.61 8.40
CA VAL D 342 -52.98 17.83 7.03
C VAL D 342 -53.90 17.18 6.03
N VAL D 343 -54.24 15.92 6.28
CA VAL D 343 -55.11 15.18 5.38
C VAL D 343 -56.45 15.88 5.21
N GLU D 344 -57.07 16.24 6.33
CA GLU D 344 -58.37 16.90 6.29
C GLU D 344 -58.30 18.24 5.55
N ILE D 345 -57.23 18.99 5.76
CA ILE D 345 -57.05 20.28 5.12
C ILE D 345 -56.93 20.11 3.61
N ASN D 346 -56.26 19.04 3.18
CA ASN D 346 -56.09 18.80 1.77
C ASN D 346 -57.33 18.26 1.10
N ILE D 347 -58.19 17.64 1.90
CA ILE D 347 -59.44 17.13 1.37
C ILE D 347 -60.30 18.36 1.14
N ALA D 348 -60.30 19.26 2.11
CA ALA D 348 -61.06 20.49 2.05
C ALA D 348 -60.73 21.25 0.76
N VAL D 349 -59.45 21.27 0.42
CA VAL D 349 -59.01 21.96 -0.78
C VAL D 349 -59.53 21.29 -2.05
N LEU D 350 -59.28 20.00 -2.20
CA LEU D 350 -59.74 19.26 -3.39
C LEU D 350 -61.25 19.33 -3.53
N HIS D 351 -61.93 19.27 -2.39
CA HIS D 351 -63.38 19.31 -2.35
C HIS D 351 -63.91 20.67 -2.76
N SER D 352 -63.29 21.72 -2.25
CA SER D 352 -63.71 23.09 -2.56
C SER D 352 -63.60 23.39 -4.04
N PHE D 353 -62.54 22.92 -4.68
CA PHE D 353 -62.36 23.15 -6.11
C PHE D 353 -63.38 22.41 -6.94
N GLN D 354 -63.65 21.16 -6.58
CA GLN D 354 -64.63 20.37 -7.32
C GLN D 354 -66.00 21.05 -7.19
N LYS D 355 -66.28 21.56 -5.99
CA LYS D 355 -67.53 22.23 -5.70
C LYS D 355 -67.64 23.53 -6.51
N GLN D 356 -66.57 24.32 -6.51
CA GLN D 356 -66.54 25.58 -7.26
C GLN D 356 -66.16 25.32 -8.71
N ASN D 357 -66.17 24.04 -9.10
CA ASN D 357 -65.85 23.59 -10.45
C ASN D 357 -64.51 24.04 -11.00
N VAL D 358 -63.58 24.35 -10.12
CA VAL D 358 -62.27 24.77 -10.55
C VAL D 358 -61.35 23.56 -10.72
N THR D 359 -60.52 23.62 -11.75
CA THR D 359 -59.60 22.55 -12.06
C THR D 359 -58.45 22.43 -11.05
N ILE D 360 -58.27 21.22 -10.56
CA ILE D 360 -57.21 20.92 -9.61
C ILE D 360 -56.90 19.44 -9.71
N MET D 361 -55.69 19.06 -9.32
CA MET D 361 -55.27 17.67 -9.39
C MET D 361 -54.59 17.21 -8.11
N ASP D 362 -55.06 16.11 -7.55
CA ASP D 362 -54.48 15.57 -6.32
C ASP D 362 -53.11 14.98 -6.62
N HIS D 363 -52.26 14.92 -5.60
CA HIS D 363 -50.91 14.40 -5.75
C HIS D 363 -50.75 12.95 -6.18
N HIS D 364 -51.76 12.12 -5.95
CA HIS D 364 -51.68 10.71 -6.34
C HIS D 364 -51.81 10.57 -7.85
N SER D 365 -52.80 11.25 -8.42
CA SER D 365 -53.05 11.23 -9.85
C SER D 365 -51.90 11.87 -10.60
N ALA D 366 -51.40 12.97 -10.02
CA ALA D 366 -50.30 13.70 -10.59
C ALA D 366 -49.08 12.80 -10.71
N ALA D 367 -48.72 12.15 -9.61
CA ALA D 367 -47.57 11.25 -9.60
C ALA D 367 -47.70 10.09 -10.58
N GLU D 368 -48.92 9.55 -10.70
CA GLU D 368 -49.14 8.44 -11.63
C GLU D 368 -49.02 8.86 -13.08
N SER D 369 -49.46 10.07 -13.39
CA SER D 369 -49.39 10.60 -14.75
C SER D 369 -47.92 10.82 -15.10
N PHE D 370 -47.16 11.38 -14.16
CA PHE D 370 -45.74 11.62 -14.35
C PHE D 370 -45.01 10.31 -14.56
N MET D 371 -45.53 9.23 -13.97
CA MET D 371 -44.92 7.92 -14.11
C MET D 371 -44.97 7.50 -15.58
N LYS D 372 -46.09 7.82 -16.23
CA LYS D 372 -46.27 7.51 -17.64
C LYS D 372 -45.40 8.40 -18.52
N TYR D 373 -45.37 9.70 -18.20
CA TYR D 373 -44.55 10.66 -18.95
C TYR D 373 -43.08 10.27 -18.92
N MET D 374 -42.58 9.91 -17.74
CA MET D 374 -41.18 9.54 -17.57
C MET D 374 -40.79 8.37 -18.47
N GLN D 375 -41.69 7.40 -18.56
CA GLN D 375 -41.44 6.23 -19.40
C GLN D 375 -41.43 6.61 -20.88
N ASN D 376 -42.34 7.52 -21.26
CA ASN D 376 -42.43 7.99 -22.64
C ASN D 376 -41.16 8.72 -23.05
N GLU D 377 -40.59 9.46 -22.11
CA GLU D 377 -39.37 10.22 -22.36
C GLU D 377 -38.17 9.31 -22.58
N TYR D 378 -38.14 8.17 -21.90
CA TYR D 378 -37.05 7.23 -22.05
C TYR D 378 -37.20 6.42 -23.35
N ARG D 379 -38.44 6.31 -23.84
CA ARG D 379 -38.69 5.61 -25.10
C ARG D 379 -38.30 6.55 -26.22
N SER D 380 -38.65 7.82 -26.04
CA SER D 380 -38.39 8.88 -27.00
C SER D 380 -36.92 9.30 -27.11
N ARG D 381 -36.46 10.13 -26.18
CA ARG D 381 -35.09 10.62 -26.19
C ARG D 381 -34.09 9.96 -25.24
N GLY D 382 -34.44 8.80 -24.68
CA GLY D 382 -33.55 8.10 -23.77
C GLY D 382 -33.03 8.93 -22.60
N GLY D 383 -33.95 9.62 -21.94
CA GLY D 383 -33.58 10.45 -20.82
C GLY D 383 -34.75 11.33 -20.39
N CYS D 384 -34.64 11.88 -19.18
CA CYS D 384 -35.67 12.74 -18.62
C CYS D 384 -35.17 13.28 -17.30
N PRO D 385 -34.68 14.54 -17.31
CA PRO D 385 -34.17 15.16 -16.08
C PRO D 385 -35.25 15.17 -15.01
N ALA D 386 -34.87 14.85 -13.78
CA ALA D 386 -35.84 14.79 -12.68
C ALA D 386 -35.20 14.99 -11.32
N ASP D 387 -35.69 16.02 -10.61
CA ASP D 387 -35.23 16.36 -9.27
C ASP D 387 -36.18 15.67 -8.29
N TRP D 388 -35.77 14.50 -7.80
CA TRP D 388 -36.57 13.72 -6.87
C TRP D 388 -37.09 14.59 -5.71
N ILE D 389 -36.18 15.34 -5.10
CA ILE D 389 -36.49 16.22 -3.96
C ILE D 389 -37.72 17.11 -4.18
N TRP D 390 -37.89 17.57 -5.42
CA TRP D 390 -39.00 18.43 -5.78
C TRP D 390 -40.21 17.69 -6.31
N LEU D 391 -39.96 16.56 -6.97
CA LEU D 391 -41.03 15.77 -7.55
C LEU D 391 -41.93 15.05 -6.55
N VAL D 392 -41.32 14.47 -5.52
CA VAL D 392 -42.06 13.74 -4.49
C VAL D 392 -42.95 14.69 -3.69
N PRO D 393 -44.28 14.45 -3.69
CA PRO D 393 -45.24 15.29 -2.95
C PRO D 393 -44.82 15.39 -1.47
N PRO D 394 -45.06 16.56 -0.86
CA PRO D 394 -44.72 16.85 0.54
C PRO D 394 -45.63 16.19 1.57
N MET D 395 -46.35 15.17 1.12
CA MET D 395 -47.30 14.47 1.99
C MET D 395 -47.50 13.06 1.47
N SER D 396 -47.42 12.08 2.36
CA SER D 396 -47.58 10.67 1.99
C SER D 396 -46.74 10.36 0.76
N GLY D 397 -45.45 10.67 0.87
CA GLY D 397 -44.52 10.47 -0.23
C GLY D 397 -44.35 9.07 -0.79
N SER D 398 -44.06 8.09 0.07
CA SER D 398 -43.86 6.73 -0.41
C SER D 398 -45.14 6.02 -0.83
N ILE D 399 -46.26 6.71 -0.70
CA ILE D 399 -47.53 6.13 -1.12
C ILE D 399 -47.66 6.37 -2.62
N THR D 400 -46.86 7.31 -3.12
CA THR D 400 -46.81 7.68 -4.54
C THR D 400 -45.59 7.02 -5.21
N PRO D 401 -45.73 6.65 -6.50
CA PRO D 401 -44.67 5.99 -7.29
C PRO D 401 -43.35 6.72 -7.44
N VAL D 402 -43.39 8.05 -7.54
CA VAL D 402 -42.17 8.84 -7.71
C VAL D 402 -41.12 8.67 -6.59
N PHE D 403 -41.60 8.39 -5.37
CA PHE D 403 -40.72 8.20 -4.22
C PHE D 403 -39.79 7.03 -4.47
N HIS D 404 -40.34 5.98 -5.07
CA HIS D 404 -39.60 4.76 -5.37
C HIS D 404 -38.82 4.77 -6.68
N GLN D 405 -38.98 5.84 -7.45
CA GLN D 405 -38.30 5.96 -8.73
C GLN D 405 -36.92 6.60 -8.63
N GLU D 406 -35.87 5.86 -8.96
CA GLU D 406 -34.52 6.42 -8.96
C GLU D 406 -34.48 7.36 -10.17
N MET D 407 -33.81 8.51 -10.04
CA MET D 407 -33.76 9.46 -11.14
C MET D 407 -32.51 10.33 -11.22
N LEU D 408 -32.33 10.94 -12.40
CA LEU D 408 -31.19 11.80 -12.70
C LEU D 408 -31.63 13.24 -12.95
N ASN D 409 -30.87 14.18 -12.40
CA ASN D 409 -31.18 15.59 -12.58
C ASN D 409 -30.05 16.28 -13.35
N TYR D 410 -30.41 16.96 -14.44
CA TYR D 410 -29.47 17.67 -15.28
C TYR D 410 -30.15 18.78 -16.10
N VAL D 411 -29.41 19.85 -16.37
CA VAL D 411 -29.94 21.00 -17.13
C VAL D 411 -29.74 20.88 -18.64
N LEU D 412 -30.84 21.00 -19.38
CA LEU D 412 -30.79 20.94 -20.84
C LEU D 412 -31.02 22.33 -21.46
N SER D 413 -31.33 22.39 -22.74
CA SER D 413 -31.57 23.68 -23.41
C SER D 413 -32.56 23.49 -24.56
N PRO D 414 -33.63 24.30 -24.62
CA PRO D 414 -34.02 25.37 -23.68
C PRO D 414 -34.26 24.91 -22.23
N PHE D 415 -34.36 25.87 -21.32
CA PHE D 415 -34.55 25.56 -19.90
C PHE D 415 -35.01 26.80 -19.12
N TYR D 416 -35.85 26.57 -18.11
CA TYR D 416 -36.34 27.66 -17.27
C TYR D 416 -35.44 27.88 -16.07
N TYR D 417 -34.71 28.98 -16.11
CA TYR D 417 -33.79 29.36 -15.04
C TYR D 417 -34.45 30.33 -14.08
N TYR D 418 -34.01 30.29 -12.84
CA TYR D 418 -34.50 31.22 -11.82
C TYR D 418 -33.79 32.53 -12.12
N GLN D 419 -34.16 33.59 -11.40
CA GLN D 419 -33.53 34.88 -11.61
C GLN D 419 -33.41 35.59 -10.28
N VAL D 420 -32.44 36.49 -10.19
CA VAL D 420 -32.27 37.26 -8.97
C VAL D 420 -33.33 38.35 -9.07
N GLU D 421 -34.21 38.36 -8.07
CA GLU D 421 -35.32 39.32 -7.98
C GLU D 421 -34.91 40.72 -8.42
N ALA D 422 -35.67 41.26 -9.36
CA ALA D 422 -35.41 42.57 -9.93
C ALA D 422 -35.03 43.70 -8.97
N TRP D 423 -35.84 43.97 -7.95
CA TRP D 423 -35.54 45.04 -7.00
C TRP D 423 -34.20 44.90 -6.30
N LYS D 424 -33.78 43.65 -6.14
CA LYS D 424 -32.53 43.31 -5.47
C LYS D 424 -31.28 43.72 -6.27
N THR D 425 -31.45 44.00 -7.57
CA THR D 425 -30.31 44.38 -8.42
C THR D 425 -30.50 45.67 -9.22
N HIS D 426 -31.73 45.90 -9.66
CA HIS D 426 -32.10 47.07 -10.45
C HIS D 426 -31.68 48.43 -9.88
N VAL D 427 -31.18 49.28 -10.78
CA VAL D 427 -30.77 50.65 -10.44
C VAL D 427 -31.93 51.58 -10.78
N TRP D 428 -32.44 52.30 -9.78
CA TRP D 428 -33.59 53.19 -9.93
C TRP D 428 -33.44 54.48 -10.74
N GLN D 429 -34.15 54.54 -11.86
CA GLN D 429 -34.15 55.69 -12.77
C GLN D 429 -34.69 56.96 -12.13
S SO4 E . 58.32 -31.91 22.51
O1 SO4 E . 58.52 -32.22 23.96
O2 SO4 E . 57.28 -30.85 22.41
O3 SO4 E . 59.64 -31.44 21.97
O4 SO4 E . 57.91 -33.12 21.72
S SO4 F . 71.24 -16.63 12.18
O1 SO4 F . 70.66 -17.71 13.06
O2 SO4 F . 70.59 -16.74 10.83
O3 SO4 F . 70.94 -15.32 12.82
O4 SO4 F . 72.73 -16.75 12.04
S SO4 G . 55.73 -42.37 -7.39
O1 SO4 G . 56.54 -43.19 -6.44
O2 SO4 G . 55.32 -41.10 -6.71
O3 SO4 G . 56.56 -42.11 -8.59
O4 SO4 G . 54.48 -43.09 -7.84
ZN ZN H . 24.75 -15.87 0.34
CHA HEM I . 39.30 -28.47 1.48
CHB HEM I . 43.46 -28.51 -0.91
CHC HEM I . 42.70 -33.08 -1.94
CHD HEM I . 38.16 -32.69 -0.39
C1A HEM I . 40.54 -28.15 1.03
C2A HEM I . 41.28 -27.01 1.52
C3A HEM I . 42.41 -26.95 0.76
C4A HEM I . 42.39 -28.10 -0.13
CMA HEM I . 43.48 -25.86 0.81
CAA HEM I . 40.99 -26.18 2.76
CBA HEM I . 41.07 -26.95 4.08
CGA HEM I . 41.09 -26.04 5.31
O1A HEM I . 41.24 -24.81 5.14
O2A HEM I . 40.97 -26.55 6.44
C1B HEM I . 43.59 -29.74 -1.54
C2B HEM I . 44.80 -30.25 -2.16
C3B HEM I . 44.59 -31.54 -2.42
C4B HEM I . 43.25 -31.84 -1.96
CMB HEM I . 46.06 -29.49 -2.51
CAB HEM I . 45.52 -32.40 -2.96
CBB HEM I . 45.36 -33.00 -4.16
C1C HEM I . 41.41 -33.37 -1.56
C2C HEM I . 40.81 -34.68 -1.69
C3C HEM I . 39.51 -34.54 -1.30
C4C HEM I . 39.34 -33.17 -0.94
CMC HEM I . 41.51 -35.91 -2.23
CAC HEM I . 38.49 -35.47 -1.22
CBC HEM I . 38.36 -36.65 -1.88
C1D HEM I . 38.03 -31.44 0.15
C2D HEM I . 36.93 -31.06 1.02
C3D HEM I . 37.33 -29.97 1.66
C4D HEM I . 38.62 -29.60 1.12
CMD HEM I . 35.56 -31.70 1.13
CAD HEM I . 36.61 -29.33 2.82
CBD HEM I . 37.24 -29.61 4.17
CGD HEM I . 36.53 -28.91 5.31
O1D HEM I . 35.42 -28.40 5.07
O2D HEM I . 37.09 -28.84 6.42
NA HEM I . 41.25 -28.84 0.05
NB HEM I . 42.61 -30.72 -1.46
NC HEM I . 40.50 -32.43 -1.11
ND HEM I . 39.07 -30.52 0.18
FE HEM I . 40.82 -30.60 -0.74
N1 H4B J . 38.99 -20.74 4.64
C2 H4B J . 39.58 -21.95 4.77
N2 H4B J . 40.15 -22.56 3.75
N3 H4B J . 39.57 -22.55 5.98
C4 H4B J . 39.00 -22.00 7.14
O4 H4B J . 39.06 -22.67 8.19
C4A H4B J . 38.40 -20.74 6.93
C8A H4B J . 38.40 -20.11 5.70
N5 H4B J . 37.78 -20.10 8.07
N8 H4B J . 37.83 -18.91 5.50
C6 H4B J . 36.66 -19.18 7.64
C7 H4B J . 37.19 -18.21 6.60
C9 H4B J . 36.10 -18.54 8.91
O9 H4B J . 37.08 -17.82 9.63
C10 H4B J . 34.96 -17.56 8.61
C11 H4B J . 34.41 -16.98 9.86
O10 H4B J . 33.98 -18.33 7.90
N ARG K . 43.61 -27.65 6.85
CA ARG K . 43.95 -29.01 7.39
C ARG K . 45.26 -29.00 8.18
O ARG K . 45.93 -27.94 8.16
CB ARG K . 44.04 -30.04 6.24
CG ARG K . 42.74 -30.19 5.46
CD ARG K . 42.92 -31.04 4.22
NE ARG K . 43.79 -30.40 3.23
CZ ARG K . 44.25 -31.01 2.13
NH1 ARG K . 43.94 -32.27 1.86
NH2 ARG K . 45.04 -30.33 1.31
OXT ARG K . 45.60 -30.00 8.82
C1 GOL L . 27.04 -42.72 17.60
O1 GOL L . 28.37 -43.18 17.80
C2 GOL L . 27.02 -41.45 16.73
O2 GOL L . 26.34 -40.39 17.42
C3 GOL L . 26.31 -41.74 15.38
O3 GOL L . 27.24 -41.93 14.32
S SO4 M . 54.76 10.49 -16.22
O1 SO4 M . 56.25 10.56 -16.15
O2 SO4 M . 54.38 9.23 -16.95
O3 SO4 M . 54.24 10.50 -14.81
O4 SO4 M . 54.17 11.68 -16.93
S SO4 N . 69.90 -0.05 -1.89
O1 SO4 N . 69.22 0.68 -0.79
O2 SO4 N . 69.50 0.52 -3.23
O3 SO4 N . 71.35 0.14 -1.66
O4 SO4 N . 69.66 -1.55 -1.84
CHA HEM O . 34.59 0.81 1.62
CHB HEM O . 38.02 2.09 4.63
CHC HEM O . 35.59 6.04 5.53
CHD HEM O . 31.85 4.41 3.11
C1A HEM O . 35.80 0.91 2.25
C2A HEM O . 36.93 0.05 1.97
C3A HEM O . 37.84 0.36 2.88
C4A HEM O . 37.32 1.44 3.68
CMA HEM O . 39.20 -0.32 2.98
CAA HEM O . 37.18 -0.86 0.78
CBA HEM O . 37.75 -0.07 -0.39
CGA HEM O . 37.80 -0.88 -1.68
O1A HEM O . 37.37 -0.35 -2.73
O2A HEM O . 38.29 -2.03 -1.65
C1B HEM O . 37.58 3.22 5.25
C2B HEM O . 38.42 3.98 6.13
C3B HEM O . 37.76 5.13 6.35
C4B HEM O . 36.50 5.03 5.62
CMB HEM O . 39.72 3.55 6.80
CAB HEM O . 38.26 6.21 7.07
CBB HEM O . 37.74 6.66 8.23
C1C HEM O . 34.39 5.99 4.84
C2C HEM O . 33.41 7.07 4.83
C3C HEM O . 32.29 6.59 4.23
C4C HEM O . 32.66 5.23 3.83
CMC HEM O . 33.64 8.47 5.40
CAC HEM O . 31.03 7.16 4.02
CBC HEM O . 30.52 8.35 4.43
C1D HEM O . 32.26 3.22 2.57
C2D HEM O . 31.52 2.53 1.56
C3D HEM O . 32.31 1.55 1.08
C4D HEM O . 33.54 1.64 1.83
CMD HEM O . 30.14 2.92 1.02
CAD HEM O . 32.05 0.70 -0.16
CBD HEM O . 32.82 1.28 -1.36
CGD HEM O . 32.58 0.51 -2.65
O1D HEM O . 31.84 -0.48 -2.60
O2D HEM O . 33.14 0.89 -3.69
NA HEM O . 36.03 1.79 3.29
NB HEM O . 36.37 3.85 4.98
NC HEM O . 33.93 4.87 4.21
ND HEM O . 33.50 2.66 2.75
FE HEM O . 34.81 3.16 4.03
N1 H4B P . 37.24 -6.47 -1.23
C2 H4B P . 37.45 -5.14 -1.32
N2 H4B P . 37.59 -4.38 -0.25
N3 H4B P . 37.47 -4.57 -2.54
C4 H4B P . 37.34 -5.27 -3.75
O4 H4B P . 37.40 -4.63 -4.83
C4A H4B P . 37.16 -6.66 -3.58
C8A H4B P . 37.10 -7.26 -2.34
N5 H4B P . 36.98 -7.46 -4.78
N8 H4B P . 36.91 -8.58 -2.18
C6 H4B P . 36.16 -8.69 -4.51
C7 H4B P . 36.75 -9.44 -3.36
C9 H4B P . 36.10 -9.45 -5.85
O9 H4B P . 37.40 -9.81 -6.28
C10 H4B P . 35.28 -10.73 -5.74
C11 H4B P . 35.21 -11.44 -7.05
O10 H4B P . 34.00 -10.29 -5.31
N ARG Q . 39.77 1.47 -2.82
CA ARG Q . 39.66 2.83 -3.44
C ARG Q . 41.03 3.28 -3.97
O ARG Q . 42.04 2.58 -3.70
CB ARG Q . 39.14 3.84 -2.41
CG ARG Q . 37.77 3.48 -1.81
CD ARG Q . 37.46 4.30 -0.56
NE ARG Q . 38.42 4.06 0.52
CZ ARG Q . 38.52 4.80 1.63
NH1 ARG Q . 37.70 5.83 1.82
NH2 ARG Q . 39.46 4.53 2.52
OXT ARG Q . 41.08 4.30 -4.68
C1 GOL R . 21.53 10.47 -16.78
O1 GOL R . 22.81 11.08 -16.69
C2 GOL R . 21.53 9.11 -16.08
O2 GOL R . 21.04 8.08 -16.94
C3 GOL R . 20.69 9.18 -14.79
O3 GOL R . 21.44 9.74 -13.72
S SO4 S . -49.84 -16.56 10.25
O1 SO4 S . -48.74 -17.41 10.81
O2 SO4 S . -49.42 -16.12 8.88
O3 SO4 S . -51.09 -17.37 10.18
O4 SO4 S . -50.11 -15.35 11.11
S SO4 T . -65.40 -1.53 14.87
O1 SO4 T . -64.94 -2.74 14.14
O2 SO4 T . -64.21 -0.68 15.19
O3 SO4 T . -66.39 -0.82 13.99
O4 SO4 T . -66.13 -1.89 16.15
ZN ZN U . -25.81 15.42 -6.37
CHA HEM V . -30.68 4.62 8.90
CHB HEM V . -33.33 5.70 12.72
CHC HEM V . -29.85 3.94 15.40
CHD HEM V . -27.02 3.58 11.65
C1A HEM V . -31.72 4.97 9.70
C2A HEM V . -33.08 5.17 9.24
C3A HEM V . -33.80 5.53 10.30
C4A HEM V . -32.90 5.52 11.43
CMA HEM V . -35.27 5.87 10.29
CAA HEM V . -33.67 4.86 7.86
CBA HEM V . -34.14 3.41 7.83
CGA HEM V . -34.52 2.92 6.45
O1A HEM V . -35.34 3.59 5.76
O2A HEM V . -34.01 1.85 6.05
C1B HEM V . -32.56 5.41 13.82
C2B HEM V . -33.00 5.52 15.17
C3B HEM V . -32.03 4.99 15.96
C4B HEM V . -30.97 4.61 15.05
CMB HEM V . -34.21 6.28 15.64
CAB HEM V . -32.13 4.88 17.34
CBB HEM V . -31.19 5.17 18.28
C1C HEM V . -28.84 3.60 14.57
C2C HEM V . -27.61 3.00 15.05
C3C HEM V . -26.76 3.01 14.00
C4C HEM V . -27.51 3.55 12.91
CMC HEM V . -27.38 2.46 16.46
CAC HEM V . -25.42 2.66 13.89
CBC HEM V . -24.51 2.47 14.88
C1D HEM V . -27.77 3.89 10.58
C2D HEM V . -27.31 3.65 9.24
C3D HEM V . -28.36 3.85 8.51
C4D HEM V . -29.45 4.27 9.34
CMD HEM V . -25.94 3.20 8.77
CAD HEM V . -28.42 3.53 7.06
CBD HEM V . -29.17 2.22 6.81
CGD HEM V . -29.39 1.95 5.34
O1D HEM V . -28.70 2.61 4.52
O2D HEM V . -30.24 1.11 4.99
NA HEM V . -31.63 5.15 11.04
NB HEM V . -31.27 4.93 13.75
NC HEM V . -28.78 3.93 13.25
ND HEM V . -29.08 4.29 10.63
FE HEM V . -30.12 4.77 12.16
N1 H4B W . -35.61 6.90 2.37
C2 H4B W . -35.48 5.97 3.34
N2 H4B W . -35.33 6.29 4.62
N3 H4B W . -35.49 4.66 2.98
C4 H4B W . -35.65 4.20 1.66
O4 H4B W . -35.65 2.97 1.44
C4A H4B W . -35.80 5.24 0.71
C8A H4B W . -35.78 6.58 1.05
N5 H4B W . -35.96 4.86 -0.67
N8 H4B W . -35.90 7.57 0.15
C6 H4B W . -35.44 5.92 -1.61
C7 H4B W . -36.08 7.24 -1.26
C9 H4B W . -35.68 5.41 -3.03
O9 H4B W . -37.05 5.15 -3.28
C10 H4B W . -35.19 6.42 -4.06
C11 H4B W . -35.40 5.92 -5.45
O10 H4B W . -33.81 6.62 -3.76
N ARG X . -36.14 0.54 7.83
CA ARG X . -35.88 -0.80 8.43
C ARG X . -37.20 -1.52 8.70
O ARG X . -38.26 -0.96 8.34
CB ARG X . -35.05 -0.65 9.71
CG ARG X . -33.72 0.08 9.47
CD ARG X . -32.98 0.42 10.77
NE ARG X . -33.72 1.38 11.58
CZ ARG X . -33.31 1.81 12.78
NH1 ARG X . -32.17 1.37 13.31
NH2 ARG X . -34.08 2.64 13.47
OXT ARG X . -37.17 -2.64 9.25
C1 GOL Y . -18.27 -13.42 -0.97
O1 GOL Y . -19.66 -13.67 -0.91
C2 GOL Y . -17.65 -13.53 0.42
O2 GOL Y . -18.22 -14.65 1.12
C3 GOL Y . -17.88 -12.22 1.21
O3 GOL Y . -17.15 -12.20 2.43
S SO4 Z . -59.99 39.23 5.60
O1 SO4 Z . -60.01 37.76 5.29
O2 SO4 Z . -58.73 39.55 6.34
O3 SO4 Z . -60.05 39.97 4.30
O4 SO4 Z . -61.19 39.63 6.42
S SO4 AA . -69.60 19.83 12.54
O1 SO4 AA . -68.72 19.39 11.42
O2 SO4 AA . -69.45 21.32 12.71
O3 SO4 AA . -71.01 19.46 12.20
O4 SO4 AA . -69.26 19.14 13.85
CHA HEM BA . -42.87 23.21 -10.75
CHB HEM BA . -47.13 21.13 -11.20
CHC HEM BA . -47.65 23.16 -15.46
CHD HEM BA . -43.10 24.65 -15.28
C1A HEM BA . -44.06 22.63 -10.48
C2A HEM BA . -44.40 22.19 -9.14
C3A HEM BA . -45.56 21.51 -9.30
C4A HEM BA . -45.94 21.61 -10.69
CMA HEM BA . -46.32 20.76 -8.21
CAA HEM BA . -43.69 22.53 -7.82
CBA HEM BA . -43.99 23.97 -7.43
CGA HEM BA . -43.62 24.30 -6.00
O1A HEM BA . -43.34 25.49 -5.73
O2A HEM BA . -43.63 23.40 -5.14
C1B HEM BA . -47.60 21.36 -12.50
C2B HEM BA . -48.96 21.07 -12.94
C3B HEM BA . -49.11 21.71 -14.11
C4B HEM BA . -47.84 22.32 -14.42
CMB HEM BA . -50.01 20.20 -12.25
CAB HEM BA . -50.33 21.84 -14.74
CBB HEM BA . -50.58 21.62 -16.06
C1C HEM BA . -46.47 23.82 -15.71
C2C HEM BA . -46.28 24.65 -16.87
C3C HEM BA . -44.95 24.97 -16.90
C4C HEM BA . -44.38 24.38 -15.71
CMC HEM BA . -47.38 25.08 -17.85
CAC HEM BA . -44.17 25.63 -17.86
CBC HEM BA . -44.54 26.34 -18.97
C1D HEM BA . -42.62 24.31 -14.04
C2D HEM BA . -41.30 24.69 -13.55
C3D HEM BA . -41.30 24.38 -12.26
C4D HEM BA . -42.55 23.71 -11.99
CMD HEM BA . -40.09 25.27 -14.27
CAD HEM BA . -40.26 24.87 -11.27
CBD HEM BA . -40.96 26.01 -10.55
CGD HEM BA . -40.21 26.50 -9.33
O1D HEM BA . -39.02 26.17 -9.20
O2D HEM BA . -40.82 27.23 -8.51
NA HEM BA . -45.02 22.31 -11.41
NB HEM BA . -46.91 22.09 -13.44
NC HEM BA . -45.33 23.69 -14.99
ND HEM BA . -43.35 23.65 -13.09
FE HEM BA . -45.11 22.85 -13.27
N1 H4B CA . -40.37 20.51 -3.27
C2 H4B CA . -41.24 21.37 -3.84
N2 H4B CA . -42.12 20.97 -4.75
N3 H4B CA . -41.24 22.65 -3.45
C4 H4B CA . -40.37 23.21 -2.50
O4 H4B CA . -40.46 24.41 -2.22
C4A H4B CA . -39.48 22.25 -1.94
C8A H4B CA . -39.46 20.93 -2.33
N5 H4B CA . -38.54 22.73 -0.94
N8 H4B CA . -38.61 20.02 -1.81
C6 H4B CA . -37.27 21.89 -0.93
C7 H4B CA . -37.64 20.45 -0.79
C9 H4B CA . -36.39 22.49 0.18
O9 H4B CA . -37.03 22.47 1.45
C10 H4B CA . -35.08 21.71 0.29
C11 H4B CA . -34.20 22.29 1.34
O10 H4B CA . -34.49 21.75 -1.01
N ARG DA . -46.15 26.07 -5.55
CA ARG DA . -46.71 27.37 -6.03
C ARG DA . -47.85 27.86 -5.13
O ARG DA . -48.19 27.16 -4.16
CB ARG DA . -47.18 27.23 -7.47
CG ARG DA . -46.06 26.88 -8.45
CD ARG DA . -46.61 26.52 -9.83
NE ARG DA . -47.48 25.34 -9.78
CZ ARG DA . -48.22 24.92 -10.79
NH1 ARG DA . -48.22 25.57 -11.95
NH2 ARG DA . -49.01 23.87 -10.63
OXT ARG DA . -48.39 28.97 -5.38
C1 GOL EA . -32.86 43.18 -14.59
O1 GOL EA . -33.18 44.09 -15.64
C2 GOL EA . -33.10 43.80 -13.21
O2 GOL EA . -33.94 44.96 -13.35
C3 GOL EA . -31.77 44.23 -12.56
O3 GOL EA . -31.40 45.55 -12.90
#